data_6R5T
#
_entry.id   6R5T
#
_cell.length_a   70.978
_cell.length_b   73.588
_cell.length_c   81.124
_cell.angle_alpha   65.55
_cell.angle_beta   73.42
_cell.angle_gamma   69.68
#
_symmetry.space_group_name_H-M   'P 1'
#
loop_
_entity.id
_entity.type
_entity.pdbx_description
1 polymer 'Periplasmic beta-glucosidase'
2 branched beta-D-galactopyranose-(1-4)-beta-D-glucopyranose
3 non-polymer DI(HYDROXYETHYL)ETHER
4 non-polymer 'MAGNESIUM ION'
5 non-polymer 'TRIETHYLENE GLYCOL'
6 water water
#
_entity_poly.entity_id   1
_entity_poly.type   'polypeptide(L)'
_entity_poly.pdbx_seq_one_letter_code
;TDKERFIASLMARMSNAEKIGQLRLVSVGADHPKEALMADIRAGKVGAIFNTVTRPDIRAMQDQVRHSRLKIPLFHAYDV
AHGHRTIFPISLGLAASWDPEVVARSARISALEASADGLDMSFSPMVDITRDARWGRVSEGFGEDTYLTSLLSGVMVRAY
QGSNLAAPDSIMAAVKHFALYGAAEGGRDYNTVDMSLPRMFQDYLPPYKAAVDAGAGAVMVSLNTINGVPATANRWLLTD
LLRQQWGFKGLTISNHGAVKELIKHGLAGNERDATRLAIQAGVDMNMNDDLYSTWLPKLLAAGEIDQADIDRACRDVLAA
KYDLGLFADPYRRLGKPDDPPFDTNAESRLHRQAAREVAREGLVLLKNRDGLLPLKKQGRIAVIGPLAKSQRDVIGSWSA
AGVPRQAVTVYQGLANAVGERATLLYAKGANVSGDQAILDYLNSYNPEVEVDPRSAEAMLEEALRTARDADLVVAVVGES
QGMAHEASSRTDLRIPASQRRLLKALKATGKPLVLVLMNGRPLSLGWEQENADAILETWFSGTEGGNAIADVLFGEHNPS
GKLTMSFPRSVGQVPVYYNHLNTGRPMDHDNPGKYTSRYFDEANGPLYPFGYGLSYTEFSLSPLRLSSERLARGATLEAR
VTLSNSGKRAGATVVQLYLQDPVASLSRPVKELRGFRKVMLEPGESREIVFRLGEADLKFYDSQLRHTAEPGEFKVFVGL
DSAQTESRSFTLL
;
_entity_poly.pdbx_strand_id   B,A
#
# COMPACT_ATOMS: atom_id res chain seq x y z
N THR A 1 -24.79 31.82 -28.05
CA THR A 1 -26.11 31.39 -27.52
C THR A 1 -26.76 32.55 -26.76
N ASP A 2 -28.08 32.48 -26.58
CA ASP A 2 -28.81 33.29 -25.58
C ASP A 2 -28.13 33.17 -24.20
N LYS A 3 -27.64 31.97 -23.82
CA LYS A 3 -27.01 31.77 -22.48
C LYS A 3 -25.74 32.61 -22.37
N GLU A 4 -24.82 32.53 -23.35
CA GLU A 4 -23.55 33.27 -23.23
C GLU A 4 -23.83 34.78 -23.34
N ARG A 5 -24.85 35.23 -24.09
CA ARG A 5 -25.22 36.67 -24.16
C ARG A 5 -25.73 37.10 -22.79
N PHE A 6 -26.66 36.35 -22.21
CA PHE A 6 -27.29 36.63 -20.89
C PHE A 6 -26.15 36.77 -19.86
N ILE A 7 -25.22 35.82 -19.85
CA ILE A 7 -24.12 35.80 -18.84
C ILE A 7 -23.19 36.98 -19.07
N ALA A 8 -22.82 37.25 -20.31
CA ALA A 8 -21.89 38.37 -20.64
C ALA A 8 -22.58 39.70 -20.25
N SER A 9 -23.88 39.86 -20.48
CA SER A 9 -24.59 41.11 -20.17
C SER A 9 -24.60 41.27 -18.65
N LEU A 10 -24.91 40.19 -17.93
CA LEU A 10 -24.92 40.27 -16.45
C LEU A 10 -23.51 40.58 -15.94
N MET A 11 -22.47 39.90 -16.42
CA MET A 11 -21.10 40.15 -15.90
C MET A 11 -20.61 41.56 -16.23
N ALA A 12 -21.07 42.16 -17.33
CA ALA A 12 -20.70 43.55 -17.69
C ALA A 12 -21.28 44.51 -16.65
N ARG A 13 -22.27 44.10 -15.86
CA ARG A 13 -22.88 44.98 -14.84
C ARG A 13 -22.15 44.86 -13.50
N MET A 14 -21.32 43.83 -13.33
CA MET A 14 -20.86 43.43 -11.98
C MET A 14 -19.53 44.06 -11.65
N SER A 15 -19.43 44.58 -10.43
CA SER A 15 -18.16 44.99 -9.82
C SER A 15 -17.35 43.73 -9.54
N ASN A 16 -16.07 43.91 -9.31
CA ASN A 16 -15.28 42.74 -8.84
C ASN A 16 -15.78 42.25 -7.50
N ALA A 17 -16.26 43.12 -6.61
CA ALA A 17 -16.82 42.67 -5.33
C ALA A 17 -17.97 41.69 -5.60
N GLU A 18 -18.85 42.05 -6.53
CA GLU A 18 -20.02 41.23 -6.88
C GLU A 18 -19.57 39.91 -7.52
N LYS A 19 -18.62 39.96 -8.43
CA LYS A 19 -18.09 38.73 -9.07
C LYS A 19 -17.47 37.82 -8.00
N ILE A 20 -16.64 38.39 -7.13
CA ILE A 20 -15.99 37.57 -6.08
C ILE A 20 -17.05 37.03 -5.11
N GLY A 21 -18.12 37.78 -4.83
CA GLY A 21 -19.19 37.26 -3.95
C GLY A 21 -19.79 35.97 -4.50
N GLN A 22 -19.90 35.85 -5.80
CA GLN A 22 -20.48 34.65 -6.46
C GLN A 22 -19.65 33.40 -6.14
N LEU A 23 -18.40 33.58 -5.80
CA LEU A 23 -17.48 32.41 -5.63
C LEU A 23 -17.58 31.87 -4.20
N ARG A 24 -18.38 32.49 -3.35
CA ARG A 24 -18.39 32.14 -1.92
C ARG A 24 -19.50 31.15 -1.64
N LEU A 25 -19.10 29.95 -1.17
CA LEU A 25 -20.03 28.87 -0.80
C LEU A 25 -19.91 28.64 0.70
N VAL A 26 -20.99 28.82 1.44
CA VAL A 26 -20.93 28.78 2.92
C VAL A 26 -22.09 28.01 3.48
N SER A 27 -21.93 27.59 4.73
CA SER A 27 -22.99 26.92 5.52
C SER A 27 -23.21 27.72 6.80
N VAL A 28 -24.40 27.63 7.34
CA VAL A 28 -24.69 28.18 8.70
C VAL A 28 -23.90 27.35 9.70
N GLY A 29 -23.18 28.01 10.57
CA GLY A 29 -22.34 27.32 11.56
C GLY A 29 -21.69 28.32 12.51
N ALA A 30 -20.83 27.84 13.37
CA ALA A 30 -20.07 28.70 14.29
C ALA A 30 -19.29 29.74 13.49
N ASP A 31 -18.73 29.35 12.34
CA ASP A 31 -17.92 30.24 11.47
C ASP A 31 -18.80 31.27 10.75
N HIS A 32 -20.07 30.96 10.51
CA HIS A 32 -21.01 31.80 9.75
C HIS A 32 -22.37 31.74 10.43
N PRO A 33 -22.51 32.51 11.51
CA PRO A 33 -23.80 32.60 12.18
C PRO A 33 -24.88 33.06 11.23
N LYS A 34 -26.09 32.60 11.49
CA LYS A 34 -27.21 32.78 10.55
C LYS A 34 -27.42 34.26 10.23
N GLU A 35 -27.48 35.13 11.23
CA GLU A 35 -27.89 36.54 10.97
C GLU A 35 -26.78 37.21 10.13
N ALA A 36 -25.51 36.95 10.43
CA ALA A 36 -24.36 37.50 9.67
C ALA A 36 -24.44 37.00 8.23
N LEU A 37 -24.77 35.74 8.04
CA LEU A 37 -24.89 35.17 6.69
C LEU A 37 -26.02 35.86 5.93
N MET A 38 -27.17 36.05 6.56
CA MET A 38 -28.31 36.73 5.92
C MET A 38 -27.90 38.15 5.50
N ALA A 39 -27.14 38.87 6.32
CA ALA A 39 -26.70 40.24 5.99
C ALA A 39 -25.76 40.16 4.78
N ASP A 40 -24.91 39.14 4.74
CA ASP A 40 -23.97 39.00 3.61
C ASP A 40 -24.74 38.68 2.34
N ILE A 41 -25.79 37.88 2.39
CA ILE A 41 -26.62 37.61 1.19
C ILE A 41 -27.22 38.94 0.70
N ARG A 42 -27.73 39.75 1.62
CA ARG A 42 -28.40 41.02 1.22
C ARG A 42 -27.37 41.91 0.55
N ALA A 43 -26.09 41.80 0.91
CA ALA A 43 -24.97 42.63 0.40
C ALA A 43 -24.40 42.09 -0.92
N GLY A 44 -24.89 40.96 -1.43
CA GLY A 44 -24.35 40.35 -2.67
C GLY A 44 -23.05 39.60 -2.42
N LYS A 45 -22.73 39.22 -1.17
CA LYS A 45 -21.42 38.68 -0.81
C LYS A 45 -21.47 37.15 -0.69
N VAL A 46 -22.55 36.52 -1.09
CA VAL A 46 -22.67 35.02 -1.02
C VAL A 46 -23.12 34.49 -2.37
N GLY A 47 -22.50 33.41 -2.85
CA GLY A 47 -22.87 32.82 -4.12
C GLY A 47 -23.76 31.60 -3.94
N ALA A 48 -23.54 30.82 -2.87
CA ALA A 48 -24.30 29.60 -2.65
C ALA A 48 -24.16 29.13 -1.23
N ILE A 49 -25.10 28.27 -0.87
CA ILE A 49 -25.24 27.77 0.51
C ILE A 49 -25.14 26.27 0.41
N PHE A 50 -24.58 25.66 1.43
CA PHE A 50 -24.76 24.20 1.62
C PHE A 50 -25.26 23.94 3.05
N ASN A 51 -25.92 22.80 3.20
CA ASN A 51 -26.40 22.25 4.50
C ASN A 51 -27.64 22.98 5.02
N THR A 52 -28.32 23.80 4.21
CA THR A 52 -29.68 24.32 4.54
C THR A 52 -30.66 23.54 3.66
N VAL A 53 -31.62 22.80 4.24
CA VAL A 53 -32.23 21.68 3.47
C VAL A 53 -33.75 21.58 3.59
N THR A 54 -34.42 22.61 4.08
CA THR A 54 -35.90 22.58 4.14
C THR A 54 -36.45 23.78 3.37
N ARG A 55 -37.63 23.61 2.83
CA ARG A 55 -38.26 24.68 2.00
C ARG A 55 -38.31 26.00 2.76
N PRO A 56 -38.84 26.07 4.00
CA PRO A 56 -38.90 27.36 4.68
C PRO A 56 -37.53 28.01 4.89
N ASP A 57 -36.52 27.22 5.21
CA ASP A 57 -35.16 27.75 5.50
C ASP A 57 -34.48 28.21 4.21
N ILE A 58 -34.68 27.46 3.14
CA ILE A 58 -34.12 27.84 1.81
C ILE A 58 -34.86 29.08 1.29
N ARG A 59 -36.19 29.09 1.38
CA ARG A 59 -36.95 30.28 0.94
C ARG A 59 -36.42 31.51 1.68
N ALA A 60 -36.19 31.44 2.99
CA ALA A 60 -35.75 32.58 3.83
C ALA A 60 -34.41 33.13 3.31
N MET A 61 -33.50 32.23 2.89
CA MET A 61 -32.24 32.70 2.28
C MET A 61 -32.48 33.37 0.94
N GLN A 62 -33.24 32.71 0.07
CA GLN A 62 -33.50 33.24 -1.29
C GLN A 62 -34.21 34.62 -1.17
N ASP A 63 -35.03 34.77 -0.13
CA ASP A 63 -35.73 36.05 0.11
C ASP A 63 -34.73 37.19 0.34
N GLN A 64 -33.56 36.92 0.93
CA GLN A 64 -32.59 37.96 1.27
C GLN A 64 -31.99 38.52 -0.01
N VAL A 65 -31.96 37.74 -1.09
CA VAL A 65 -31.37 38.17 -2.39
C VAL A 65 -32.10 39.42 -2.92
N ARG A 66 -33.39 39.49 -2.70
CA ARG A 66 -34.23 40.63 -3.19
C ARG A 66 -33.64 41.95 -2.67
N HIS A 67 -32.83 41.95 -1.61
CA HIS A 67 -32.30 43.20 -1.00
C HIS A 67 -30.95 43.59 -1.60
N SER A 68 -30.33 42.76 -2.43
CA SER A 68 -29.01 43.09 -3.02
C SER A 68 -29.23 43.96 -4.25
N ARG A 69 -28.16 44.50 -4.79
CA ARG A 69 -28.27 45.38 -5.98
C ARG A 69 -28.71 44.59 -7.20
N LEU A 70 -28.04 43.47 -7.51
CA LEU A 70 -28.35 42.69 -8.74
C LEU A 70 -29.33 41.53 -8.53
N LYS A 71 -29.61 41.15 -7.30
CA LYS A 71 -30.61 40.12 -6.97
C LYS A 71 -30.24 38.78 -7.65
N ILE A 72 -28.96 38.45 -7.68
CA ILE A 72 -28.52 37.16 -8.28
C ILE A 72 -28.93 36.06 -7.29
N PRO A 73 -29.72 35.06 -7.75
CA PRO A 73 -30.21 34.03 -6.83
C PRO A 73 -29.07 33.11 -6.34
N LEU A 74 -29.27 32.59 -5.15
CA LEU A 74 -28.37 31.54 -4.61
C LEU A 74 -28.72 30.23 -5.29
N PHE A 75 -27.75 29.32 -5.27
CA PHE A 75 -28.12 27.88 -5.29
C PHE A 75 -27.83 27.28 -3.91
N HIS A 76 -28.52 26.17 -3.65
CA HIS A 76 -28.46 25.45 -2.35
C HIS A 76 -28.03 24.01 -2.61
N ALA A 77 -26.99 23.58 -1.90
CA ALA A 77 -26.44 22.24 -2.08
C ALA A 77 -26.50 21.44 -0.79
N TYR A 78 -26.40 20.12 -0.97
CA TYR A 78 -26.31 19.16 0.15
C TYR A 78 -25.65 17.87 -0.31
N ASP A 79 -25.26 17.07 0.66
CA ASP A 79 -24.59 15.74 0.49
C ASP A 79 -25.71 14.70 0.43
N VAL A 80 -26.39 14.64 -0.70
CA VAL A 80 -27.42 13.64 -1.00
C VAL A 80 -26.68 12.51 -1.71
N ALA A 81 -26.12 11.62 -0.91
CA ALA A 81 -25.17 10.58 -1.36
C ALA A 81 -25.91 9.30 -1.78
N HIS A 82 -26.85 8.83 -0.96
CA HIS A 82 -27.61 7.59 -1.21
C HIS A 82 -29.02 7.77 -0.65
N GLY A 83 -29.59 8.96 -0.89
CA GLY A 83 -30.92 9.26 -0.35
C GLY A 83 -30.92 10.61 0.28
N HIS A 84 -32.08 11.27 0.26
CA HIS A 84 -32.29 12.55 0.94
C HIS A 84 -33.01 12.35 2.26
N ARG A 85 -34.29 11.98 2.22
CA ARG A 85 -35.07 11.62 3.43
C ARG A 85 -35.35 10.12 3.44
N THR A 86 -35.70 9.55 2.30
CA THR A 86 -35.79 8.08 2.16
C THR A 86 -34.37 7.61 1.84
N ILE A 87 -33.75 6.93 2.78
CA ILE A 87 -32.33 6.51 2.60
C ILE A 87 -32.28 5.13 1.97
N PHE A 88 -31.57 5.05 0.86
CA PHE A 88 -31.27 3.81 0.16
C PHE A 88 -30.04 3.20 0.80
N PRO A 89 -29.68 1.98 0.38
CA PRO A 89 -28.38 1.45 0.81
C PRO A 89 -27.26 2.42 0.47
N ILE A 90 -26.18 2.30 1.23
CA ILE A 90 -24.90 2.93 0.85
C ILE A 90 -24.53 2.55 -0.55
N SER A 91 -23.74 3.41 -1.20
CA SER A 91 -23.34 3.20 -2.61
C SER A 91 -22.70 1.82 -2.80
N LEU A 92 -21.89 1.36 -1.85
CA LEU A 92 -21.21 0.07 -2.08
C LEU A 92 -22.27 -1.03 -2.17
N GLY A 93 -23.40 -0.92 -1.46
CA GLY A 93 -24.56 -1.83 -1.53
C GLY A 93 -25.36 -1.63 -2.81
N LEU A 94 -25.56 -0.39 -3.25
CA LEU A 94 -26.22 -0.13 -4.53
C LEU A 94 -25.44 -0.77 -5.66
N ALA A 95 -24.11 -0.68 -5.65
CA ALA A 95 -23.29 -1.26 -6.71
C ALA A 95 -23.51 -2.77 -6.76
N ALA A 96 -23.72 -3.41 -5.62
CA ALA A 96 -23.86 -4.86 -5.55
C ALA A 96 -25.14 -5.31 -6.24
N SER A 97 -26.04 -4.38 -6.56
CA SER A 97 -27.22 -4.72 -7.40
C SER A 97 -26.80 -5.10 -8.83
N TRP A 98 -25.66 -4.59 -9.31
CA TRP A 98 -25.24 -4.81 -10.72
C TRP A 98 -26.37 -4.45 -11.69
N ASP A 99 -27.11 -3.39 -11.40
CA ASP A 99 -28.32 -3.07 -12.20
C ASP A 99 -28.38 -1.56 -12.30
N PRO A 100 -27.94 -1.00 -13.43
CA PRO A 100 -28.01 0.43 -13.61
C PRO A 100 -29.41 0.99 -13.39
N GLU A 101 -30.47 0.22 -13.68
CA GLU A 101 -31.84 0.76 -13.44
C GLU A 101 -32.14 0.89 -11.94
N VAL A 102 -31.63 0.00 -11.11
CA VAL A 102 -31.85 0.11 -9.65
C VAL A 102 -31.10 1.35 -9.16
N VAL A 103 -29.85 1.48 -9.59
CA VAL A 103 -29.03 2.63 -9.16
C VAL A 103 -29.72 3.91 -9.63
N ALA A 104 -30.18 3.97 -10.88
CA ALA A 104 -30.88 5.16 -11.40
C ALA A 104 -32.08 5.48 -10.52
N ARG A 105 -32.84 4.46 -10.13
CA ARG A 105 -34.05 4.72 -9.34
C ARG A 105 -33.69 5.40 -8.03
N SER A 106 -32.62 4.95 -7.38
CA SER A 106 -32.21 5.52 -6.08
C SER A 106 -31.86 6.99 -6.30
N ALA A 107 -31.14 7.30 -7.37
CA ALA A 107 -30.68 8.68 -7.64
C ALA A 107 -31.90 9.57 -8.00
N ARG A 108 -32.78 9.03 -8.81
CA ARG A 108 -33.99 9.79 -9.25
C ARG A 108 -34.82 10.17 -8.04
N ILE A 109 -35.12 9.21 -7.19
CA ILE A 109 -35.93 9.48 -5.98
C ILE A 109 -35.17 10.44 -5.08
N SER A 110 -33.86 10.27 -4.94
CA SER A 110 -33.06 11.20 -4.10
C SER A 110 -33.24 12.64 -4.63
N ALA A 111 -33.14 12.80 -5.93
CA ALA A 111 -33.23 14.13 -6.58
C ALA A 111 -34.65 14.68 -6.41
N LEU A 112 -35.64 13.83 -6.61
CA LEU A 112 -37.08 14.21 -6.42
C LEU A 112 -37.25 14.74 -5.01
N GLU A 113 -36.78 13.99 -3.99
CA GLU A 113 -36.97 14.39 -2.60
C GLU A 113 -36.15 15.63 -2.23
N ALA A 114 -34.92 15.78 -2.75
CA ALA A 114 -34.06 16.91 -2.37
C ALA A 114 -34.62 18.21 -3.01
N SER A 115 -34.98 18.12 -4.29
CA SER A 115 -35.56 19.27 -5.04
C SER A 115 -36.93 19.60 -4.42
N ALA A 116 -37.65 18.60 -3.91
CA ALA A 116 -38.96 18.84 -3.23
C ALA A 116 -38.77 19.68 -1.98
N ASP A 117 -37.58 19.65 -1.39
CA ASP A 117 -37.24 20.45 -0.20
C ASP A 117 -36.52 21.76 -0.59
N GLY A 118 -36.33 22.01 -1.90
CA GLY A 118 -35.73 23.27 -2.35
C GLY A 118 -34.26 23.19 -2.71
N LEU A 119 -33.64 22.02 -2.57
CA LEU A 119 -32.23 21.90 -2.99
C LEU A 119 -32.06 21.87 -4.51
N ASP A 120 -30.95 22.46 -5.00
CA ASP A 120 -30.61 22.54 -6.42
C ASP A 120 -29.47 21.61 -6.80
N MET A 121 -28.69 21.14 -5.82
CA MET A 121 -27.41 20.48 -6.12
C MET A 121 -27.09 19.44 -5.04
N SER A 122 -26.57 18.30 -5.48
CA SER A 122 -25.94 17.35 -4.55
C SER A 122 -24.45 17.24 -4.83
N PHE A 123 -23.69 17.12 -3.75
CA PHE A 123 -22.27 16.71 -3.85
C PHE A 123 -22.24 15.19 -3.99
N SER A 124 -22.52 14.73 -5.17
CA SER A 124 -22.73 13.30 -5.54
CA SER A 124 -22.68 13.30 -5.53
C SER A 124 -22.78 13.25 -7.05
N PRO A 125 -22.41 12.14 -7.72
CA PRO A 125 -21.97 10.89 -7.09
C PRO A 125 -20.49 10.94 -6.67
N MET A 126 -20.17 10.14 -5.66
CA MET A 126 -18.77 9.79 -5.33
C MET A 126 -18.35 8.63 -6.19
N VAL A 127 -17.32 8.81 -7.01
CA VAL A 127 -16.91 7.81 -8.02
C VAL A 127 -15.43 7.49 -7.89
N ASP A 128 -14.87 7.62 -6.70
CA ASP A 128 -13.46 7.27 -6.47
C ASP A 128 -13.32 5.75 -6.48
N ILE A 129 -12.38 5.19 -7.28
CA ILE A 129 -12.04 3.75 -7.23
C ILE A 129 -11.43 3.47 -5.87
N THR A 130 -11.80 2.33 -5.28
CA THR A 130 -11.27 1.91 -3.97
C THR A 130 -10.71 0.49 -4.02
N ARG A 131 -9.40 0.39 -3.80
CA ARG A 131 -8.69 -0.92 -3.73
C ARG A 131 -8.18 -1.19 -2.30
N ASP A 132 -8.40 -0.30 -1.35
CA ASP A 132 -7.86 -0.43 0.01
C ASP A 132 -9.03 -0.40 0.97
N ALA A 133 -9.38 -1.58 1.47
CA ALA A 133 -10.56 -1.75 2.34
C ALA A 133 -10.43 -0.98 3.66
N ARG A 134 -9.24 -0.54 4.07
CA ARG A 134 -9.10 0.18 5.38
C ARG A 134 -9.74 1.56 5.35
N TRP A 135 -9.85 2.16 4.18
CA TRP A 135 -10.32 3.55 4.06
C TRP A 135 -11.81 3.65 4.48
N GLY A 136 -12.16 4.61 5.32
CA GLY A 136 -13.53 4.70 5.83
C GLY A 136 -14.51 5.11 4.77
N ARG A 137 -14.04 5.71 3.68
CA ARG A 137 -14.98 6.20 2.64
C ARG A 137 -15.24 5.20 1.54
N VAL A 138 -14.78 3.95 1.68
CA VAL A 138 -15.13 2.92 0.66
CA VAL A 138 -15.13 2.88 0.72
C VAL A 138 -16.66 2.77 0.62
N SER A 139 -17.33 3.05 1.73
CA SER A 139 -18.81 2.90 1.79
C SER A 139 -19.52 3.85 0.80
N GLU A 140 -18.84 4.91 0.40
CA GLU A 140 -19.43 5.97 -0.48
C GLU A 140 -19.24 5.70 -1.95
N GLY A 141 -18.38 4.75 -2.34
CA GLY A 141 -18.16 4.47 -3.76
C GLY A 141 -18.83 3.19 -4.20
N PHE A 142 -18.44 2.75 -5.37
CA PHE A 142 -19.08 1.61 -6.05
C PHE A 142 -18.14 0.42 -6.12
N GLY A 143 -17.02 0.45 -5.38
CA GLY A 143 -16.08 -0.67 -5.28
C GLY A 143 -14.86 -0.44 -6.13
N GLU A 144 -14.25 -1.54 -6.56
CA GLU A 144 -12.86 -1.50 -7.05
C GLU A 144 -12.80 -1.45 -8.58
N ASP A 145 -13.91 -1.60 -9.28
CA ASP A 145 -13.79 -1.77 -10.75
C ASP A 145 -14.04 -0.49 -11.53
N THR A 146 -13.14 -0.24 -12.47
CA THR A 146 -13.19 1.01 -13.27
C THR A 146 -14.41 0.96 -14.21
N TYR A 147 -14.64 -0.15 -14.90
CA TYR A 147 -15.78 -0.30 -15.82
C TYR A 147 -17.10 -0.04 -15.10
N LEU A 148 -17.34 -0.76 -14.02
CA LEU A 148 -18.63 -0.69 -13.34
C LEU A 148 -18.76 0.72 -12.73
N THR A 149 -17.73 1.22 -12.05
CA THR A 149 -17.86 2.54 -11.41
C THR A 149 -18.08 3.63 -12.48
N SER A 150 -17.42 3.52 -13.62
CA SER A 150 -17.60 4.49 -14.73
C SER A 150 -19.06 4.45 -15.22
N LEU A 151 -19.60 3.26 -15.41
CA LEU A 151 -20.97 3.12 -15.88
C LEU A 151 -21.92 3.75 -14.86
N LEU A 152 -21.78 3.41 -13.59
CA LEU A 152 -22.70 3.88 -12.54
C LEU A 152 -22.53 5.40 -12.33
N SER A 153 -21.33 5.95 -12.53
CA SER A 153 -21.07 7.39 -12.44
C SER A 153 -21.99 8.12 -13.43
N GLY A 154 -21.98 7.68 -14.68
CA GLY A 154 -22.82 8.30 -15.72
C GLY A 154 -24.29 8.11 -15.40
N VAL A 155 -24.70 6.94 -14.95
CA VAL A 155 -26.12 6.68 -14.59
C VAL A 155 -26.61 7.63 -13.49
N MET A 156 -25.82 7.82 -12.45
CA MET A 156 -26.17 8.69 -11.32
C MET A 156 -26.32 10.12 -11.82
N VAL A 157 -25.38 10.60 -12.60
CA VAL A 157 -25.48 11.98 -13.12
C VAL A 157 -26.77 12.16 -13.93
N ARG A 158 -27.02 11.27 -14.86
CA ARG A 158 -28.23 11.38 -15.72
C ARG A 158 -29.49 11.31 -14.89
N ALA A 159 -29.53 10.46 -13.88
CA ALA A 159 -30.74 10.30 -13.04
C ALA A 159 -30.97 11.55 -12.21
N TYR A 160 -29.93 12.16 -11.67
CA TYR A 160 -30.08 13.39 -10.87
C TYR A 160 -30.56 14.53 -11.75
N GLN A 161 -29.95 14.70 -12.92
CA GLN A 161 -30.10 15.96 -13.71
C GLN A 161 -31.30 15.87 -14.66
N GLY A 162 -31.79 14.67 -14.94
CA GLY A 162 -32.96 14.48 -15.83
C GLY A 162 -32.70 14.98 -17.24
N SER A 163 -33.78 15.25 -17.98
CA SER A 163 -33.66 15.79 -19.36
C SER A 163 -33.46 17.31 -19.33
N ASN A 164 -33.68 17.96 -18.18
CA ASN A 164 -33.57 19.43 -18.08
C ASN A 164 -33.19 19.82 -16.66
N LEU A 165 -32.03 20.45 -16.52
CA LEU A 165 -31.52 20.91 -15.21
C LEU A 165 -32.42 21.98 -14.60
N ALA A 166 -33.33 22.61 -15.37
CA ALA A 166 -34.24 23.61 -14.82
C ALA A 166 -35.53 22.94 -14.28
N ALA A 167 -35.72 21.65 -14.52
CA ALA A 167 -36.93 20.98 -14.02
C ALA A 167 -36.95 21.06 -12.51
N PRO A 168 -38.13 21.26 -11.91
CA PRO A 168 -38.22 21.33 -10.47
C PRO A 168 -37.95 20.01 -9.75
N ASP A 169 -37.90 18.88 -10.46
CA ASP A 169 -37.56 17.60 -9.79
C ASP A 169 -36.14 17.16 -10.20
N SER A 170 -35.34 18.04 -10.79
CA SER A 170 -33.92 17.80 -11.12
C SER A 170 -33.07 18.47 -10.06
N ILE A 171 -31.84 17.95 -9.88
CA ILE A 171 -30.75 18.63 -9.15
C ILE A 171 -29.51 18.50 -10.01
N MET A 172 -28.56 19.40 -9.81
CA MET A 172 -27.26 19.32 -10.47
C MET A 172 -26.36 18.34 -9.69
N ALA A 173 -25.61 17.53 -10.42
CA ALA A 173 -24.63 16.59 -9.84
C ALA A 173 -23.29 17.34 -9.76
N ALA A 174 -22.67 17.33 -8.60
CA ALA A 174 -21.27 17.75 -8.41
C ALA A 174 -20.48 16.46 -8.12
N VAL A 175 -19.93 15.89 -9.18
CA VAL A 175 -19.17 14.61 -9.11
C VAL A 175 -17.96 14.84 -8.21
N LYS A 176 -17.62 13.82 -7.41
CA LYS A 176 -16.51 13.97 -6.42
C LYS A 176 -15.80 12.62 -6.30
N HIS A 177 -14.59 12.57 -5.78
CA HIS A 177 -13.74 13.68 -5.33
C HIS A 177 -12.59 13.77 -6.33
N PHE A 178 -12.53 14.82 -7.14
CA PHE A 178 -11.58 14.88 -8.28
C PHE A 178 -10.24 15.31 -7.72
N ALA A 179 -9.23 14.41 -7.60
CA ALA A 179 -9.26 13.03 -8.09
C ALA A 179 -8.37 12.16 -7.20
N LEU A 180 -8.62 10.84 -7.32
CA LEU A 180 -7.74 9.76 -6.82
C LEU A 180 -7.85 9.59 -5.30
N TYR A 181 -8.85 10.20 -4.69
CA TYR A 181 -8.92 10.34 -3.22
C TYR A 181 -8.90 8.96 -2.53
N GLY A 182 -9.47 7.97 -3.15
CA GLY A 182 -9.57 6.61 -2.56
C GLY A 182 -8.29 5.82 -2.61
N ALA A 183 -7.21 6.35 -3.24
CA ALA A 183 -5.88 5.69 -3.24
C ALA A 183 -4.98 6.15 -2.10
N ALA A 184 -5.55 6.81 -1.09
CA ALA A 184 -4.79 7.30 0.07
C ALA A 184 -3.82 6.23 0.57
N GLU A 185 -2.56 6.59 0.76
CA GLU A 185 -1.56 5.65 1.26
C GLU A 185 -1.97 5.19 2.65
N GLY A 186 -1.80 3.90 2.89
CA GLY A 186 -2.14 3.33 4.22
C GLY A 186 -3.64 3.21 4.45
N GLY A 187 -4.46 3.58 3.49
CA GLY A 187 -5.90 3.71 3.71
C GLY A 187 -6.27 4.79 4.73
N ARG A 188 -5.34 5.67 5.06
CA ARG A 188 -5.58 6.76 6.02
C ARG A 188 -6.25 7.89 5.26
N ASP A 189 -7.38 8.36 5.78
CA ASP A 189 -8.11 9.42 5.04
C ASP A 189 -7.20 10.65 4.89
N TYR A 190 -7.39 11.33 3.77
CA TYR A 190 -6.71 12.59 3.41
C TYR A 190 -5.24 12.34 3.06
N ASN A 191 -4.79 11.10 3.05
CA ASN A 191 -3.33 10.89 2.94
C ASN A 191 -2.90 10.91 1.46
N THR A 192 -1.61 11.10 1.33
CA THR A 192 -0.86 11.10 0.08
C THR A 192 -1.34 10.08 -0.94
N VAL A 193 -1.45 10.50 -2.19
CA VAL A 193 -1.71 9.60 -3.31
C VAL A 193 -0.59 9.74 -4.29
N ASP A 194 0.00 8.60 -4.61
CA ASP A 194 1.17 8.61 -5.51
C ASP A 194 0.99 7.47 -6.47
N MET A 195 0.94 7.74 -7.78
CA MET A 195 0.72 6.66 -8.74
C MET A 195 1.23 7.09 -10.12
N SER A 196 1.50 6.10 -10.95
CA SER A 196 1.96 6.34 -12.33
C SER A 196 0.85 6.98 -13.16
N LEU A 197 1.26 7.64 -14.23
CA LEU A 197 0.25 8.20 -15.12
C LEU A 197 -0.51 7.10 -15.85
N PRO A 198 0.11 6.00 -16.34
CA PRO A 198 -0.71 4.99 -16.98
C PRO A 198 -1.78 4.42 -16.04
N ARG A 199 -1.46 4.20 -14.77
CA ARG A 199 -2.46 3.67 -13.81
C ARG A 199 -3.58 4.72 -13.61
N MET A 200 -3.17 5.96 -13.46
CA MET A 200 -4.12 7.07 -13.26
C MET A 200 -5.11 7.10 -14.42
N PHE A 201 -4.60 7.11 -15.65
CA PHE A 201 -5.45 7.26 -16.85
C PHE A 201 -6.30 6.03 -17.12
N GLN A 202 -5.73 4.84 -16.96
CA GLN A 202 -6.46 3.60 -17.30
C GLN A 202 -7.50 3.28 -16.22
N ASP A 203 -7.14 3.44 -14.94
CA ASP A 203 -7.96 2.83 -13.86
C ASP A 203 -8.69 3.88 -13.00
N TYR A 204 -8.10 5.03 -12.72
CA TYR A 204 -8.64 5.89 -11.64
C TYR A 204 -9.39 7.09 -12.21
N LEU A 205 -8.99 7.64 -13.34
CA LEU A 205 -9.65 8.85 -13.88
C LEU A 205 -10.95 8.56 -14.65
N PRO A 206 -11.16 7.41 -15.33
CA PRO A 206 -12.36 7.22 -16.16
C PRO A 206 -13.71 7.50 -15.50
N PRO A 207 -13.94 7.20 -14.19
CA PRO A 207 -15.25 7.54 -13.62
C PRO A 207 -15.58 9.03 -13.58
N TYR A 208 -14.55 9.85 -13.39
CA TYR A 208 -14.79 11.32 -13.38
C TYR A 208 -15.09 11.77 -14.79
N LYS A 209 -14.35 11.25 -15.78
CA LYS A 209 -14.64 11.58 -17.18
C LYS A 209 -16.05 11.11 -17.57
N ALA A 210 -16.49 9.95 -17.11
CA ALA A 210 -17.86 9.45 -17.41
C ALA A 210 -18.89 10.45 -16.88
N ALA A 211 -18.65 11.01 -15.69
CA ALA A 211 -19.59 11.98 -15.12
C ALA A 211 -19.61 13.25 -16.01
N VAL A 212 -18.43 13.74 -16.38
CA VAL A 212 -18.29 14.95 -17.25
C VAL A 212 -19.03 14.67 -18.57
N ASP A 213 -18.82 13.49 -19.15
CA ASP A 213 -19.44 13.17 -20.47
C ASP A 213 -20.94 12.97 -20.33
N ALA A 214 -21.45 12.61 -19.13
CA ALA A 214 -22.91 12.48 -18.90
C ALA A 214 -23.53 13.87 -18.69
N GLY A 215 -22.70 14.91 -18.64
CA GLY A 215 -23.16 16.31 -18.52
C GLY A 215 -23.18 16.81 -17.09
N ALA A 216 -22.40 16.23 -16.16
CA ALA A 216 -22.40 16.74 -14.78
C ALA A 216 -22.15 18.26 -14.82
N GLY A 217 -22.92 19.02 -14.04
CA GLY A 217 -22.78 20.49 -13.99
C GLY A 217 -21.62 20.94 -13.12
N ALA A 218 -21.14 20.09 -12.21
CA ALA A 218 -20.09 20.54 -11.28
C ALA A 218 -19.14 19.39 -10.93
N VAL A 219 -17.94 19.80 -10.54
CA VAL A 219 -16.91 18.86 -10.05
C VAL A 219 -16.41 19.34 -8.68
N MET A 220 -16.42 18.48 -7.67
CA MET A 220 -15.88 18.80 -6.34
C MET A 220 -14.45 18.26 -6.27
N VAL A 221 -13.51 19.14 -6.01
CA VAL A 221 -12.06 18.85 -5.98
C VAL A 221 -11.72 18.13 -4.66
N SER A 222 -10.78 17.20 -4.74
CA SER A 222 -10.41 16.37 -3.58
C SER A 222 -9.43 17.06 -2.63
N LEU A 223 -9.23 16.43 -1.47
CA LEU A 223 -8.38 16.98 -0.40
C LEU A 223 -6.95 16.47 -0.45
N ASN A 224 -6.66 15.45 -1.24
CA ASN A 224 -5.35 14.79 -1.23
C ASN A 224 -4.35 15.43 -2.23
N THR A 225 -3.05 15.18 -1.98
CA THR A 225 -2.01 15.38 -3.01
C THR A 225 -2.18 14.33 -4.09
N ILE A 226 -1.78 14.69 -5.30
CA ILE A 226 -1.60 13.77 -6.44
C ILE A 226 -0.15 13.93 -6.86
N ASN A 227 0.66 12.93 -6.60
CA ASN A 227 2.09 12.97 -6.99
C ASN A 227 2.73 14.27 -6.45
N GLY A 228 2.42 14.63 -5.21
CA GLY A 228 3.00 15.76 -4.53
C GLY A 228 2.22 17.05 -4.59
N VAL A 229 1.27 17.15 -5.49
CA VAL A 229 0.52 18.43 -5.68
C VAL A 229 -0.91 18.25 -5.20
N PRO A 230 -1.32 18.95 -4.14
CA PRO A 230 -2.73 18.95 -3.74
C PRO A 230 -3.63 19.22 -4.96
N ALA A 231 -4.72 18.47 -5.06
CA ALA A 231 -5.69 18.64 -6.16
C ALA A 231 -6.13 20.12 -6.25
N THR A 232 -6.32 20.75 -5.11
CA THR A 232 -6.83 22.14 -5.02
C THR A 232 -5.85 23.10 -5.68
N ALA A 233 -4.56 22.76 -5.78
CA ALA A 233 -3.55 23.63 -6.41
C ALA A 233 -2.99 23.04 -7.70
N ASN A 234 -3.67 22.09 -8.28
CA ASN A 234 -3.12 21.24 -9.36
C ASN A 234 -3.65 21.72 -10.70
N ARG A 235 -2.91 22.65 -11.34
CA ARG A 235 -3.38 23.22 -12.61
C ARG A 235 -3.40 22.17 -13.73
N TRP A 236 -2.52 21.19 -13.66
CA TRP A 236 -2.52 20.09 -14.63
C TRP A 236 -3.88 19.39 -14.53
N LEU A 237 -4.29 19.05 -13.32
CA LEU A 237 -5.54 18.31 -13.14
C LEU A 237 -6.76 19.15 -13.52
N LEU A 238 -6.84 20.39 -13.02
CA LEU A 238 -8.14 21.10 -13.03
C LEU A 238 -8.27 21.88 -14.34
N THR A 239 -7.17 22.23 -14.96
CA THR A 239 -7.18 23.05 -16.19
C THR A 239 -6.75 22.22 -17.40
N ASP A 240 -5.51 21.73 -17.44
CA ASP A 240 -5.01 20.99 -18.63
C ASP A 240 -5.90 19.77 -18.90
N LEU A 241 -6.12 18.94 -17.88
CA LEU A 241 -6.90 17.72 -18.07
C LEU A 241 -8.39 18.06 -18.12
N LEU A 242 -8.95 18.57 -17.02
CA LEU A 242 -10.42 18.67 -16.91
C LEU A 242 -10.99 19.62 -17.98
N ARG A 243 -10.36 20.76 -18.24
CA ARG A 243 -10.93 21.75 -19.19
C ARG A 243 -10.40 21.50 -20.60
N GLN A 244 -9.09 21.54 -20.77
CA GLN A 244 -8.51 21.50 -22.13
C GLN A 244 -8.70 20.11 -22.76
N GLN A 245 -8.40 19.03 -22.05
CA GLN A 245 -8.47 17.68 -22.66
C GLN A 245 -9.91 17.15 -22.63
N TRP A 246 -10.62 17.27 -21.52
CA TRP A 246 -11.94 16.65 -21.38
C TRP A 246 -13.05 17.58 -21.81
N GLY A 247 -12.78 18.87 -21.90
CA GLY A 247 -13.81 19.79 -22.41
C GLY A 247 -14.87 20.12 -21.37
N PHE A 248 -14.58 19.97 -20.07
CA PHE A 248 -15.60 20.28 -19.04
C PHE A 248 -15.93 21.77 -19.07
N LYS A 249 -17.21 22.11 -19.13
CA LYS A 249 -17.67 23.53 -19.24
C LYS A 249 -18.35 24.03 -17.97
N GLY A 250 -18.35 23.24 -16.89
CA GLY A 250 -19.14 23.52 -15.69
C GLY A 250 -18.31 24.15 -14.60
N LEU A 251 -18.75 23.94 -13.38
CA LEU A 251 -18.30 24.62 -12.17
C LEU A 251 -17.34 23.71 -11.37
N THR A 252 -16.17 24.20 -11.01
CA THR A 252 -15.32 23.49 -10.03
C THR A 252 -15.54 24.04 -8.63
N ILE A 253 -15.68 23.18 -7.65
CA ILE A 253 -15.95 23.56 -6.27
C ILE A 253 -14.83 22.98 -5.41
N SER A 254 -14.23 23.81 -4.57
CA SER A 254 -13.24 23.32 -3.58
C SER A 254 -13.96 22.47 -2.55
N ASN A 255 -13.17 21.63 -1.91
CA ASN A 255 -13.66 20.93 -0.74
C ASN A 255 -13.59 21.86 0.46
N HIS A 256 -13.94 21.32 1.59
CA HIS A 256 -14.29 22.12 2.77
C HIS A 256 -13.03 22.64 3.46
N GLY A 257 -12.71 23.94 3.39
CA GLY A 257 -11.45 24.44 3.93
C GLY A 257 -10.22 24.03 3.10
N ALA A 258 -10.42 23.49 1.91
CA ALA A 258 -9.32 22.93 1.07
C ALA A 258 -8.33 24.02 0.64
N VAL A 259 -8.81 25.22 0.32
CA VAL A 259 -7.87 26.30 -0.09
C VAL A 259 -6.93 26.60 1.08
N LYS A 260 -7.47 26.81 2.27
CA LYS A 260 -6.59 27.10 3.42
C LYS A 260 -5.66 25.93 3.74
N GLU A 261 -6.11 24.68 3.51
CA GLU A 261 -5.28 23.48 3.77
C GLU A 261 -4.02 23.47 2.89
N LEU A 262 -3.96 24.24 1.81
CA LEU A 262 -2.66 24.33 1.05
C LEU A 262 -1.50 24.75 1.92
N ILE A 263 -1.76 25.45 3.04
CA ILE A 263 -0.67 25.82 3.95
C ILE A 263 -0.15 24.57 4.67
N LYS A 264 -1.05 23.75 5.21
CA LYS A 264 -0.65 22.50 5.88
C LYS A 264 0.05 21.55 4.90
N HIS A 265 -0.40 21.49 3.66
CA HIS A 265 0.30 20.68 2.64
C HIS A 265 1.70 21.22 2.35
N GLY A 266 2.02 22.44 2.75
CA GLY A 266 3.37 22.97 2.43
C GLY A 266 3.48 23.51 1.03
N LEU A 267 2.37 23.89 0.38
CA LEU A 267 2.40 24.57 -0.94
C LEU A 267 2.39 26.09 -0.76
N ALA A 268 1.96 26.57 0.39
CA ALA A 268 1.83 28.03 0.64
C ALA A 268 2.21 28.32 2.05
N GLY A 269 2.77 29.50 2.30
CA GLY A 269 3.15 29.88 3.66
C GLY A 269 2.11 30.78 4.28
N ASN A 270 1.10 31.18 3.51
CA ASN A 270 0.06 32.10 4.03
C ASN A 270 -1.20 31.95 3.20
N GLU A 271 -2.29 32.53 3.68
CA GLU A 271 -3.62 32.40 3.02
C GLU A 271 -3.64 33.11 1.66
N ARG A 272 -2.92 34.22 1.52
CA ARG A 272 -2.87 34.98 0.25
C ARG A 272 -2.31 34.10 -0.87
N ASP A 273 -1.18 33.46 -0.59
CA ASP A 273 -0.52 32.57 -1.59
C ASP A 273 -1.41 31.35 -1.82
N ALA A 274 -2.08 30.83 -0.79
CA ALA A 274 -2.99 29.67 -1.02
C ALA A 274 -4.11 30.05 -1.98
N THR A 275 -4.70 31.25 -1.79
CA THR A 275 -5.81 31.71 -2.63
C THR A 275 -5.35 31.82 -4.09
N ARG A 276 -4.14 32.39 -4.29
CA ARG A 276 -3.58 32.57 -5.66
C ARG A 276 -3.45 31.18 -6.34
N LEU A 277 -2.90 30.23 -5.59
CA LEU A 277 -2.67 28.87 -6.17
C LEU A 277 -4.00 28.25 -6.57
N ALA A 278 -5.02 28.32 -5.71
CA ALA A 278 -6.31 27.65 -5.98
C ALA A 278 -7.01 28.29 -7.19
N ILE A 279 -7.12 29.60 -7.25
CA ILE A 279 -7.91 30.21 -8.36
C ILE A 279 -7.16 30.01 -9.68
N GLN A 280 -5.84 30.10 -9.67
CA GLN A 280 -5.07 29.96 -10.95
C GLN A 280 -5.03 28.49 -11.37
N ALA A 281 -5.14 27.55 -10.44
CA ALA A 281 -5.19 26.13 -10.80
C ALA A 281 -6.49 25.77 -11.49
N GLY A 282 -7.56 26.47 -11.15
CA GLY A 282 -8.87 26.25 -11.77
C GLY A 282 -9.97 25.96 -10.78
N VAL A 283 -9.82 26.32 -9.50
CA VAL A 283 -10.91 26.17 -8.51
C VAL A 283 -11.81 27.41 -8.59
N ASP A 284 -13.07 27.22 -8.93
CA ASP A 284 -14.00 28.38 -9.14
C ASP A 284 -14.61 28.83 -7.82
N MET A 285 -15.08 27.90 -7.03
CA MET A 285 -15.92 28.26 -5.86
C MET A 285 -15.20 27.74 -4.62
N ASN A 286 -15.16 28.61 -3.62
CA ASN A 286 -14.40 28.43 -2.36
C ASN A 286 -15.36 28.04 -1.24
N MET A 287 -15.22 26.82 -0.76
CA MET A 287 -16.11 26.27 0.31
C MET A 287 -15.58 26.65 1.68
N ASN A 288 -16.40 27.42 2.38
CA ASN A 288 -16.42 27.76 3.81
C ASN A 288 -15.27 28.62 4.31
N ASP A 289 -14.01 28.55 3.83
CA ASP A 289 -12.90 29.23 4.56
C ASP A 289 -12.82 30.73 4.25
N ASP A 290 -13.57 31.20 3.27
CA ASP A 290 -13.67 32.64 2.88
C ASP A 290 -12.35 33.22 2.40
N LEU A 291 -11.38 32.41 2.01
CA LEU A 291 -10.10 32.96 1.56
C LEU A 291 -10.31 33.76 0.28
N TYR A 292 -11.20 33.33 -0.62
CA TYR A 292 -11.37 34.06 -1.90
C TYR A 292 -11.86 35.49 -1.62
N SER A 293 -12.89 35.63 -0.81
CA SER A 293 -13.43 36.97 -0.48
C SER A 293 -12.39 37.81 0.24
N THR A 294 -11.54 37.20 1.06
CA THR A 294 -10.54 37.94 1.87
C THR A 294 -9.39 38.41 0.98
N TRP A 295 -8.95 37.60 0.00
CA TRP A 295 -7.65 37.84 -0.64
C TRP A 295 -7.73 38.14 -2.13
N LEU A 296 -8.78 37.79 -2.86
CA LEU A 296 -8.74 38.01 -4.33
C LEU A 296 -8.58 39.48 -4.68
N PRO A 297 -9.23 40.44 -3.98
CA PRO A 297 -9.05 41.85 -4.36
C PRO A 297 -7.58 42.30 -4.24
N LYS A 298 -6.94 41.91 -3.13
CA LYS A 298 -5.51 42.26 -2.89
C LYS A 298 -4.65 41.61 -3.96
N LEU A 299 -4.89 40.32 -4.25
CA LEU A 299 -4.08 39.64 -5.27
C LEU A 299 -4.19 40.33 -6.61
N LEU A 300 -5.39 40.71 -6.98
CA LEU A 300 -5.60 41.30 -8.31
C LEU A 300 -4.88 42.67 -8.37
N ALA A 301 -5.02 43.47 -7.33
CA ALA A 301 -4.43 44.84 -7.25
C ALA A 301 -2.90 44.76 -7.34
N ALA A 302 -2.30 43.70 -6.78
CA ALA A 302 -0.83 43.48 -6.81
C ALA A 302 -0.37 42.85 -8.13
N GLY A 303 -1.28 42.50 -9.05
CA GLY A 303 -0.92 41.83 -10.32
C GLY A 303 -0.53 40.37 -10.09
N GLU A 304 -0.93 39.77 -8.97
CA GLU A 304 -0.53 38.35 -8.65
C GLU A 304 -1.52 37.37 -9.32
N ILE A 305 -2.72 37.83 -9.66
CA ILE A 305 -3.70 37.08 -10.49
C ILE A 305 -4.18 38.03 -11.58
N ASP A 306 -4.88 37.48 -12.57
CA ASP A 306 -5.44 38.20 -13.72
C ASP A 306 -6.95 38.39 -13.52
N GLN A 307 -7.49 39.47 -14.08
CA GLN A 307 -8.96 39.65 -14.11
C GLN A 307 -9.64 38.41 -14.71
N ALA A 308 -9.07 37.82 -15.76
CA ALA A 308 -9.60 36.61 -16.42
C ALA A 308 -9.78 35.45 -15.41
N ASP A 309 -8.98 35.36 -14.35
CA ASP A 309 -9.11 34.30 -13.32
C ASP A 309 -10.45 34.50 -12.56
N ILE A 310 -10.75 35.74 -12.15
CA ILE A 310 -12.03 36.07 -11.47
CA ILE A 310 -12.04 36.05 -11.47
C ILE A 310 -13.18 35.85 -12.47
N ASP A 311 -13.00 36.33 -13.70
CA ASP A 311 -14.09 36.27 -14.68
C ASP A 311 -14.45 34.80 -14.99
N ARG A 312 -13.45 33.92 -15.08
CA ARG A 312 -13.67 32.50 -15.45
C ARG A 312 -14.53 31.89 -14.34
N ALA A 313 -14.14 32.15 -13.10
CA ALA A 313 -14.73 31.54 -11.89
C ALA A 313 -16.17 32.01 -11.78
N CYS A 314 -16.39 33.33 -11.92
CA CYS A 314 -17.74 33.90 -11.83
C CYS A 314 -18.64 33.40 -12.96
N ARG A 315 -18.14 33.36 -14.20
CA ARG A 315 -18.93 32.88 -15.33
C ARG A 315 -19.42 31.45 -15.05
N ASP A 316 -18.57 30.62 -14.46
CA ASP A 316 -18.96 29.23 -14.19
C ASP A 316 -20.07 29.19 -13.15
N VAL A 317 -20.01 30.04 -12.11
CA VAL A 317 -21.10 30.05 -11.11
C VAL A 317 -22.41 30.49 -11.78
N LEU A 318 -22.35 31.57 -12.56
CA LEU A 318 -23.56 32.13 -13.18
C LEU A 318 -24.14 31.13 -14.16
N ALA A 319 -23.28 30.42 -14.87
CA ALA A 319 -23.76 29.45 -15.87
C ALA A 319 -24.45 28.28 -15.15
N ALA A 320 -23.98 27.86 -13.99
CA ALA A 320 -24.65 26.79 -13.23
C ALA A 320 -26.04 27.26 -12.80
N LYS A 321 -26.14 28.49 -12.31
CA LYS A 321 -27.44 29.02 -11.87
C LYS A 321 -28.38 29.13 -13.07
N TYR A 322 -27.86 29.50 -14.22
CA TYR A 322 -28.66 29.66 -15.46
C TYR A 322 -29.26 28.29 -15.82
N ASP A 323 -28.42 27.25 -15.83
CA ASP A 323 -28.85 25.89 -16.22
C ASP A 323 -29.88 25.35 -15.20
N LEU A 324 -29.75 25.73 -13.93
CA LEU A 324 -30.67 25.29 -12.87
C LEU A 324 -32.04 26.01 -12.94
N GLY A 325 -32.15 27.00 -13.81
CA GLY A 325 -33.41 27.73 -14.03
C GLY A 325 -33.58 28.89 -13.07
N LEU A 326 -32.56 29.22 -12.28
CA LEU A 326 -32.73 30.13 -11.14
C LEU A 326 -32.83 31.59 -11.61
N PHE A 327 -32.33 31.92 -12.78
CA PHE A 327 -32.55 33.30 -13.31
C PHE A 327 -33.98 33.42 -13.85
N ALA A 328 -34.59 32.32 -14.28
CA ALA A 328 -35.99 32.35 -14.79
C ALA A 328 -36.96 32.39 -13.61
N ASP A 329 -36.68 31.64 -12.54
CA ASP A 329 -37.49 31.67 -11.32
C ASP A 329 -36.65 31.13 -10.18
N PRO A 330 -36.19 32.02 -9.28
CA PRO A 330 -35.38 31.64 -8.13
C PRO A 330 -36.15 30.72 -7.17
N TYR A 331 -37.49 30.69 -7.29
CA TYR A 331 -38.36 29.88 -6.39
C TYR A 331 -38.90 28.64 -7.09
N ARG A 332 -38.29 28.20 -8.18
CA ARG A 332 -38.86 27.09 -9.00
C ARG A 332 -38.87 25.77 -8.21
N ARG A 333 -37.97 25.60 -7.21
CA ARG A 333 -37.99 24.38 -6.37
C ARG A 333 -38.60 24.67 -5.00
N LEU A 334 -39.23 25.85 -4.81
CA LEU A 334 -39.67 26.31 -3.47
C LEU A 334 -41.20 26.52 -3.41
N GLY A 335 -41.92 26.09 -4.42
CA GLY A 335 -43.38 26.26 -4.54
C GLY A 335 -43.78 27.73 -4.58
N LYS A 336 -45.04 28.01 -4.19
CA LYS A 336 -45.65 29.36 -4.17
C LYS A 336 -45.62 29.95 -2.76
N PRO A 337 -45.59 31.29 -2.60
CA PRO A 337 -45.37 31.93 -1.29
C PRO A 337 -46.48 31.65 -0.27
N ASP A 338 -47.65 31.24 -0.75
CA ASP A 338 -48.88 30.99 0.05
C ASP A 338 -49.28 29.52 -0.09
N ASP A 339 -48.36 28.66 -0.53
CA ASP A 339 -48.56 27.19 -0.34
C ASP A 339 -48.66 27.00 1.17
N PRO A 340 -49.54 26.12 1.65
CA PRO A 340 -49.67 25.97 3.10
C PRO A 340 -48.38 25.36 3.63
N PRO A 341 -48.03 25.62 4.91
CA PRO A 341 -46.86 24.99 5.52
C PRO A 341 -47.13 23.49 5.62
N PHE A 342 -46.08 22.68 5.77
CA PHE A 342 -46.21 21.21 5.79
C PHE A 342 -45.10 20.63 6.66
N ASP A 343 -45.26 19.35 6.98
CA ASP A 343 -44.24 18.62 7.78
C ASP A 343 -43.21 18.06 6.79
N THR A 344 -42.00 18.60 6.81
CA THR A 344 -40.92 18.16 5.90
C THR A 344 -40.75 16.63 6.04
N ASN A 345 -40.95 16.11 7.22
CA ASN A 345 -40.66 14.67 7.51
C ASN A 345 -41.94 13.84 7.49
N ALA A 346 -43.02 14.33 6.89
CA ALA A 346 -44.25 13.52 6.80
C ALA A 346 -43.98 12.18 6.13
N GLU A 347 -44.64 11.13 6.61
CA GLU A 347 -44.62 9.79 5.99
C GLU A 347 -45.01 9.84 4.53
N SER A 348 -46.00 10.66 4.17
CA SER A 348 -46.50 10.66 2.78
C SER A 348 -45.47 11.24 1.84
N ARG A 349 -44.39 11.85 2.35
CA ARG A 349 -43.36 12.43 1.44
C ARG A 349 -42.21 11.42 1.27
N LEU A 350 -42.26 10.29 1.97
CA LEU A 350 -41.23 9.23 1.77
C LEU A 350 -41.56 8.34 0.58
N HIS A 351 -40.58 7.54 0.19
CA HIS A 351 -40.67 6.61 -0.94
C HIS A 351 -40.25 5.23 -0.44
N ARG A 352 -41.01 4.68 0.51
CA ARG A 352 -40.59 3.41 1.16
C ARG A 352 -40.62 2.26 0.17
N GLN A 353 -41.60 2.19 -0.75
CA GLN A 353 -41.62 1.05 -1.68
C GLN A 353 -40.32 1.06 -2.50
N ALA A 354 -39.85 2.21 -2.99
CA ALA A 354 -38.61 2.25 -3.79
C ALA A 354 -37.44 1.83 -2.90
N ALA A 355 -37.40 2.31 -1.65
CA ALA A 355 -36.23 1.99 -0.78
C ALA A 355 -36.20 0.48 -0.52
N ARG A 356 -37.35 -0.14 -0.28
CA ARG A 356 -37.41 -1.59 0.05
C ARG A 356 -37.00 -2.37 -1.20
N GLU A 357 -37.54 -2.02 -2.38
CA GLU A 357 -37.21 -2.76 -3.63
C GLU A 357 -35.72 -2.62 -3.95
N VAL A 358 -35.18 -1.43 -3.82
CA VAL A 358 -33.76 -1.19 -4.15
C VAL A 358 -32.91 -1.96 -3.13
N ALA A 359 -33.25 -1.89 -1.85
CA ALA A 359 -32.40 -2.52 -0.80
C ALA A 359 -32.39 -4.04 -0.96
N ARG A 360 -33.46 -4.62 -1.48
CA ARG A 360 -33.43 -6.10 -1.69
C ARG A 360 -32.30 -6.48 -2.67
N GLU A 361 -32.04 -5.66 -3.68
CA GLU A 361 -31.17 -6.01 -4.80
C GLU A 361 -29.70 -6.02 -4.43
N GLY A 362 -29.34 -5.33 -3.36
CA GLY A 362 -27.93 -5.16 -2.95
C GLY A 362 -27.47 -6.24 -1.98
N LEU A 363 -28.39 -7.00 -1.41
CA LEU A 363 -28.01 -7.97 -0.35
C LEU A 363 -27.26 -9.14 -0.97
N VAL A 364 -26.16 -9.54 -0.35
CA VAL A 364 -25.26 -10.56 -0.96
C VAL A 364 -25.26 -11.78 -0.06
N LEU A 365 -25.69 -12.91 -0.60
CA LEU A 365 -25.58 -14.17 0.16
C LEU A 365 -24.17 -14.70 0.03
N LEU A 366 -23.43 -14.77 1.12
CA LEU A 366 -22.04 -15.20 1.09
C LEU A 366 -21.89 -16.69 1.44
N LYS A 367 -22.82 -17.26 2.20
CA LYS A 367 -22.73 -18.67 2.64
C LYS A 367 -24.13 -19.13 2.99
N ASN A 368 -24.46 -20.39 2.67
CA ASN A 368 -25.77 -20.94 3.01
C ASN A 368 -25.62 -22.47 3.06
N ARG A 369 -25.27 -22.98 4.22
CA ARG A 369 -24.99 -24.44 4.41
C ARG A 369 -26.32 -25.19 4.42
N ASP A 370 -26.43 -26.20 3.55
CA ASP A 370 -27.49 -27.24 3.57
C ASP A 370 -28.86 -26.55 3.50
N GLY A 371 -28.98 -25.45 2.77
CA GLY A 371 -30.29 -24.82 2.55
C GLY A 371 -30.94 -24.30 3.82
N LEU A 372 -30.17 -23.84 4.80
CA LEU A 372 -30.76 -23.22 6.01
C LEU A 372 -31.64 -22.03 5.62
N LEU A 373 -31.16 -21.15 4.75
CA LEU A 373 -31.98 -20.08 4.20
C LEU A 373 -32.60 -20.58 2.93
N PRO A 374 -33.83 -20.16 2.59
CA PRO A 374 -34.64 -19.25 3.40
C PRO A 374 -35.30 -19.94 4.60
N LEU A 375 -35.51 -19.17 5.64
CA LEU A 375 -36.22 -19.59 6.88
C LEU A 375 -37.72 -19.69 6.63
N LYS A 376 -38.39 -20.52 7.42
CA LYS A 376 -39.85 -20.57 7.49
C LYS A 376 -40.29 -19.58 8.56
N LYS A 377 -41.46 -18.97 8.36
CA LYS A 377 -42.03 -17.99 9.31
C LYS A 377 -42.72 -18.77 10.42
N GLN A 378 -41.96 -19.38 11.30
CA GLN A 378 -42.52 -20.24 12.37
C GLN A 378 -41.44 -20.48 13.43
N GLY A 379 -41.85 -21.01 14.58
CA GLY A 379 -40.94 -21.42 15.65
C GLY A 379 -40.45 -20.22 16.47
N ARG A 380 -39.29 -20.39 17.08
CA ARG A 380 -38.69 -19.42 18.01
C ARG A 380 -37.34 -18.99 17.41
N ILE A 381 -37.22 -17.70 17.14
CA ILE A 381 -36.00 -17.16 16.48
C ILE A 381 -35.34 -16.20 17.48
N ALA A 382 -34.11 -16.49 17.88
CA ALA A 382 -33.34 -15.53 18.71
C ALA A 382 -32.69 -14.50 17.79
N VAL A 383 -32.92 -13.21 18.05
CA VAL A 383 -32.35 -12.10 17.25
C VAL A 383 -31.35 -11.41 18.17
N ILE A 384 -30.08 -11.51 17.85
CA ILE A 384 -29.00 -11.21 18.80
C ILE A 384 -27.96 -10.32 18.13
N GLY A 385 -27.49 -9.31 18.87
CA GLY A 385 -26.33 -8.51 18.43
C GLY A 385 -26.61 -7.02 18.48
N PRO A 386 -25.54 -6.22 18.52
CA PRO A 386 -25.69 -4.77 18.71
C PRO A 386 -26.29 -4.03 17.51
N LEU A 387 -26.36 -4.66 16.35
CA LEU A 387 -26.95 -4.00 15.17
CA LEU A 387 -26.94 -4.01 15.16
C LEU A 387 -28.40 -4.42 14.96
N ALA A 388 -28.93 -5.35 15.75
CA ALA A 388 -30.28 -5.86 15.49
C ALA A 388 -31.37 -4.80 15.62
N LYS A 389 -31.27 -3.97 16.67
CA LYS A 389 -32.26 -2.90 16.91
C LYS A 389 -31.66 -1.51 16.65
N SER A 390 -30.66 -1.39 15.81
CA SER A 390 -30.04 -0.08 15.55
C SER A 390 -30.70 0.62 14.36
N GLN A 391 -31.43 1.70 14.62
CA GLN A 391 -31.93 2.57 13.54
C GLN A 391 -30.82 3.47 13.03
N ARG A 392 -29.92 3.92 13.90
CA ARG A 392 -28.85 4.85 13.47
C ARG A 392 -27.95 4.14 12.48
N ASP A 393 -27.66 2.86 12.72
CA ASP A 393 -26.66 2.21 11.84
C ASP A 393 -27.27 1.79 10.50
N VAL A 394 -28.54 1.40 10.47
CA VAL A 394 -29.09 0.80 9.23
C VAL A 394 -29.11 1.85 8.13
N ILE A 395 -29.21 3.14 8.45
CA ILE A 395 -29.23 4.19 7.38
C ILE A 395 -27.82 4.53 6.89
N GLY A 396 -26.77 4.06 7.56
CA GLY A 396 -25.40 4.20 7.06
C GLY A 396 -24.79 5.56 7.34
N SER A 397 -23.54 5.71 6.91
CA SER A 397 -22.89 7.02 6.87
C SER A 397 -23.46 7.86 5.72
N TRP A 398 -23.25 9.17 5.78
CA TRP A 398 -23.70 10.18 4.78
C TRP A 398 -25.18 9.93 4.51
N SER A 399 -25.93 9.96 5.59
CA SER A 399 -27.38 9.66 5.53
C SER A 399 -28.20 10.93 5.36
N ALA A 400 -27.58 12.07 5.04
CA ALA A 400 -28.31 13.27 4.57
C ALA A 400 -29.42 13.62 5.59
N ALA A 401 -30.63 13.82 5.13
CA ALA A 401 -31.76 14.21 6.00
C ALA A 401 -32.55 13.00 6.50
N GLY A 402 -31.99 11.80 6.36
CA GLY A 402 -32.64 10.60 6.91
C GLY A 402 -32.85 10.73 8.40
N VAL A 403 -34.01 10.24 8.83
CA VAL A 403 -34.41 10.28 10.25
C VAL A 403 -34.28 8.88 10.80
N PRO A 404 -33.38 8.62 11.74
CA PRO A 404 -33.26 7.26 12.29
C PRO A 404 -34.59 6.70 12.80
N ARG A 405 -35.40 7.52 13.45
CA ARG A 405 -36.69 6.98 14.01
C ARG A 405 -37.62 6.49 12.90
N GLN A 406 -37.41 6.84 11.63
CA GLN A 406 -38.27 6.38 10.53
C GLN A 406 -37.73 5.06 9.95
N ALA A 407 -36.53 4.65 10.36
CA ALA A 407 -35.88 3.47 9.76
C ALA A 407 -36.41 2.15 10.36
N VAL A 408 -36.39 1.11 9.52
CA VAL A 408 -36.81 -0.25 9.93
C VAL A 408 -35.57 -1.05 10.33
N THR A 409 -35.44 -1.38 11.60
CA THR A 409 -34.34 -2.26 12.07
C THR A 409 -34.49 -3.70 11.57
N VAL A 410 -33.41 -4.44 11.66
CA VAL A 410 -33.49 -5.89 11.32
C VAL A 410 -34.51 -6.55 12.24
N TYR A 411 -34.45 -6.26 13.53
CA TYR A 411 -35.46 -6.82 14.47
C TYR A 411 -36.88 -6.50 13.99
N GLN A 412 -37.17 -5.23 13.68
CA GLN A 412 -38.52 -4.81 13.31
C GLN A 412 -38.93 -5.44 12.00
N GLY A 413 -38.00 -5.61 11.06
CA GLY A 413 -38.31 -6.27 9.78
C GLY A 413 -38.74 -7.72 10.03
N LEU A 414 -38.06 -8.40 10.94
CA LEU A 414 -38.41 -9.79 11.24
C LEU A 414 -39.79 -9.80 11.93
N ALA A 415 -40.03 -8.85 12.84
CA ALA A 415 -41.34 -8.78 13.58
C ALA A 415 -42.46 -8.55 12.57
N ASN A 416 -42.24 -7.66 11.61
CA ASN A 416 -43.22 -7.32 10.55
C ASN A 416 -43.54 -8.58 9.72
N ALA A 417 -42.53 -9.38 9.43
CA ALA A 417 -42.67 -10.53 8.51
C ALA A 417 -43.47 -11.64 9.19
N VAL A 418 -43.21 -11.91 10.47
CA VAL A 418 -43.73 -13.13 11.16
C VAL A 418 -45.08 -12.85 11.84
N GLY A 419 -45.40 -11.57 12.10
CA GLY A 419 -46.58 -11.20 12.90
C GLY A 419 -46.70 -12.10 14.11
N GLU A 420 -47.80 -12.85 14.23
CA GLU A 420 -48.01 -13.74 15.40
C GLU A 420 -47.66 -15.20 15.03
N ARG A 421 -47.11 -15.47 13.85
CA ARG A 421 -46.85 -16.86 13.38
C ARG A 421 -45.53 -17.38 13.95
N ALA A 422 -44.63 -16.54 14.47
CA ALA A 422 -43.36 -16.99 15.09
C ALA A 422 -43.05 -16.09 16.27
N THR A 423 -42.20 -16.57 17.16
CA THR A 423 -41.78 -15.83 18.36
C THR A 423 -40.34 -15.34 18.17
N LEU A 424 -40.14 -14.04 18.31
CA LEU A 424 -38.77 -13.50 18.30
C LEU A 424 -38.29 -13.28 19.72
N LEU A 425 -37.03 -13.61 19.98
CA LEU A 425 -36.41 -13.38 21.30
C LEU A 425 -35.20 -12.50 21.04
N TYR A 426 -35.03 -11.46 21.81
CA TYR A 426 -33.98 -10.46 21.57
C TYR A 426 -32.96 -10.47 22.70
N ALA A 427 -31.69 -10.28 22.35
CA ALA A 427 -30.62 -9.96 23.29
C ALA A 427 -29.57 -9.16 22.56
N LYS A 428 -29.12 -8.07 23.16
CA LYS A 428 -28.09 -7.27 22.52
C LYS A 428 -26.81 -8.09 22.34
N GLY A 429 -26.37 -8.84 23.36
CA GLY A 429 -25.23 -9.76 23.18
C GLY A 429 -23.88 -9.15 23.43
N ALA A 430 -23.62 -7.98 22.83
CA ALA A 430 -22.36 -7.26 22.99
C ALA A 430 -22.64 -5.82 22.58
N ASN A 431 -21.80 -4.93 23.07
CA ASN A 431 -21.74 -3.57 22.50
C ASN A 431 -20.99 -3.67 21.16
N VAL A 432 -21.10 -2.64 20.34
CA VAL A 432 -20.49 -2.66 18.98
C VAL A 432 -18.98 -2.86 19.11
N SER A 433 -18.38 -2.33 20.17
CA SER A 433 -16.96 -2.53 20.52
C SER A 433 -16.85 -2.76 22.02
N GLY A 434 -15.89 -3.56 22.40
CA GLY A 434 -15.51 -3.75 23.82
C GLY A 434 -14.31 -2.91 24.17
N ASP A 435 -13.76 -2.16 23.22
CA ASP A 435 -12.58 -1.28 23.44
C ASP A 435 -13.14 0.10 23.77
N GLN A 436 -12.96 0.57 24.99
CA GLN A 436 -13.58 1.85 25.40
C GLN A 436 -13.01 3.00 24.55
N ALA A 437 -11.77 2.92 24.08
CA ALA A 437 -11.18 4.01 23.27
C ALA A 437 -11.91 4.10 21.93
N ILE A 438 -12.33 2.95 21.38
CA ILE A 438 -13.14 2.95 20.13
C ILE A 438 -14.54 3.49 20.39
N LEU A 439 -15.17 3.10 21.51
CA LEU A 439 -16.48 3.70 21.83
C LEU A 439 -16.31 5.20 22.01
N ASP A 440 -15.22 5.66 22.63
CA ASP A 440 -14.99 7.12 22.83
C ASP A 440 -14.90 7.84 21.48
N TYR A 441 -14.20 7.22 20.54
CA TYR A 441 -14.12 7.77 19.17
C TYR A 441 -15.53 7.85 18.55
N LEU A 442 -16.28 6.75 18.59
CA LEU A 442 -17.57 6.67 17.87
C LEU A 442 -18.62 7.63 18.48
N ASN A 443 -18.50 7.94 19.76
CA ASN A 443 -19.41 8.91 20.42
C ASN A 443 -18.80 10.32 20.48
N SER A 444 -17.70 10.57 19.78
CA SER A 444 -17.10 11.92 19.61
C SER A 444 -18.01 12.70 18.65
N TYR A 445 -18.33 13.92 19.04
CA TYR A 445 -19.16 14.93 18.33
C TYR A 445 -20.65 14.72 18.53
N ASN A 446 -21.13 13.50 18.28
CA ASN A 446 -22.55 13.13 18.39
C ASN A 446 -22.60 11.77 19.02
N PRO A 447 -23.54 11.54 19.97
CA PRO A 447 -23.70 10.23 20.59
C PRO A 447 -24.41 9.33 19.58
N GLU A 448 -23.64 8.50 18.88
CA GLU A 448 -24.17 7.68 17.76
C GLU A 448 -24.27 6.21 18.15
N VAL A 449 -23.66 5.80 19.26
CA VAL A 449 -23.62 4.38 19.69
C VAL A 449 -24.18 4.29 21.10
N GLU A 450 -25.23 3.48 21.24
CA GLU A 450 -25.83 3.14 22.54
C GLU A 450 -24.94 2.13 23.21
N VAL A 451 -24.47 2.45 24.41
CA VAL A 451 -23.59 1.58 25.17
C VAL A 451 -24.45 0.95 26.26
N ASP A 452 -24.60 -0.36 26.21
CA ASP A 452 -25.20 -1.12 27.30
C ASP A 452 -24.22 -1.02 28.45
N PRO A 453 -24.66 -0.60 29.65
CA PRO A 453 -23.72 -0.44 30.76
C PRO A 453 -23.35 -1.76 31.45
N ARG A 454 -23.98 -2.88 31.08
CA ARG A 454 -23.63 -4.18 31.72
C ARG A 454 -22.24 -4.65 31.30
N SER A 455 -21.64 -5.53 32.08
CA SER A 455 -20.35 -6.14 31.74
C SER A 455 -20.51 -6.94 30.43
N ALA A 456 -19.44 -7.11 29.69
CA ALA A 456 -19.45 -7.97 28.47
C ALA A 456 -19.95 -9.38 28.83
N GLU A 457 -19.52 -9.90 29.98
CA GLU A 457 -19.92 -11.26 30.42
C GLU A 457 -21.44 -11.33 30.68
N ALA A 458 -22.04 -10.33 31.32
CA ALA A 458 -23.50 -10.34 31.60
C ALA A 458 -24.28 -10.31 30.28
N MET A 459 -23.84 -9.49 29.33
CA MET A 459 -24.50 -9.42 28.00
C MET A 459 -24.39 -10.79 27.29
N LEU A 460 -23.24 -11.40 27.38
CA LEU A 460 -23.03 -12.73 26.75
C LEU A 460 -23.93 -13.76 27.41
N GLU A 461 -24.04 -13.78 28.73
CA GLU A 461 -24.86 -14.82 29.41
C GLU A 461 -26.33 -14.62 29.04
N GLU A 462 -26.79 -13.37 28.92
CA GLU A 462 -28.17 -13.10 28.48
C GLU A 462 -28.39 -13.64 27.07
N ALA A 463 -27.45 -13.37 26.17
CA ALA A 463 -27.57 -13.84 24.79
C ALA A 463 -27.56 -15.37 24.75
N LEU A 464 -26.73 -16.02 25.57
CA LEU A 464 -26.67 -17.50 25.55
C LEU A 464 -27.99 -18.06 26.09
N ARG A 465 -28.58 -17.46 27.13
CA ARG A 465 -29.93 -17.91 27.56
C ARG A 465 -30.95 -17.77 26.46
N THR A 466 -30.92 -16.66 25.72
CA THR A 466 -31.87 -16.40 24.64
C THR A 466 -31.65 -17.45 23.55
N ALA A 467 -30.40 -17.73 23.18
CA ALA A 467 -30.11 -18.69 22.09
C ALA A 467 -30.59 -20.09 22.50
N ARG A 468 -30.37 -20.44 23.74
CA ARG A 468 -30.72 -21.79 24.27
C ARG A 468 -32.25 -21.95 24.24
N ASP A 469 -33.01 -20.88 24.28
CA ASP A 469 -34.48 -20.94 24.30
C ASP A 469 -35.04 -20.88 22.88
N ALA A 470 -34.19 -20.89 21.85
CA ALA A 470 -34.66 -20.66 20.47
C ALA A 470 -34.39 -21.89 19.60
N ASP A 471 -34.98 -21.93 18.42
CA ASP A 471 -34.72 -22.95 17.39
C ASP A 471 -33.48 -22.54 16.58
N LEU A 472 -33.23 -21.24 16.44
CA LEU A 472 -32.09 -20.81 15.62
C LEU A 472 -31.77 -19.37 15.99
N VAL A 473 -30.58 -18.95 15.59
CA VAL A 473 -30.05 -17.61 15.97
C VAL A 473 -29.81 -16.79 14.72
N VAL A 474 -30.40 -15.62 14.69
CA VAL A 474 -30.06 -14.57 13.67
C VAL A 474 -29.17 -13.57 14.40
N ALA A 475 -27.88 -13.59 14.12
CA ALA A 475 -26.91 -12.69 14.76
C ALA A 475 -26.71 -11.49 13.83
N VAL A 476 -27.00 -10.30 14.30
CA VAL A 476 -26.94 -9.06 13.51
C VAL A 476 -25.72 -8.31 14.05
N VAL A 477 -24.65 -8.36 13.29
CA VAL A 477 -23.31 -8.01 13.75
C VAL A 477 -22.57 -7.26 12.66
N GLY A 478 -21.47 -6.60 13.06
CA GLY A 478 -20.56 -5.98 12.11
C GLY A 478 -20.15 -4.61 12.60
N GLU A 479 -20.11 -3.63 11.71
CA GLU A 479 -19.62 -2.27 12.02
C GLU A 479 -20.79 -1.36 12.33
N SER A 480 -20.60 -0.41 13.21
CA SER A 480 -21.47 0.76 13.30
C SER A 480 -21.10 1.73 12.18
N GLN A 481 -22.04 2.59 11.80
CA GLN A 481 -21.82 3.38 10.57
C GLN A 481 -20.66 4.35 10.78
N GLY A 482 -20.39 4.78 12.01
CA GLY A 482 -19.26 5.69 12.26
C GLY A 482 -17.91 5.00 12.12
N MET A 483 -17.88 3.67 11.92
CA MET A 483 -16.61 2.96 11.65
C MET A 483 -16.29 3.02 10.17
N ALA A 484 -17.24 3.43 9.34
CA ALA A 484 -17.03 3.43 7.86
C ALA A 484 -17.53 4.75 7.32
N HIS A 485 -16.84 5.78 7.75
CA HIS A 485 -17.24 7.16 7.45
C HIS A 485 -15.97 7.99 7.18
N GLU A 486 -16.15 9.23 6.85
CA GLU A 486 -14.97 10.10 6.71
C GLU A 486 -14.06 9.97 7.93
N ALA A 487 -12.75 9.92 7.68
CA ALA A 487 -11.64 9.87 8.68
C ALA A 487 -11.63 8.55 9.48
N SER A 488 -12.56 7.59 9.32
CA SER A 488 -12.59 6.38 10.17
CA SER A 488 -12.58 6.39 10.17
C SER A 488 -11.81 5.23 9.51
N SER A 489 -10.52 5.42 9.32
CA SER A 489 -9.71 4.35 8.73
C SER A 489 -9.46 3.30 9.79
N ARG A 490 -9.49 2.05 9.37
CA ARG A 490 -9.33 0.88 10.25
C ARG A 490 -8.01 0.16 9.97
N THR A 491 -7.38 -0.33 11.03
CA THR A 491 -6.20 -1.21 10.96
C THR A 491 -6.60 -2.68 11.05
N ASP A 492 -7.85 -3.01 11.31
CA ASP A 492 -8.36 -4.38 11.51
C ASP A 492 -9.60 -4.46 10.62
N LEU A 493 -9.74 -5.46 9.79
CA LEU A 493 -10.94 -5.58 8.94
C LEU A 493 -11.91 -6.64 9.49
N ARG A 494 -11.65 -7.16 10.66
CA ARG A 494 -12.58 -8.17 11.24
C ARG A 494 -13.84 -7.50 11.82
N ILE A 495 -14.83 -8.33 12.05
CA ILE A 495 -15.91 -7.91 12.96
C ILE A 495 -15.24 -7.51 14.26
N PRO A 496 -15.76 -6.47 14.94
CA PRO A 496 -15.17 -6.10 16.23
C PRO A 496 -15.09 -7.27 17.22
N ALA A 497 -14.03 -7.28 18.03
CA ALA A 497 -13.71 -8.40 18.93
C ALA A 497 -14.87 -8.70 19.89
N SER A 498 -15.54 -7.69 20.40
CA SER A 498 -16.64 -7.94 21.39
C SER A 498 -17.69 -8.81 20.70
N GLN A 499 -17.96 -8.53 19.42
CA GLN A 499 -18.97 -9.26 18.67
C GLN A 499 -18.44 -10.65 18.24
N ARG A 500 -17.14 -10.79 17.92
CA ARG A 500 -16.62 -12.13 17.55
C ARG A 500 -16.64 -13.04 18.78
N ARG A 501 -16.43 -12.48 19.96
CA ARG A 501 -16.55 -13.28 21.21
C ARG A 501 -18.00 -13.79 21.32
N LEU A 502 -18.96 -12.93 21.07
CA LEU A 502 -20.41 -13.28 21.04
C LEU A 502 -20.65 -14.42 20.05
N LEU A 503 -20.15 -14.25 18.80
CA LEU A 503 -20.40 -15.27 17.75
C LEU A 503 -19.78 -16.60 18.19
N LYS A 504 -18.60 -16.62 18.77
CA LYS A 504 -17.95 -17.89 19.15
C LYS A 504 -18.81 -18.57 20.22
N ALA A 505 -19.30 -17.79 21.16
CA ALA A 505 -20.15 -18.35 22.25
C ALA A 505 -21.47 -18.84 21.67
N LEU A 506 -22.07 -18.12 20.72
CA LEU A 506 -23.34 -18.54 20.10
C LEU A 506 -23.09 -19.84 19.32
N LYS A 507 -21.97 -19.95 18.62
CA LYS A 507 -21.68 -21.17 17.84
C LYS A 507 -21.67 -22.37 18.79
N ALA A 508 -21.11 -22.18 19.97
CA ALA A 508 -20.90 -23.29 20.95
C ALA A 508 -22.25 -23.80 21.50
N THR A 509 -23.35 -23.12 21.25
CA THR A 509 -24.71 -23.60 21.67
C THR A 509 -25.23 -24.72 20.78
N GLY A 510 -24.68 -24.83 19.57
CA GLY A 510 -25.16 -25.78 18.56
C GLY A 510 -26.39 -25.32 17.81
N LYS A 511 -26.97 -24.14 18.10
CA LYS A 511 -28.14 -23.65 17.38
C LYS A 511 -27.66 -23.26 15.98
N PRO A 512 -28.48 -23.48 14.92
CA PRO A 512 -28.16 -22.95 13.59
C PRO A 512 -27.87 -21.44 13.70
N LEU A 513 -26.80 -20.99 13.07
CA LEU A 513 -26.33 -19.60 13.26
C LEU A 513 -26.35 -18.87 11.92
N VAL A 514 -27.22 -17.89 11.79
CA VAL A 514 -27.36 -17.06 10.58
C VAL A 514 -26.71 -15.72 10.90
N LEU A 515 -25.69 -15.31 10.14
CA LEU A 515 -25.10 -13.98 10.35
C LEU A 515 -25.70 -12.99 9.37
N VAL A 516 -26.22 -11.92 9.91
CA VAL A 516 -26.67 -10.74 9.14
C VAL A 516 -25.63 -9.65 9.39
N LEU A 517 -24.83 -9.36 8.37
CA LEU A 517 -23.66 -8.47 8.52
C LEU A 517 -24.06 -7.06 8.09
N MET A 518 -23.72 -6.08 8.90
CA MET A 518 -23.79 -4.67 8.49
C MET A 518 -22.35 -4.18 8.50
N ASN A 519 -22.03 -3.35 7.54
CA ASN A 519 -20.63 -2.89 7.40
C ASN A 519 -20.56 -1.97 6.19
N GLY A 520 -19.53 -1.13 6.17
CA GLY A 520 -19.37 -0.15 5.08
C GLY A 520 -18.13 -0.40 4.26
N ARG A 521 -17.47 -1.53 4.45
CA ARG A 521 -16.22 -1.87 3.75
C ARG A 521 -16.16 -3.38 3.73
N PRO A 522 -15.34 -3.96 2.86
CA PRO A 522 -15.01 -5.37 3.00
C PRO A 522 -14.54 -5.72 4.42
N LEU A 523 -14.95 -6.88 4.91
CA LEU A 523 -14.51 -7.41 6.22
C LEU A 523 -13.78 -8.71 6.02
N SER A 524 -12.86 -8.98 6.93
CA SER A 524 -12.12 -10.26 7.05
CA SER A 524 -12.13 -10.26 7.05
CA SER A 524 -12.14 -10.27 7.02
C SER A 524 -13.03 -11.27 7.78
N LEU A 525 -13.45 -12.33 7.10
CA LEU A 525 -14.54 -13.20 7.61
C LEU A 525 -14.14 -14.67 7.62
N GLY A 526 -12.85 -14.96 7.81
CA GLY A 526 -12.41 -16.37 7.70
C GLY A 526 -13.10 -17.24 8.75
N TRP A 527 -13.17 -16.80 10.01
CA TRP A 527 -13.81 -17.65 11.07
C TRP A 527 -15.28 -17.83 10.71
N GLU A 528 -15.90 -16.74 10.29
CA GLU A 528 -17.35 -16.75 9.98
C GLU A 528 -17.64 -17.71 8.82
N GLN A 529 -16.83 -17.64 7.76
CA GLN A 529 -17.05 -18.52 6.59
C GLN A 529 -16.89 -20.01 7.02
N GLU A 530 -16.04 -20.30 7.99
CA GLU A 530 -15.83 -21.69 8.45
C GLU A 530 -16.99 -22.12 9.38
N ASN A 531 -17.52 -21.22 10.20
CA ASN A 531 -18.36 -21.64 11.35
C ASN A 531 -19.83 -21.24 11.21
N ALA A 532 -20.14 -20.08 10.61
CA ALA A 532 -21.56 -19.68 10.52
C ALA A 532 -22.29 -20.68 9.63
N ASP A 533 -23.58 -20.86 9.83
CA ASP A 533 -24.32 -21.74 8.91
C ASP A 533 -24.79 -20.95 7.69
N ALA A 534 -25.07 -19.65 7.82
CA ALA A 534 -25.38 -18.82 6.65
C ALA A 534 -24.88 -17.42 6.92
N ILE A 535 -24.54 -16.69 5.88
CA ILE A 535 -24.00 -15.30 6.02
C ILE A 535 -24.63 -14.44 4.94
N LEU A 536 -25.30 -13.38 5.36
CA LEU A 536 -25.94 -12.42 4.43
C LEU A 536 -25.27 -11.06 4.66
N GLU A 537 -24.63 -10.56 3.62
CA GLU A 537 -24.03 -9.21 3.61
C GLU A 537 -25.12 -8.18 3.33
N THR A 538 -25.38 -7.26 4.25
CA THR A 538 -26.46 -6.27 4.06
C THR A 538 -25.91 -4.85 4.03
N TRP A 539 -24.59 -4.67 4.08
CA TRP A 539 -23.99 -3.33 3.98
C TRP A 539 -24.61 -2.43 5.05
N PHE A 540 -25.03 -1.22 4.71
CA PHE A 540 -26.03 -0.47 5.52
C PHE A 540 -27.19 -0.28 4.55
N SER A 541 -28.33 -0.92 4.78
CA SER A 541 -29.37 -1.09 3.72
CA SER A 541 -29.38 -1.11 3.73
C SER A 541 -30.44 0.02 3.72
N GLY A 542 -30.35 1.00 4.61
CA GLY A 542 -31.20 2.21 4.49
C GLY A 542 -32.46 2.17 5.30
N THR A 543 -33.34 3.12 5.02
CA THR A 543 -34.60 3.34 5.78
C THR A 543 -35.48 2.08 5.80
N GLU A 544 -35.51 1.32 4.71
CA GLU A 544 -36.30 0.07 4.64
C GLU A 544 -35.40 -1.14 4.80
N GLY A 545 -34.18 -0.96 5.32
CA GLY A 545 -33.23 -2.08 5.34
C GLY A 545 -33.79 -3.31 6.01
N GLY A 546 -34.38 -3.17 7.18
CA GLY A 546 -34.82 -4.34 7.95
C GLY A 546 -35.92 -5.08 7.21
N ASN A 547 -36.79 -4.39 6.48
CA ASN A 547 -37.85 -5.08 5.71
C ASN A 547 -37.26 -5.81 4.50
N ALA A 548 -36.27 -5.21 3.82
CA ALA A 548 -35.63 -5.86 2.67
C ALA A 548 -34.85 -7.10 3.16
N ILE A 549 -34.19 -6.98 4.31
CA ILE A 549 -33.42 -8.11 4.89
C ILE A 549 -34.38 -9.25 5.26
N ALA A 550 -35.50 -8.96 5.94
CA ALA A 550 -36.48 -10.00 6.22
C ALA A 550 -37.04 -10.61 4.93
N ASP A 551 -37.26 -9.83 3.87
CA ASP A 551 -37.74 -10.35 2.58
C ASP A 551 -36.77 -11.42 2.09
N VAL A 552 -35.47 -11.22 2.21
CA VAL A 552 -34.49 -12.22 1.75
C VAL A 552 -34.47 -13.37 2.71
N LEU A 553 -34.41 -13.14 4.00
CA LEU A 553 -34.28 -14.23 4.99
C LEU A 553 -35.45 -15.20 4.92
N PHE A 554 -36.63 -14.73 4.57
CA PHE A 554 -37.83 -15.61 4.52
C PHE A 554 -38.17 -16.03 3.10
N GLY A 555 -37.33 -15.67 2.14
CA GLY A 555 -37.41 -16.18 0.74
C GLY A 555 -38.47 -15.50 -0.10
N GLU A 556 -38.92 -14.34 0.31
CA GLU A 556 -39.78 -13.50 -0.53
C GLU A 556 -38.93 -12.96 -1.67
N HIS A 557 -37.64 -12.72 -1.43
CA HIS A 557 -36.71 -12.26 -2.47
C HIS A 557 -35.55 -13.25 -2.45
N ASN A 558 -35.15 -13.74 -3.60
CA ASN A 558 -33.98 -14.63 -3.73
C ASN A 558 -32.75 -13.73 -3.81
N PRO A 559 -31.78 -13.82 -2.88
CA PRO A 559 -30.63 -12.92 -2.96
C PRO A 559 -29.95 -12.95 -4.34
N SER A 560 -29.64 -11.76 -4.82
CA SER A 560 -29.10 -11.56 -6.19
C SER A 560 -27.88 -10.63 -6.16
N GLY A 561 -27.50 -10.12 -5.01
CA GLY A 561 -26.38 -9.18 -4.94
C GLY A 561 -25.07 -9.91 -5.19
N LYS A 562 -24.12 -9.18 -5.78
CA LYS A 562 -22.75 -9.70 -5.97
C LYS A 562 -21.76 -8.64 -5.59
N LEU A 563 -20.65 -9.05 -5.01
CA LEU A 563 -19.60 -8.12 -4.53
C LEU A 563 -19.06 -7.30 -5.67
N THR A 564 -18.79 -6.01 -5.40
CA THR A 564 -18.04 -5.18 -6.38
C THR A 564 -16.66 -4.79 -5.82
N MET A 565 -16.31 -5.34 -4.67
CA MET A 565 -14.95 -5.15 -4.09
C MET A 565 -14.58 -6.49 -3.47
N SER A 566 -13.34 -6.88 -3.68
CA SER A 566 -12.76 -8.16 -3.20
C SER A 566 -12.71 -8.11 -1.67
N PHE A 567 -13.00 -9.23 -0.98
CA PHE A 567 -12.93 -9.28 0.49
C PHE A 567 -11.63 -9.95 0.87
N PRO A 568 -10.67 -9.21 1.47
CA PRO A 568 -9.39 -9.78 1.79
C PRO A 568 -9.58 -10.81 2.90
N ARG A 569 -8.66 -11.77 2.97
CA ARG A 569 -8.65 -12.71 4.13
C ARG A 569 -8.23 -11.97 5.39
N SER A 570 -7.38 -10.95 5.29
CA SER A 570 -7.00 -10.13 6.44
C SER A 570 -6.46 -8.80 5.95
N VAL A 571 -6.33 -7.87 6.86
CA VAL A 571 -5.79 -6.53 6.55
C VAL A 571 -4.35 -6.62 6.05
N GLY A 572 -3.62 -7.67 6.47
CA GLY A 572 -2.23 -7.79 6.03
C GLY A 572 -2.11 -8.19 4.60
N GLN A 573 -3.20 -8.50 3.88
CA GLN A 573 -3.17 -8.74 2.42
C GLN A 573 -3.47 -7.49 1.61
N VAL A 574 -3.77 -6.34 2.21
CA VAL A 574 -4.23 -5.16 1.44
C VAL A 574 -3.05 -4.68 0.61
N PRO A 575 -3.28 -4.32 -0.67
CA PRO A 575 -4.56 -4.42 -1.36
C PRO A 575 -4.74 -5.73 -2.07
N VAL A 576 -6.00 -6.16 -2.15
CA VAL A 576 -6.38 -7.27 -3.03
CA VAL A 576 -6.46 -7.31 -2.94
C VAL A 576 -7.50 -6.75 -3.91
N TYR A 577 -7.35 -7.01 -5.17
CA TYR A 577 -8.37 -6.63 -6.15
C TYR A 577 -8.22 -7.54 -7.35
N TYR A 578 -9.29 -7.72 -8.13
CA TYR A 578 -9.34 -8.82 -9.11
C TYR A 578 -8.52 -8.49 -10.39
N ASN A 579 -8.39 -7.23 -10.74
CA ASN A 579 -7.74 -6.81 -12.01
C ASN A 579 -6.30 -6.42 -11.73
N HIS A 580 -5.60 -7.34 -11.07
CA HIS A 580 -4.17 -7.18 -10.78
C HIS A 580 -3.33 -7.71 -11.92
N LEU A 581 -2.04 -7.39 -11.86
CA LEU A 581 -1.08 -7.89 -12.88
C LEU A 581 -0.58 -9.28 -12.50
N ASN A 582 -0.09 -10.02 -13.49
CA ASN A 582 0.27 -11.43 -13.27
C ASN A 582 1.55 -11.55 -12.42
N THR A 583 2.47 -10.64 -12.59
CA THR A 583 3.89 -10.71 -12.17
C THR A 583 4.61 -11.78 -13.03
N GLY A 584 5.93 -11.85 -12.84
CA GLY A 584 6.76 -12.89 -13.47
C GLY A 584 6.65 -14.22 -12.80
N ARG A 585 6.08 -14.26 -11.59
CA ARG A 585 6.05 -15.46 -10.72
C ARG A 585 4.70 -15.50 -10.04
N PRO A 586 3.63 -15.67 -10.82
CA PRO A 586 2.29 -15.67 -10.27
C PRO A 586 2.08 -16.82 -9.29
N MET A 587 1.26 -16.55 -8.26
CA MET A 587 0.70 -17.66 -7.46
C MET A 587 -0.77 -17.66 -7.81
N ASP A 588 -1.21 -18.76 -8.32
CA ASP A 588 -2.67 -19.00 -8.45
C ASP A 588 -2.82 -20.52 -8.38
N HIS A 589 -3.99 -21.08 -8.66
CA HIS A 589 -4.19 -22.56 -8.61
C HIS A 589 -3.20 -23.26 -9.56
N ASP A 590 -2.81 -22.63 -10.67
CA ASP A 590 -1.91 -23.24 -11.71
C ASP A 590 -0.43 -22.93 -11.44
N ASN A 591 -0.13 -22.17 -10.38
CA ASN A 591 1.26 -21.73 -10.05
C ASN A 591 1.42 -21.74 -8.53
N PRO A 592 1.38 -22.91 -7.84
CA PRO A 592 1.29 -22.96 -6.37
C PRO A 592 2.59 -22.95 -5.51
N GLY A 593 3.72 -22.68 -6.14
CA GLY A 593 5.04 -22.88 -5.53
C GLY A 593 5.37 -21.88 -4.41
N LYS A 594 6.49 -22.18 -3.76
CA LYS A 594 7.09 -21.31 -2.74
C LYS A 594 7.55 -19.99 -3.41
N TYR A 595 8.23 -20.06 -4.54
CA TYR A 595 8.88 -18.87 -5.14
C TYR A 595 7.92 -18.19 -6.12
N THR A 596 6.82 -17.74 -5.52
CA THR A 596 5.76 -16.99 -6.23
C THR A 596 5.36 -15.76 -5.41
N SER A 597 4.51 -14.94 -5.99
CA SER A 597 4.04 -13.68 -5.38
C SER A 597 2.88 -13.99 -4.43
N ARG A 598 3.19 -14.15 -3.15
CA ARG A 598 2.27 -14.75 -2.16
C ARG A 598 2.72 -14.43 -0.74
N TYR A 599 1.83 -14.66 0.21
CA TYR A 599 2.18 -14.71 1.64
C TYR A 599 2.36 -16.16 2.03
N PHE A 600 3.13 -16.40 3.10
CA PHE A 600 3.32 -17.80 3.56
C PHE A 600 2.51 -18.10 4.81
N ASP A 601 2.00 -17.11 5.51
CA ASP A 601 1.41 -17.31 6.85
C ASP A 601 -0.11 -17.26 6.84
N GLU A 602 -0.70 -17.23 5.67
CA GLU A 602 -2.18 -17.17 5.49
C GLU A 602 -2.46 -17.71 4.10
N ALA A 603 -3.66 -18.24 3.89
CA ALA A 603 -4.11 -18.68 2.55
C ALA A 603 -4.11 -17.46 1.64
N ASN A 604 -3.88 -17.67 0.38
CA ASN A 604 -3.73 -16.57 -0.58
C ASN A 604 -5.02 -16.32 -1.38
N GLY A 605 -5.08 -15.17 -2.03
CA GLY A 605 -6.29 -14.74 -2.74
C GLY A 605 -7.32 -14.19 -1.77
N PRO A 606 -8.35 -13.50 -2.31
CA PRO A 606 -9.42 -12.99 -1.48
C PRO A 606 -10.22 -14.15 -0.88
N LEU A 607 -10.86 -13.90 0.25
CA LEU A 607 -11.83 -14.87 0.78
C LEU A 607 -13.03 -14.94 -0.16
N TYR A 608 -13.51 -13.79 -0.62
CA TYR A 608 -14.65 -13.73 -1.58
C TYR A 608 -14.18 -12.83 -2.71
N PRO A 609 -14.18 -13.31 -3.95
CA PRO A 609 -13.66 -12.49 -5.06
C PRO A 609 -14.72 -11.51 -5.59
N PHE A 610 -14.23 -10.55 -6.35
CA PHE A 610 -15.08 -9.63 -7.13
C PHE A 610 -16.11 -10.41 -7.91
N GLY A 611 -17.36 -9.99 -7.83
CA GLY A 611 -18.46 -10.61 -8.57
C GLY A 611 -19.06 -11.81 -7.85
N TYR A 612 -18.63 -12.13 -6.63
CA TYR A 612 -19.13 -13.30 -5.86
C TYR A 612 -20.50 -13.00 -5.26
N GLY A 613 -21.36 -14.00 -5.31
CA GLY A 613 -22.58 -13.95 -4.49
C GLY A 613 -23.46 -15.12 -4.83
N LEU A 614 -24.06 -15.70 -3.81
CA LEU A 614 -24.82 -16.96 -3.97
C LEU A 614 -26.31 -16.63 -4.15
N SER A 615 -27.07 -17.70 -4.32
CA SER A 615 -28.52 -17.68 -4.58
C SER A 615 -29.17 -18.83 -3.83
N TYR A 616 -30.49 -18.77 -3.70
CA TYR A 616 -31.28 -19.92 -3.23
C TYR A 616 -31.55 -20.89 -4.39
N THR A 617 -31.21 -20.53 -5.61
CA THR A 617 -31.27 -21.48 -6.75
C THR A 617 -29.88 -21.68 -7.31
N GLU A 618 -29.79 -22.51 -8.33
CA GLU A 618 -28.51 -22.79 -9.02
CA GLU A 618 -28.52 -22.83 -9.03
C GLU A 618 -28.65 -22.34 -10.47
N PHE A 619 -27.55 -21.89 -11.03
CA PHE A 619 -27.51 -21.43 -12.43
C PHE A 619 -26.45 -22.22 -13.19
N SER A 620 -26.71 -22.35 -14.48
CA SER A 620 -25.82 -23.05 -15.44
C SER A 620 -25.55 -22.11 -16.61
N LEU A 621 -24.31 -22.11 -17.11
CA LEU A 621 -23.94 -21.38 -18.35
C LEU A 621 -23.53 -22.42 -19.38
N SER A 622 -24.02 -22.26 -20.60
CA SER A 622 -23.58 -23.06 -21.75
C SER A 622 -22.18 -22.61 -22.11
N PRO A 623 -21.50 -23.34 -23.03
CA PRO A 623 -20.15 -22.96 -23.42
C PRO A 623 -20.15 -21.59 -24.07
N LEU A 624 -19.10 -20.83 -23.80
CA LEU A 624 -18.94 -19.52 -24.43
C LEU A 624 -18.60 -19.70 -25.91
N ARG A 625 -19.27 -18.94 -26.75
CA ARG A 625 -19.01 -18.96 -28.21
C ARG A 625 -18.80 -17.53 -28.70
N LEU A 626 -17.74 -17.30 -29.49
CA LEU A 626 -17.50 -16.00 -30.12
C LEU A 626 -17.96 -16.06 -31.58
N SER A 627 -18.42 -14.94 -32.10
CA SER A 627 -18.99 -14.84 -33.47
C SER A 627 -17.88 -15.03 -34.52
N SER A 628 -16.61 -14.76 -34.17
CA SER A 628 -15.48 -15.11 -35.06
C SER A 628 -14.18 -15.19 -34.28
N GLU A 629 -13.18 -15.74 -34.94
CA GLU A 629 -11.84 -15.96 -34.38
C GLU A 629 -10.98 -14.73 -34.65
N ARG A 630 -11.41 -13.85 -35.54
CA ARG A 630 -10.64 -12.67 -35.98
C ARG A 630 -11.54 -11.47 -35.94
N LEU A 631 -11.00 -10.34 -35.49
CA LEU A 631 -11.75 -9.07 -35.42
C LEU A 631 -11.00 -8.03 -36.23
N ALA A 632 -11.63 -7.53 -37.28
CA ALA A 632 -11.09 -6.38 -38.02
C ALA A 632 -11.31 -5.08 -37.24
N ARG A 633 -10.40 -4.14 -37.41
CA ARG A 633 -10.60 -2.76 -36.91
C ARG A 633 -11.88 -2.17 -37.52
N GLY A 634 -12.66 -1.49 -36.70
CA GLY A 634 -13.97 -0.92 -37.07
C GLY A 634 -15.11 -1.90 -36.86
N ALA A 635 -14.85 -3.19 -36.63
CA ALA A 635 -15.93 -4.19 -36.49
C ALA A 635 -16.20 -4.45 -34.99
N THR A 636 -17.32 -5.11 -34.75
CA THR A 636 -17.78 -5.60 -33.42
C THR A 636 -17.78 -7.11 -33.49
N LEU A 637 -17.49 -7.69 -32.34
CA LEU A 637 -17.50 -9.13 -32.06
C LEU A 637 -18.68 -9.36 -31.13
N GLU A 638 -19.33 -10.52 -31.26
CA GLU A 638 -20.32 -11.00 -30.25
C GLU A 638 -19.75 -12.19 -29.47
N ALA A 639 -20.01 -12.21 -28.16
CA ALA A 639 -19.73 -13.32 -27.24
C ALA A 639 -21.09 -13.79 -26.75
N ARG A 640 -21.40 -15.05 -27.03
CA ARG A 640 -22.73 -15.58 -26.66
C ARG A 640 -22.61 -16.70 -25.65
N VAL A 641 -23.54 -16.66 -24.71
CA VAL A 641 -23.68 -17.74 -23.72
C VAL A 641 -25.16 -17.83 -23.35
N THR A 642 -25.61 -19.03 -23.05
CA THR A 642 -26.98 -19.23 -22.53
C THR A 642 -26.90 -19.43 -21.03
N LEU A 643 -27.67 -18.64 -20.31
CA LEU A 643 -27.86 -18.79 -18.85
C LEU A 643 -29.14 -19.57 -18.57
N SER A 644 -29.08 -20.53 -17.67
CA SER A 644 -30.27 -21.32 -17.25
CA SER A 644 -30.30 -21.27 -17.26
C SER A 644 -30.41 -21.31 -15.73
N ASN A 645 -31.61 -21.27 -15.24
CA ASN A 645 -31.91 -21.50 -13.82
C ASN A 645 -32.14 -23.00 -13.69
N SER A 646 -31.17 -23.69 -13.09
CA SER A 646 -31.21 -25.16 -13.01
C SER A 646 -31.65 -25.62 -11.60
N GLY A 647 -32.20 -24.72 -10.77
CA GLY A 647 -32.70 -25.02 -9.43
C GLY A 647 -34.22 -24.91 -9.31
N LYS A 648 -34.74 -24.70 -8.12
CA LYS A 648 -36.18 -24.79 -7.85
C LYS A 648 -36.83 -23.45 -7.48
N ARG A 649 -36.08 -22.36 -7.40
CA ARG A 649 -36.67 -21.05 -7.04
C ARG A 649 -36.28 -20.07 -8.13
N ALA A 650 -37.20 -19.16 -8.42
CA ALA A 650 -36.90 -18.03 -9.29
C ALA A 650 -35.78 -17.21 -8.64
N GLY A 651 -34.94 -16.62 -9.47
CA GLY A 651 -33.93 -15.69 -8.94
C GLY A 651 -33.12 -15.08 -10.05
N ALA A 652 -32.37 -14.05 -9.66
CA ALA A 652 -31.45 -13.40 -10.59
C ALA A 652 -30.01 -13.75 -10.24
N THR A 653 -29.19 -13.65 -11.27
CA THR A 653 -27.72 -13.67 -11.14
C THR A 653 -27.15 -12.69 -12.15
N VAL A 654 -25.85 -12.52 -12.11
CA VAL A 654 -25.17 -11.53 -12.97
C VAL A 654 -24.13 -12.27 -13.78
N VAL A 655 -24.29 -12.28 -15.09
CA VAL A 655 -23.31 -12.86 -16.03
C VAL A 655 -22.26 -11.81 -16.32
N GLN A 656 -21.01 -12.14 -16.05
CA GLN A 656 -19.90 -11.17 -16.14
C GLN A 656 -18.98 -11.54 -17.30
N LEU A 657 -18.55 -10.54 -18.05
CA LEU A 657 -17.60 -10.70 -19.14
C LEU A 657 -16.32 -9.98 -18.79
N TYR A 658 -15.21 -10.68 -18.89
CA TYR A 658 -13.88 -10.10 -18.62
C TYR A 658 -13.04 -10.28 -19.88
N LEU A 659 -12.10 -9.35 -20.06
CA LEU A 659 -11.11 -9.47 -21.14
CA LEU A 659 -11.11 -9.46 -21.14
C LEU A 659 -9.71 -9.55 -20.56
N GLN A 660 -8.86 -10.33 -21.22
CA GLN A 660 -7.41 -10.25 -20.95
C GLN A 660 -6.71 -9.96 -22.28
N ASP A 661 -5.69 -9.13 -22.22
CA ASP A 661 -4.78 -8.87 -23.35
C ASP A 661 -3.43 -9.47 -22.98
N PRO A 662 -3.20 -10.76 -23.29
CA PRO A 662 -2.06 -11.46 -22.70
C PRO A 662 -0.68 -11.05 -23.19
N VAL A 663 -0.59 -10.30 -24.30
CA VAL A 663 0.72 -9.83 -24.80
C VAL A 663 0.53 -8.36 -25.14
N ALA A 664 1.25 -7.48 -24.50
CA ALA A 664 1.07 -6.04 -24.70
C ALA A 664 2.35 -5.30 -24.39
N SER A 665 2.40 -4.04 -24.76
CA SER A 665 3.57 -3.16 -24.54
CA SER A 665 3.58 -3.17 -24.53
C SER A 665 3.68 -2.74 -23.07
N LEU A 666 2.61 -2.91 -22.30
CA LEU A 666 2.61 -2.84 -20.81
C LEU A 666 2.10 -4.21 -20.34
N SER A 667 2.44 -4.60 -19.10
CA SER A 667 1.82 -5.76 -18.43
C SER A 667 0.36 -5.41 -18.11
N ARG A 668 -0.59 -6.13 -18.69
CA ARG A 668 -2.03 -5.81 -18.52
C ARG A 668 -2.63 -6.78 -17.51
N PRO A 669 -3.74 -6.38 -16.90
CA PRO A 669 -4.35 -7.20 -15.86
C PRO A 669 -4.75 -8.60 -16.33
N VAL A 670 -4.79 -9.50 -15.38
CA VAL A 670 -5.16 -10.91 -15.67
C VAL A 670 -6.62 -10.97 -16.17
N LYS A 671 -7.46 -10.04 -15.74
CA LYS A 671 -8.85 -9.90 -16.22
C LYS A 671 -9.27 -8.45 -16.03
N GLU A 672 -10.15 -7.96 -16.90
CA GLU A 672 -10.73 -6.62 -16.73
C GLU A 672 -12.22 -6.72 -17.09
N LEU A 673 -13.13 -6.31 -16.23
CA LEU A 673 -14.57 -6.36 -16.56
C LEU A 673 -14.83 -5.52 -17.82
N ARG A 674 -15.57 -6.09 -18.76
CA ARG A 674 -15.94 -5.35 -19.98
C ARG A 674 -17.41 -5.57 -20.32
N GLY A 675 -18.20 -6.24 -19.49
CA GLY A 675 -19.64 -6.27 -19.70
C GLY A 675 -20.31 -7.08 -18.63
N PHE A 676 -21.59 -6.90 -18.48
CA PHE A 676 -22.34 -7.75 -17.55
C PHE A 676 -23.82 -7.69 -17.90
N ARG A 677 -24.53 -8.70 -17.44
CA ARG A 677 -26.00 -8.77 -17.67
C ARG A 677 -26.60 -9.35 -16.40
N LYS A 678 -27.46 -8.59 -15.77
CA LYS A 678 -28.24 -9.17 -14.66
C LYS A 678 -29.52 -9.74 -15.25
N VAL A 679 -29.83 -10.97 -14.89
CA VAL A 679 -30.94 -11.72 -15.49
C VAL A 679 -31.72 -12.39 -14.40
N MET A 680 -33.04 -12.13 -14.41
CA MET A 680 -33.99 -12.80 -13.51
C MET A 680 -34.62 -13.99 -14.24
N LEU A 681 -34.53 -15.19 -13.68
CA LEU A 681 -35.05 -16.40 -14.37
C LEU A 681 -35.94 -17.20 -13.45
N GLU A 682 -37.06 -17.66 -13.99
CA GLU A 682 -37.82 -18.68 -13.28
C GLU A 682 -37.07 -20.00 -13.36
N PRO A 683 -37.38 -20.99 -12.51
CA PRO A 683 -36.83 -22.33 -12.64
C PRO A 683 -37.02 -22.93 -14.04
N GLY A 684 -35.94 -23.46 -14.61
CA GLY A 684 -35.92 -24.02 -15.98
C GLY A 684 -35.97 -23.00 -17.09
N GLU A 685 -35.99 -21.70 -16.81
CA GLU A 685 -35.90 -20.65 -17.84
C GLU A 685 -34.45 -20.50 -18.30
N SER A 686 -34.30 -20.17 -19.57
CA SER A 686 -32.99 -19.85 -20.21
C SER A 686 -33.06 -18.49 -20.87
N ARG A 687 -31.92 -17.82 -20.93
CA ARG A 687 -31.78 -16.57 -21.66
C ARG A 687 -30.47 -16.64 -22.43
N GLU A 688 -30.53 -16.39 -23.73
CA GLU A 688 -29.31 -16.20 -24.54
C GLU A 688 -28.82 -14.79 -24.24
N ILE A 689 -27.58 -14.70 -23.83
CA ILE A 689 -26.92 -13.41 -23.52
C ILE A 689 -25.94 -13.18 -24.65
N VAL A 690 -26.03 -12.00 -25.23
CA VAL A 690 -25.13 -11.57 -26.31
C VAL A 690 -24.38 -10.34 -25.81
N PHE A 691 -23.08 -10.47 -25.63
CA PHE A 691 -22.21 -9.33 -25.34
C PHE A 691 -21.63 -8.86 -26.66
N ARG A 692 -21.51 -7.57 -26.78
CA ARG A 692 -20.80 -6.93 -27.91
C ARG A 692 -19.45 -6.41 -27.42
N LEU A 693 -18.41 -6.69 -28.19
CA LEU A 693 -17.05 -6.17 -27.95
C LEU A 693 -16.53 -5.51 -29.21
N GLY A 694 -15.96 -4.33 -29.05
CA GLY A 694 -15.24 -3.67 -30.15
C GLY A 694 -13.87 -3.21 -29.69
N GLU A 695 -13.16 -2.56 -30.60
CA GLU A 695 -11.79 -2.06 -30.32
C GLU A 695 -11.78 -1.20 -29.06
N ALA A 696 -12.83 -0.43 -28.77
CA ALA A 696 -12.86 0.49 -27.61
C ALA A 696 -12.67 -0.30 -26.31
N ASP A 697 -13.16 -1.54 -26.29
CA ASP A 697 -13.02 -2.44 -25.11
C ASP A 697 -11.56 -2.91 -24.97
N LEU A 698 -10.76 -2.79 -26.00
CA LEU A 698 -9.44 -3.44 -26.06
C LEU A 698 -8.29 -2.46 -25.84
N LYS A 699 -8.56 -1.16 -25.79
CA LYS A 699 -7.47 -0.17 -25.76
C LYS A 699 -6.99 0.06 -24.31
N PHE A 700 -5.78 0.52 -24.20
CA PHE A 700 -5.13 0.87 -22.94
C PHE A 700 -4.16 2.00 -23.20
N TYR A 701 -3.82 2.68 -22.13
CA TYR A 701 -2.78 3.72 -22.12
C TYR A 701 -1.42 3.08 -21.95
N ASP A 702 -0.52 3.29 -22.91
CA ASP A 702 0.84 2.75 -22.80
C ASP A 702 1.74 3.70 -21.99
N SER A 703 3.04 3.42 -21.95
CA SER A 703 3.99 4.17 -21.09
C SER A 703 4.00 5.65 -21.49
N GLN A 704 3.73 5.98 -22.75
CA GLN A 704 3.72 7.37 -23.25
C GLN A 704 2.31 7.96 -23.22
N LEU A 705 1.34 7.27 -22.60
CA LEU A 705 -0.10 7.60 -22.55
C LEU A 705 -0.69 7.68 -23.96
N ARG A 706 -0.15 6.92 -24.91
CA ARG A 706 -0.90 6.66 -26.15
C ARG A 706 -2.01 5.68 -25.83
N HIS A 707 -3.21 5.96 -26.30
CA HIS A 707 -4.39 5.10 -26.09
C HIS A 707 -4.57 4.14 -27.26
N THR A 708 -4.05 2.91 -27.12
CA THR A 708 -3.71 1.98 -28.21
C THR A 708 -4.46 0.66 -28.01
N ALA A 709 -4.94 0.03 -29.09
CA ALA A 709 -5.28 -1.41 -29.07
C ALA A 709 -4.30 -2.10 -30.01
N GLU A 710 -3.51 -3.03 -29.50
CA GLU A 710 -2.45 -3.68 -30.30
C GLU A 710 -3.00 -4.96 -30.92
N PRO A 711 -2.64 -5.23 -32.20
CA PRO A 711 -3.05 -6.49 -32.80
C PRO A 711 -2.50 -7.67 -32.00
N GLY A 712 -3.21 -8.78 -32.05
CA GLY A 712 -2.86 -9.98 -31.29
C GLY A 712 -4.05 -10.58 -30.58
N GLU A 713 -3.73 -11.54 -29.70
CA GLU A 713 -4.73 -12.32 -29.01
C GLU A 713 -5.45 -11.48 -27.96
N PHE A 714 -6.74 -11.69 -27.82
CA PHE A 714 -7.52 -11.31 -26.63
C PHE A 714 -8.24 -12.53 -26.13
N LYS A 715 -8.33 -12.66 -24.80
CA LYS A 715 -9.06 -13.77 -24.17
C LYS A 715 -10.32 -13.17 -23.58
N VAL A 716 -11.45 -13.80 -23.85
CA VAL A 716 -12.78 -13.41 -23.40
C VAL A 716 -13.20 -14.42 -22.36
N PHE A 717 -13.49 -13.98 -21.14
CA PHE A 717 -13.90 -14.85 -20.02
C PHE A 717 -15.34 -14.53 -19.65
N VAL A 718 -16.15 -15.55 -19.48
CA VAL A 718 -17.51 -15.37 -18.95
C VAL A 718 -17.72 -16.27 -17.75
N GLY A 719 -18.43 -15.76 -16.77
CA GLY A 719 -18.84 -16.57 -15.62
C GLY A 719 -19.70 -15.75 -14.68
N LEU A 720 -20.08 -16.40 -13.59
CA LEU A 720 -20.95 -15.76 -12.56
C LEU A 720 -20.14 -15.15 -11.40
N ASP A 721 -18.82 -15.19 -11.48
CA ASP A 721 -17.94 -14.33 -10.66
C ASP A 721 -16.58 -14.28 -11.36
N SER A 722 -15.67 -13.48 -10.86
CA SER A 722 -14.34 -13.29 -11.46
C SER A 722 -13.44 -14.52 -11.30
N ALA A 723 -13.75 -15.40 -10.37
CA ALA A 723 -12.94 -16.63 -10.12
C ALA A 723 -13.45 -17.86 -10.86
N GLN A 724 -14.70 -17.89 -11.29
CA GLN A 724 -15.38 -19.10 -11.85
C GLN A 724 -15.72 -18.81 -13.31
N THR A 725 -14.74 -18.76 -14.17
CA THR A 725 -14.95 -18.40 -15.57
C THR A 725 -14.37 -19.46 -16.51
N GLU A 726 -14.72 -19.31 -17.77
CA GLU A 726 -13.98 -20.02 -18.84
C GLU A 726 -13.72 -19.00 -19.94
N SER A 727 -12.73 -19.33 -20.77
CA SER A 727 -12.32 -18.38 -21.84
C SER A 727 -12.34 -18.96 -23.23
N ARG A 728 -12.53 -18.04 -24.17
CA ARG A 728 -12.23 -18.29 -25.61
C ARG A 728 -11.43 -17.13 -26.12
N SER A 729 -10.63 -17.36 -27.16
CA SER A 729 -9.74 -16.31 -27.68
C SER A 729 -10.17 -15.84 -29.06
N PHE A 730 -9.84 -14.60 -29.36
CA PHE A 730 -9.88 -14.12 -30.76
C PHE A 730 -8.62 -13.31 -31.01
N THR A 731 -8.38 -13.02 -32.27
CA THR A 731 -7.24 -12.19 -32.69
C THR A 731 -7.75 -10.88 -33.29
N LEU A 732 -7.26 -9.77 -32.77
CA LEU A 732 -7.48 -8.44 -33.39
C LEU A 732 -6.45 -8.31 -34.51
N LEU A 733 -6.93 -7.92 -35.69
CA LEU A 733 -6.05 -7.74 -36.88
C LEU A 733 -5.37 -6.35 -36.89
N THR B 1 41.81 4.44 -24.79
CA THR B 1 42.32 3.78 -23.51
C THR B 1 42.81 2.36 -23.83
N ASP B 2 43.70 1.81 -23.02
CA ASP B 2 44.21 0.42 -23.24
C ASP B 2 43.03 -0.57 -23.25
N LYS B 3 42.08 -0.36 -22.36
CA LYS B 3 40.87 -1.23 -22.25
C LYS B 3 40.04 -1.17 -23.53
N GLU B 4 39.73 0.02 -24.06
CA GLU B 4 38.96 0.17 -25.31
C GLU B 4 39.72 -0.49 -26.47
N ARG B 5 41.04 -0.30 -26.55
CA ARG B 5 41.86 -0.85 -27.69
C ARG B 5 41.79 -2.38 -27.63
N PHE B 6 42.03 -2.91 -26.43
CA PHE B 6 42.10 -4.36 -26.17
C PHE B 6 40.76 -4.96 -26.57
N ILE B 7 39.67 -4.33 -26.12
CA ILE B 7 38.32 -4.94 -26.37
C ILE B 7 37.98 -4.85 -27.84
N ALA B 8 38.25 -3.71 -28.49
CA ALA B 8 37.93 -3.53 -29.91
C ALA B 8 38.71 -4.58 -30.72
N SER B 9 39.98 -4.80 -30.40
CA SER B 9 40.82 -5.73 -31.19
C SER B 9 40.31 -7.15 -30.96
N LEU B 10 39.97 -7.50 -29.71
CA LEU B 10 39.40 -8.86 -29.44
C LEU B 10 38.06 -9.03 -30.15
N MET B 11 37.15 -8.06 -30.07
CA MET B 11 35.80 -8.23 -30.66
C MET B 11 35.88 -8.29 -32.18
N ALA B 12 36.84 -7.60 -32.80
CA ALA B 12 37.01 -7.65 -34.28
C ALA B 12 37.35 -9.09 -34.70
N ARG B 13 37.86 -9.92 -33.78
CA ARG B 13 38.26 -11.31 -34.12
C ARG B 13 37.10 -12.30 -33.90
N MET B 14 36.04 -11.89 -33.19
CA MET B 14 35.06 -12.85 -32.64
C MET B 14 33.94 -13.10 -33.62
N SER B 15 33.50 -14.35 -33.72
CA SER B 15 32.23 -14.70 -34.38
C SER B 15 31.06 -14.20 -33.51
N ASN B 16 29.89 -14.16 -34.12
CA ASN B 16 28.65 -13.86 -33.37
C ASN B 16 28.40 -14.96 -32.35
N ALA B 17 28.67 -16.21 -32.68
CA ALA B 17 28.52 -17.31 -31.69
C ALA B 17 29.33 -16.98 -30.44
N GLU B 18 30.59 -16.54 -30.62
CA GLU B 18 31.49 -16.24 -29.51
C GLU B 18 30.95 -15.04 -28.73
N LYS B 19 30.49 -14.01 -29.41
CA LYS B 19 29.96 -12.80 -28.74
C LYS B 19 28.73 -13.22 -27.91
N ILE B 20 27.83 -13.99 -28.49
CA ILE B 20 26.61 -14.45 -27.79
C ILE B 20 26.98 -15.35 -26.60
N GLY B 21 28.00 -16.20 -26.74
CA GLY B 21 28.46 -17.07 -25.63
C GLY B 21 28.85 -16.25 -24.40
N GLN B 22 29.42 -15.08 -24.63
CA GLN B 22 29.86 -14.20 -23.52
C GLN B 22 28.68 -13.75 -22.67
N LEU B 23 27.48 -13.77 -23.23
CA LEU B 23 26.30 -13.21 -22.55
C LEU B 23 25.67 -14.26 -21.63
N ARG B 24 26.15 -15.50 -21.65
CA ARG B 24 25.47 -16.61 -20.95
C ARG B 24 26.03 -16.79 -19.55
N LEU B 25 25.17 -16.65 -18.55
CA LEU B 25 25.52 -16.77 -17.14
C LEU B 25 24.75 -17.94 -16.55
N VAL B 26 25.45 -18.95 -16.06
CA VAL B 26 24.74 -20.20 -15.64
C VAL B 26 25.32 -20.72 -14.33
N SER B 27 24.55 -21.63 -13.72
CA SER B 27 24.97 -22.33 -12.49
C SER B 27 24.91 -23.83 -12.75
N VAL B 28 25.74 -24.59 -12.06
CA VAL B 28 25.63 -26.06 -12.06
C VAL B 28 24.33 -26.43 -11.37
N GLY B 29 23.53 -27.28 -11.98
CA GLY B 29 22.29 -27.73 -11.31
C GLY B 29 21.47 -28.59 -12.25
N ALA B 30 20.23 -28.84 -11.89
CA ALA B 30 19.30 -29.70 -12.66
C ALA B 30 19.27 -29.25 -14.12
N ASP B 31 19.20 -27.95 -14.35
CA ASP B 31 19.06 -27.33 -15.69
C ASP B 31 20.39 -27.40 -16.44
N HIS B 32 21.54 -27.43 -15.74
CA HIS B 32 22.88 -27.44 -16.36
C HIS B 32 23.77 -28.39 -15.60
N PRO B 33 23.65 -29.70 -15.88
CA PRO B 33 24.48 -30.70 -15.25
C PRO B 33 25.96 -30.40 -15.50
N LYS B 34 26.74 -30.67 -14.46
CA LYS B 34 28.15 -30.24 -14.41
C LYS B 34 28.93 -30.63 -15.66
N GLU B 35 28.88 -31.90 -16.10
CA GLU B 35 29.78 -32.33 -17.20
C GLU B 35 29.37 -31.67 -18.50
N ALA B 36 28.07 -31.54 -18.75
CA ALA B 36 27.57 -30.83 -19.95
C ALA B 36 28.01 -29.37 -19.92
N LEU B 37 27.95 -28.77 -18.75
CA LEU B 37 28.39 -27.35 -18.60
CA LEU B 37 28.39 -27.35 -18.60
C LEU B 37 29.88 -27.24 -18.91
N MET B 38 30.69 -28.17 -18.41
CA MET B 38 32.14 -28.12 -18.64
C MET B 38 32.41 -28.21 -20.16
N ALA B 39 31.68 -29.03 -20.89
CA ALA B 39 31.84 -29.15 -22.36
C ALA B 39 31.43 -27.83 -23.02
N ASP B 40 30.41 -27.17 -22.48
CA ASP B 40 29.99 -25.87 -23.05
C ASP B 40 31.06 -24.80 -22.82
N ILE B 41 31.69 -24.79 -21.66
CA ILE B 41 32.79 -23.83 -21.37
C ILE B 41 33.94 -24.08 -22.34
N ARG B 42 34.25 -25.35 -22.59
CA ARG B 42 35.36 -25.67 -23.52
C ARG B 42 35.02 -25.15 -24.91
N ALA B 43 33.74 -25.11 -25.30
CA ALA B 43 33.33 -24.69 -26.66
C ALA B 43 33.17 -23.17 -26.78
N GLY B 44 33.42 -22.41 -25.71
CA GLY B 44 33.26 -20.93 -25.72
C GLY B 44 31.79 -20.52 -25.65
N LYS B 45 30.94 -21.37 -25.08
CA LYS B 45 29.48 -21.13 -25.03
C LYS B 45 29.05 -20.51 -23.70
N VAL B 46 29.98 -20.20 -22.81
CA VAL B 46 29.63 -19.72 -21.46
C VAL B 46 30.45 -18.48 -21.16
N GLY B 47 29.79 -17.44 -20.64
CA GLY B 47 30.45 -16.18 -20.30
C GLY B 47 30.79 -16.13 -18.81
N ALA B 48 29.95 -16.69 -17.95
CA ALA B 48 30.20 -16.61 -16.51
C ALA B 48 29.39 -17.65 -15.78
N ILE B 49 29.79 -17.85 -14.54
CA ILE B 49 29.22 -18.88 -13.65
C ILE B 49 28.74 -18.16 -12.41
N PHE B 50 27.65 -18.63 -11.82
CA PHE B 50 27.29 -18.27 -10.43
C PHE B 50 27.04 -19.54 -9.63
N ASN B 51 27.21 -19.42 -8.30
CA ASN B 51 26.92 -20.48 -7.30
C ASN B 51 27.98 -21.60 -7.28
N THR B 52 29.12 -21.42 -7.92
CA THR B 52 30.31 -22.30 -7.73
C THR B 52 31.30 -21.52 -6.87
N VAL B 53 31.61 -22.05 -5.68
CA VAL B 53 32.16 -21.14 -4.64
C VAL B 53 33.40 -21.70 -3.94
N THR B 54 34.06 -22.70 -4.48
CA THR B 54 35.33 -23.16 -3.86
C THR B 54 36.45 -23.09 -4.89
N ARG B 55 37.67 -22.89 -4.41
CA ARG B 55 38.82 -22.69 -5.31
C ARG B 55 38.96 -23.90 -6.24
N PRO B 56 38.97 -25.17 -5.77
CA PRO B 56 39.16 -26.27 -6.72
C PRO B 56 38.05 -26.36 -7.79
N ASP B 57 36.82 -26.04 -7.42
CA ASP B 57 35.67 -26.08 -8.39
C ASP B 57 35.79 -24.93 -9.39
N ILE B 58 36.14 -23.76 -8.91
CA ILE B 58 36.31 -22.58 -9.80
C ILE B 58 37.54 -22.78 -10.69
N ARG B 59 38.64 -23.27 -10.13
CA ARG B 59 39.85 -23.44 -10.96
C ARG B 59 39.53 -24.45 -12.07
N ALA B 60 38.79 -25.49 -11.76
CA ALA B 60 38.44 -26.58 -12.73
C ALA B 60 37.64 -25.96 -13.88
N MET B 61 36.76 -25.01 -13.58
CA MET B 61 35.97 -24.35 -14.65
CA MET B 61 35.95 -24.32 -14.61
C MET B 61 36.87 -23.44 -15.47
N GLN B 62 37.73 -22.67 -14.82
CA GLN B 62 38.63 -21.75 -15.54
C GLN B 62 39.59 -22.58 -16.42
N ASP B 63 39.97 -23.75 -15.96
CA ASP B 63 40.85 -24.65 -16.75
C ASP B 63 40.18 -25.05 -18.07
N GLN B 64 38.85 -25.14 -18.11
CA GLN B 64 38.12 -25.54 -19.34
C GLN B 64 38.24 -24.45 -20.40
N VAL B 65 38.45 -23.19 -20.01
CA VAL B 65 38.57 -22.06 -20.97
C VAL B 65 39.73 -22.24 -21.93
N ARG B 66 40.80 -22.86 -21.48
CA ARG B 66 42.01 -23.07 -22.31
C ARG B 66 41.62 -23.80 -23.60
N HIS B 67 40.47 -24.51 -23.60
CA HIS B 67 40.04 -25.33 -24.76
C HIS B 67 39.28 -24.49 -25.79
N SER B 68 38.80 -23.29 -25.46
CA SER B 68 38.03 -22.47 -26.41
C SER B 68 39.01 -21.76 -27.36
N ARG B 69 38.53 -21.27 -28.47
CA ARG B 69 39.42 -20.70 -29.48
C ARG B 69 40.15 -19.46 -28.95
N LEU B 70 39.42 -18.54 -28.31
CA LEU B 70 40.01 -17.26 -27.84
C LEU B 70 40.43 -17.31 -26.37
N LYS B 71 40.05 -18.37 -25.63
CA LYS B 71 40.45 -18.60 -24.23
C LYS B 71 39.97 -17.42 -23.38
N ILE B 72 38.79 -16.89 -23.68
CA ILE B 72 38.26 -15.76 -22.87
C ILE B 72 37.88 -16.33 -21.51
N PRO B 73 38.43 -15.80 -20.40
CA PRO B 73 38.21 -16.33 -19.06
C PRO B 73 36.77 -16.10 -18.59
N LEU B 74 36.31 -17.00 -17.74
CA LEU B 74 35.02 -16.81 -17.05
C LEU B 74 35.25 -15.78 -15.95
N PHE B 75 34.15 -15.19 -15.48
CA PHE B 75 34.11 -14.68 -14.11
C PHE B 75 33.11 -15.55 -13.34
N HIS B 76 33.29 -15.55 -12.03
CA HIS B 76 32.52 -16.37 -11.09
C HIS B 76 31.84 -15.47 -10.07
N ALA B 77 30.54 -15.61 -9.93
CA ALA B 77 29.75 -14.76 -9.00
C ALA B 77 29.03 -15.59 -7.94
N TYR B 78 28.59 -14.86 -6.91
CA TYR B 78 27.84 -15.43 -5.80
C TYR B 78 27.06 -14.33 -5.09
N ASP B 79 26.10 -14.76 -4.29
CA ASP B 79 25.25 -13.91 -3.43
C ASP B 79 25.96 -13.74 -2.09
N VAL B 80 26.99 -12.90 -2.09
CA VAL B 80 27.73 -12.56 -0.87
C VAL B 80 27.12 -11.25 -0.36
N ALA B 81 26.03 -11.40 0.36
CA ALA B 81 25.14 -10.28 0.75
C ALA B 81 25.58 -9.61 2.05
N HIS B 82 25.86 -10.41 3.07
CA HIS B 82 26.31 -9.91 4.40
C HIS B 82 27.33 -10.90 4.96
N GLY B 83 28.25 -11.34 4.13
CA GLY B 83 29.24 -12.35 4.51
C GLY B 83 29.34 -13.43 3.48
N HIS B 84 30.49 -14.08 3.39
CA HIS B 84 30.72 -15.24 2.52
C HIS B 84 30.72 -16.50 3.37
N ARG B 85 31.76 -16.71 4.19
CA ARG B 85 31.79 -17.84 5.16
C ARG B 85 31.61 -17.34 6.58
N THR B 86 32.27 -16.24 6.93
CA THR B 86 31.99 -15.54 8.18
C THR B 86 30.81 -14.61 7.94
N ILE B 87 29.69 -14.93 8.56
CA ILE B 87 28.44 -14.18 8.29
C ILE B 87 28.34 -13.03 9.28
N PHE B 88 28.15 -11.85 8.76
CA PHE B 88 27.88 -10.62 9.52
C PHE B 88 26.38 -10.51 9.75
N PRO B 89 25.94 -9.58 10.57
CA PRO B 89 24.50 -9.29 10.62
C PRO B 89 23.90 -9.09 9.24
N ILE B 90 22.61 -9.43 9.14
CA ILE B 90 21.84 -9.00 7.96
C ILE B 90 21.99 -7.50 7.75
N SER B 91 21.84 -7.05 6.50
CA SER B 91 22.02 -5.63 6.14
C SER B 91 21.17 -4.69 7.01
N LEU B 92 19.94 -5.05 7.33
CA LEU B 92 19.10 -4.14 8.09
C LEU B 92 19.75 -3.91 9.47
N GLY B 93 20.45 -4.93 10.03
CA GLY B 93 21.19 -4.78 11.28
C GLY B 93 22.50 -4.04 11.09
N LEU B 94 23.20 -4.25 9.99
CA LEU B 94 24.40 -3.46 9.69
C LEU B 94 24.04 -1.97 9.59
N ALA B 95 22.91 -1.63 8.98
CA ALA B 95 22.52 -0.21 8.81
C ALA B 95 22.34 0.41 10.20
N ALA B 96 21.84 -0.38 11.15
CA ALA B 96 21.52 0.14 12.49
C ALA B 96 22.81 0.57 13.21
N SER B 97 23.96 0.18 12.71
CA SER B 97 25.25 0.69 13.25
C SER B 97 25.38 2.20 13.02
N TRP B 98 24.74 2.76 12.01
CA TRP B 98 24.96 4.15 11.56
C TRP B 98 26.46 4.45 11.45
N ASP B 99 27.24 3.52 10.93
CA ASP B 99 28.72 3.70 10.95
C ASP B 99 29.26 3.17 9.63
N PRO B 100 29.50 4.05 8.68
CA PRO B 100 30.03 3.64 7.39
C PRO B 100 31.30 2.80 7.51
N GLU B 101 32.13 3.02 8.55
CA GLU B 101 33.35 2.18 8.66
C GLU B 101 33.02 0.74 9.08
N VAL B 102 32.01 0.52 9.90
CA VAL B 102 31.63 -0.84 10.32
C VAL B 102 31.04 -1.54 9.07
N VAL B 103 30.17 -0.83 8.34
CA VAL B 103 29.56 -1.44 7.14
C VAL B 103 30.68 -1.77 6.15
N ALA B 104 31.61 -0.86 5.92
CA ALA B 104 32.73 -1.11 4.99
C ALA B 104 33.53 -2.33 5.45
N ARG B 105 33.74 -2.51 6.75
CA ARG B 105 34.55 -3.64 7.23
C ARG B 105 33.85 -4.96 6.87
N SER B 106 32.53 -5.01 7.03
CA SER B 106 31.76 -6.23 6.70
C SER B 106 31.96 -6.55 5.23
N ALA B 107 31.86 -5.55 4.37
CA ALA B 107 31.98 -5.75 2.90
C ALA B 107 33.41 -6.17 2.55
N ARG B 108 34.37 -5.52 3.19
CA ARG B 108 35.80 -5.81 2.85
C ARG B 108 36.11 -7.26 3.21
N ILE B 109 35.77 -7.70 4.40
CA ILE B 109 36.01 -9.08 4.83
C ILE B 109 35.25 -10.05 3.93
N SER B 110 34.01 -9.70 3.58
CA SER B 110 33.23 -10.56 2.66
C SER B 110 34.00 -10.75 1.35
N ALA B 111 34.53 -9.68 0.81
CA ALA B 111 35.28 -9.68 -0.45
C ALA B 111 36.57 -10.50 -0.26
N LEU B 112 37.28 -10.29 0.84
CA LEU B 112 38.52 -11.05 1.16
C LEU B 112 38.20 -12.55 1.14
N GLU B 113 37.15 -12.97 1.82
CA GLU B 113 36.81 -14.40 1.94
C GLU B 113 36.32 -14.94 0.59
N ALA B 114 35.51 -14.18 -0.15
CA ALA B 114 34.93 -14.68 -1.41
C ALA B 114 36.06 -14.81 -2.46
N SER B 115 36.90 -13.80 -2.57
CA SER B 115 38.04 -13.79 -3.53
C SER B 115 39.04 -14.87 -3.10
N ALA B 116 39.16 -15.17 -1.80
CA ALA B 116 40.07 -16.24 -1.32
C ALA B 116 39.59 -17.60 -1.83
N ASP B 117 38.27 -17.71 -2.11
CA ASP B 117 37.66 -18.94 -2.64
C ASP B 117 37.59 -18.86 -4.17
N GLY B 118 38.11 -17.81 -4.81
CA GLY B 118 38.16 -17.71 -6.28
C GLY B 118 37.02 -16.95 -6.91
N LEU B 119 36.12 -16.39 -6.11
CA LEU B 119 35.04 -15.57 -6.66
C LEU B 119 35.51 -14.18 -7.12
N ASP B 120 34.94 -13.66 -8.20
CA ASP B 120 35.26 -12.35 -8.77
C ASP B 120 34.18 -11.29 -8.51
N MET B 121 32.96 -11.71 -8.12
CA MET B 121 31.78 -10.81 -8.18
C MET B 121 30.78 -11.24 -7.13
N SER B 122 30.17 -10.24 -6.50
CA SER B 122 29.02 -10.48 -5.61
C SER B 122 27.80 -9.77 -6.18
N PHE B 123 26.66 -10.45 -6.11
CA PHE B 123 25.38 -9.77 -6.38
C PHE B 123 24.98 -9.03 -5.12
N SER B 124 25.58 -7.88 -4.95
CA SER B 124 25.51 -7.06 -3.71
CA SER B 124 25.37 -6.99 -3.78
C SER B 124 26.18 -5.74 -4.07
N PRO B 125 25.88 -4.61 -3.41
CA PRO B 125 24.87 -4.51 -2.35
C PRO B 125 23.42 -4.42 -2.86
N MET B 126 22.53 -4.89 -2.00
CA MET B 126 21.08 -4.65 -2.19
C MET B 126 20.75 -3.29 -1.59
N VAL B 127 20.26 -2.37 -2.40
CA VAL B 127 20.05 -0.97 -1.99
C VAL B 127 18.61 -0.52 -2.26
N ASP B 128 17.68 -1.46 -2.26
CA ASP B 128 16.25 -1.12 -2.48
C ASP B 128 15.72 -0.45 -1.20
N ILE B 129 15.07 0.71 -1.34
CA ILE B 129 14.35 1.35 -0.22
C ILE B 129 13.16 0.48 0.15
N THR B 130 12.93 0.32 1.45
CA THR B 130 11.81 -0.51 1.95
C THR B 130 10.95 0.29 2.93
N ARG B 131 9.69 0.52 2.56
CA ARG B 131 8.71 1.12 3.50
C ARG B 131 7.59 0.15 3.87
N ASP B 132 7.67 -1.10 3.48
CA ASP B 132 6.62 -2.10 3.70
C ASP B 132 7.26 -3.28 4.42
N ALA B 133 6.99 -3.35 5.73
CA ALA B 133 7.57 -4.35 6.62
C ALA B 133 7.18 -5.78 6.26
N ARG B 134 6.11 -5.99 5.49
CA ARG B 134 5.64 -7.35 5.14
C ARG B 134 6.59 -8.08 4.21
N TRP B 135 7.31 -7.30 3.39
CA TRP B 135 8.17 -7.91 2.37
C TRP B 135 9.29 -8.75 3.00
N GLY B 136 9.50 -10.00 2.55
CA GLY B 136 10.50 -10.86 3.16
C GLY B 136 11.90 -10.40 2.88
N ARG B 137 12.09 -9.53 1.90
CA ARG B 137 13.45 -9.09 1.54
C ARG B 137 13.85 -7.79 2.23
N VAL B 138 13.06 -7.27 3.17
CA VAL B 138 13.50 -6.06 3.92
CA VAL B 138 13.48 -6.08 3.97
C VAL B 138 14.80 -6.39 4.67
N SER B 139 15.02 -7.65 5.02
CA SER B 139 16.25 -8.04 5.77
C SER B 139 17.50 -7.74 4.93
N GLU B 140 17.36 -7.67 3.61
CA GLU B 140 18.52 -7.52 2.70
C GLU B 140 18.93 -6.08 2.46
N GLY B 141 18.10 -5.13 2.82
CA GLY B 141 18.39 -3.71 2.62
C GLY B 141 18.86 -2.98 3.87
N PHE B 142 18.89 -1.69 3.75
CA PHE B 142 19.38 -0.79 4.81
C PHE B 142 18.27 0.04 5.46
N GLY B 143 17.00 -0.29 5.18
CA GLY B 143 15.85 0.35 5.80
C GLY B 143 15.19 1.35 4.86
N GLU B 144 14.54 2.34 5.43
CA GLU B 144 13.57 3.19 4.68
C GLU B 144 14.15 4.53 4.20
N ASP B 145 15.36 4.88 4.60
CA ASP B 145 15.83 6.25 4.33
C ASP B 145 16.74 6.34 3.12
N THR B 146 16.44 7.30 2.28
CA THR B 146 17.16 7.47 0.99
C THR B 146 18.59 7.96 1.26
N TYR B 147 18.77 8.94 2.12
CA TYR B 147 20.13 9.45 2.44
C TYR B 147 21.02 8.35 2.97
N LEU B 148 20.59 7.64 4.00
CA LEU B 148 21.41 6.62 4.62
C LEU B 148 21.64 5.47 3.62
N THR B 149 20.60 4.99 2.95
CA THR B 149 20.80 3.86 2.04
C THR B 149 21.75 4.27 0.90
N SER B 150 21.65 5.49 0.42
CA SER B 150 22.54 5.99 -0.66
C SER B 150 23.99 6.02 -0.14
N LEU B 151 24.19 6.52 1.08
CA LEU B 151 25.55 6.59 1.66
C LEU B 151 26.09 5.16 1.73
N LEU B 152 25.34 4.24 2.31
CA LEU B 152 25.84 2.86 2.52
CA LEU B 152 25.87 2.86 2.51
C LEU B 152 26.00 2.13 1.18
N SER B 153 25.18 2.43 0.17
CA SER B 153 25.34 1.83 -1.18
C SER B 153 26.75 2.13 -1.71
N GLY B 154 27.15 3.41 -1.66
CA GLY B 154 28.49 3.79 -2.14
C GLY B 154 29.56 3.17 -1.27
N VAL B 155 29.38 3.13 0.04
CA VAL B 155 30.38 2.52 0.96
C VAL B 155 30.61 1.04 0.64
N MET B 156 29.52 0.30 0.43
CA MET B 156 29.61 -1.13 0.11
C MET B 156 30.36 -1.30 -1.20
N VAL B 157 30.01 -0.56 -2.23
CA VAL B 157 30.66 -0.74 -3.55
C VAL B 157 32.17 -0.48 -3.39
N ARG B 158 32.54 0.61 -2.75
CA ARG B 158 33.97 0.95 -2.64
C ARG B 158 34.69 -0.10 -1.81
N ALA B 159 34.11 -0.62 -0.75
CA ALA B 159 34.72 -1.66 0.10
C ALA B 159 34.90 -2.97 -0.67
N TYR B 160 33.93 -3.34 -1.50
CA TYR B 160 34.10 -4.58 -2.31
C TYR B 160 35.21 -4.40 -3.32
N GLN B 161 35.21 -3.30 -4.04
CA GLN B 161 36.00 -3.13 -5.30
C GLN B 161 37.40 -2.63 -4.98
N GLY B 162 37.61 -2.05 -3.78
CA GLY B 162 38.94 -1.59 -3.34
C GLY B 162 39.48 -0.50 -4.21
N SER B 163 40.81 -0.31 -4.23
CA SER B 163 41.43 0.74 -5.06
C SER B 163 41.64 0.25 -6.50
N ASN B 164 41.50 -1.05 -6.76
CA ASN B 164 41.75 -1.63 -8.09
C ASN B 164 40.97 -2.94 -8.21
N LEU B 165 40.04 -3.01 -9.16
CA LEU B 165 39.20 -4.23 -9.37
C LEU B 165 40.05 -5.42 -9.79
N ALA B 166 41.31 -5.23 -10.21
CA ALA B 166 42.20 -6.35 -10.59
C ALA B 166 42.90 -6.91 -9.36
N ALA B 167 42.83 -6.22 -8.21
CA ALA B 167 43.49 -6.74 -7.00
C ALA B 167 42.88 -8.07 -6.66
N PRO B 168 43.69 -9.04 -6.20
CA PRO B 168 43.19 -10.40 -5.98
C PRO B 168 42.22 -10.49 -4.81
N ASP B 169 42.15 -9.46 -3.95
CA ASP B 169 41.19 -9.51 -2.82
C ASP B 169 40.03 -8.53 -3.09
N SER B 170 39.91 -8.00 -4.29
CA SER B 170 38.76 -7.16 -4.73
C SER B 170 37.76 -8.10 -5.39
N ILE B 171 36.48 -7.75 -5.27
CA ILE B 171 35.42 -8.37 -6.10
C ILE B 171 34.63 -7.24 -6.73
N MET B 172 34.00 -7.51 -7.85
CA MET B 172 33.10 -6.53 -8.51
C MET B 172 31.76 -6.54 -7.77
N ALA B 173 31.20 -5.35 -7.56
CA ALA B 173 29.85 -5.19 -6.99
C ALA B 173 28.86 -5.16 -8.13
N ALA B 174 27.86 -6.03 -8.08
CA ALA B 174 26.67 -5.97 -8.96
C ALA B 174 25.51 -5.48 -8.10
N VAL B 175 25.34 -4.17 -8.10
CA VAL B 175 24.30 -3.50 -7.26
C VAL B 175 22.95 -4.02 -7.71
N LYS B 176 22.06 -4.22 -6.73
CA LYS B 176 20.73 -4.78 -7.04
C LYS B 176 19.69 -4.11 -6.12
N HIS B 177 18.42 -4.21 -6.44
CA HIS B 177 17.81 -4.82 -7.62
C HIS B 177 17.24 -3.66 -8.43
N PHE B 178 17.84 -3.35 -9.58
CA PHE B 178 17.50 -2.13 -10.34
C PHE B 178 16.21 -2.42 -11.11
N ALA B 179 15.05 -1.88 -10.70
CA ALA B 179 14.88 -0.88 -9.64
C ALA B 179 13.52 -1.03 -8.98
N LEU B 180 13.41 -0.46 -7.77
CA LEU B 180 12.13 -0.21 -7.04
C LEU B 180 11.53 -1.49 -6.46
N TYR B 181 12.29 -2.55 -6.40
CA TYR B 181 11.82 -3.91 -6.07
C TYR B 181 11.11 -3.95 -4.72
N GLY B 182 11.60 -3.17 -3.78
CA GLY B 182 11.06 -3.18 -2.41
C GLY B 182 9.75 -2.40 -2.28
N ALA B 183 9.21 -1.79 -3.34
CA ALA B 183 7.90 -1.11 -3.28
C ALA B 183 6.78 -2.04 -3.75
N ALA B 184 7.05 -3.34 -3.86
CA ALA B 184 6.04 -4.34 -4.22
C ALA B 184 4.70 -4.08 -3.56
N GLU B 185 3.63 -4.02 -4.36
CA GLU B 185 2.28 -3.81 -3.78
C GLU B 185 1.94 -4.97 -2.85
N GLY B 186 1.33 -4.62 -1.71
CA GLY B 186 0.95 -5.62 -0.73
C GLY B 186 2.12 -6.25 0.02
N GLY B 187 3.34 -5.79 -0.20
CA GLY B 187 4.54 -6.44 0.32
C GLY B 187 4.72 -7.86 -0.21
N ARG B 188 4.01 -8.28 -1.26
CA ARG B 188 4.13 -9.58 -1.90
C ARG B 188 5.35 -9.58 -2.80
N ASP B 189 6.23 -10.55 -2.61
CA ASP B 189 7.48 -10.53 -3.41
C ASP B 189 7.12 -10.60 -4.90
N TYR B 190 7.94 -9.94 -5.69
CA TYR B 190 7.87 -9.92 -7.14
C TYR B 190 6.68 -9.10 -7.63
N ASN B 191 5.90 -8.50 -6.75
CA ASN B 191 4.63 -7.88 -7.22
C ASN B 191 4.88 -6.48 -7.81
N THR B 192 3.88 -6.07 -8.56
CA THR B 192 3.73 -4.75 -9.19
C THR B 192 4.23 -3.59 -8.35
N VAL B 193 5.00 -2.72 -9.00
CA VAL B 193 5.43 -1.45 -8.42
C VAL B 193 4.92 -0.34 -9.30
N ASP B 194 4.24 0.59 -8.67
CA ASP B 194 3.60 1.68 -9.41
C ASP B 194 3.85 2.95 -8.60
N MET B 195 4.52 3.93 -9.18
CA MET B 195 4.81 5.17 -8.43
C MET B 195 5.07 6.32 -9.39
N SER B 196 4.90 7.52 -8.87
CA SER B 196 5.13 8.75 -9.65
C SER B 196 6.63 8.90 -9.95
N LEU B 197 6.93 9.65 -10.99
CA LEU B 197 8.34 9.92 -11.27
C LEU B 197 8.97 10.79 -10.21
N PRO B 198 8.31 11.82 -9.64
CA PRO B 198 8.96 12.58 -8.58
C PRO B 198 9.34 11.69 -7.40
N ARG B 199 8.46 10.76 -7.00
CA ARG B 199 8.77 9.87 -5.86
C ARG B 199 9.95 8.95 -6.23
N MET B 200 9.90 8.42 -7.44
CA MET B 200 10.95 7.51 -7.95
C MET B 200 12.31 8.21 -7.86
N PHE B 201 12.39 9.44 -8.39
CA PHE B 201 13.67 10.16 -8.50
C PHE B 201 14.12 10.66 -7.13
N GLN B 202 13.19 11.17 -6.31
CA GLN B 202 13.58 11.74 -5.00
C GLN B 202 13.99 10.64 -4.03
N ASP B 203 13.23 9.55 -3.99
CA ASP B 203 13.33 8.64 -2.83
C ASP B 203 13.90 7.27 -3.23
N TYR B 204 13.58 6.74 -4.40
CA TYR B 204 13.88 5.29 -4.69
C TYR B 204 15.13 5.11 -5.53
N LEU B 205 15.39 5.99 -6.49
CA LEU B 205 16.52 5.80 -7.41
C LEU B 205 17.87 6.25 -6.85
N PRO B 206 18.00 7.23 -5.92
CA PRO B 206 19.35 7.66 -5.52
C PRO B 206 20.33 6.59 -5.05
N PRO B 207 19.92 5.51 -4.34
CA PRO B 207 20.88 4.48 -3.94
C PRO B 207 21.55 3.77 -5.10
N TYR B 208 20.80 3.57 -6.18
CA TYR B 208 21.38 2.91 -7.37
C TYR B 208 22.34 3.87 -8.04
N LYS B 209 21.99 5.15 -8.13
CA LYS B 209 22.92 6.14 -8.70
C LYS B 209 24.17 6.24 -7.84
N ALA B 210 24.06 6.19 -6.50
CA ALA B 210 25.23 6.27 -5.62
C ALA B 210 26.20 5.12 -5.92
N ALA B 211 25.65 3.93 -6.19
CA ALA B 211 26.48 2.77 -6.49
C ALA B 211 27.19 3.00 -7.82
N VAL B 212 26.46 3.48 -8.82
CA VAL B 212 27.02 3.79 -10.17
C VAL B 212 28.16 4.81 -9.97
N ASP B 213 27.91 5.89 -9.22
CA ASP B 213 28.91 6.97 -9.07
C ASP B 213 30.10 6.50 -8.22
N ALA B 214 29.95 5.49 -7.35
CA ALA B 214 31.05 4.86 -6.61
C ALA B 214 31.85 3.89 -7.51
N GLY B 215 31.42 3.69 -8.74
CA GLY B 215 32.15 2.88 -9.74
C GLY B 215 31.69 1.44 -9.83
N ALA B 216 30.49 1.10 -9.36
CA ALA B 216 30.04 -0.31 -9.39
C ALA B 216 30.25 -0.85 -10.81
N GLY B 217 30.77 -2.06 -10.90
CA GLY B 217 31.05 -2.64 -12.24
C GLY B 217 29.84 -3.25 -12.87
N ALA B 218 28.82 -3.56 -12.10
CA ALA B 218 27.66 -4.26 -12.63
C ALA B 218 26.39 -3.83 -11.91
N VAL B 219 25.32 -4.04 -12.61
CA VAL B 219 23.94 -3.78 -12.11
C VAL B 219 23.12 -5.05 -12.34
N MET B 220 22.47 -5.58 -11.30
CA MET B 220 21.49 -6.69 -11.45
C MET B 220 20.08 -6.11 -11.56
N VAL B 221 19.41 -6.43 -12.64
CA VAL B 221 18.07 -5.91 -12.97
C VAL B 221 17.02 -6.66 -12.17
N SER B 222 16.00 -5.92 -11.72
CA SER B 222 14.96 -6.50 -10.85
C SER B 222 13.92 -7.32 -11.58
N LEU B 223 13.10 -8.03 -10.79
CA LEU B 223 12.06 -8.94 -11.30
C LEU B 223 10.71 -8.27 -11.47
N ASN B 224 10.52 -7.07 -10.94
CA ASN B 224 9.20 -6.42 -10.92
C ASN B 224 8.93 -5.54 -12.14
N THR B 225 7.64 -5.28 -12.37
CA THR B 225 7.21 -4.18 -13.24
C THR B 225 7.54 -2.85 -12.56
N ILE B 226 7.78 -1.85 -13.37
CA ILE B 226 7.86 -0.44 -13.00
C ILE B 226 6.84 0.29 -13.83
N ASN B 227 5.76 0.73 -13.20
CA ASN B 227 4.69 1.43 -13.95
C ASN B 227 4.27 0.63 -15.18
N GLY B 228 4.08 -0.68 -15.02
CA GLY B 228 3.60 -1.58 -16.06
C GLY B 228 4.65 -2.25 -16.90
N VAL B 229 5.90 -1.79 -16.86
CA VAL B 229 6.95 -2.36 -17.70
C VAL B 229 7.95 -3.12 -16.84
N PRO B 230 8.06 -4.46 -17.00
CA PRO B 230 9.10 -5.21 -16.31
C PRO B 230 10.47 -4.57 -16.51
N ALA B 231 11.23 -4.50 -15.44
CA ALA B 231 12.57 -3.89 -15.48
C ALA B 231 13.38 -4.54 -16.60
N THR B 232 13.28 -5.85 -16.75
CA THR B 232 14.05 -6.64 -17.74
C THR B 232 13.77 -6.16 -19.15
N ALA B 233 12.60 -5.55 -19.40
CA ALA B 233 12.22 -5.10 -20.77
C ALA B 233 12.13 -3.57 -20.82
N ASN B 234 12.69 -2.88 -19.84
CA ASN B 234 12.43 -1.43 -19.64
C ASN B 234 13.57 -0.59 -20.20
N ARG B 235 13.45 -0.23 -21.49
CA ARG B 235 14.52 0.53 -22.17
C ARG B 235 14.72 1.92 -21.52
N TRP B 236 13.65 2.52 -21.02
CA TRP B 236 13.76 3.81 -20.32
C TRP B 236 14.70 3.60 -19.13
N LEU B 237 14.45 2.58 -18.34
CA LEU B 237 15.25 2.38 -17.13
C LEU B 237 16.70 2.01 -17.46
N LEU B 238 16.92 1.05 -18.35
CA LEU B 238 18.24 0.42 -18.48
C LEU B 238 19.10 1.20 -19.46
N THR B 239 18.49 1.93 -20.39
CA THR B 239 19.25 2.64 -21.45
C THR B 239 19.14 4.14 -21.24
N ASP B 240 17.94 4.71 -21.31
CA ASP B 240 17.80 6.19 -21.18
C ASP B 240 18.35 6.66 -19.82
N LEU B 241 17.89 6.07 -18.73
CA LEU B 241 18.33 6.50 -17.40
C LEU B 241 19.72 5.98 -17.07
N LEU B 242 19.90 4.66 -16.99
CA LEU B 242 21.13 4.10 -16.44
C LEU B 242 22.34 4.50 -17.31
N ARG B 243 22.24 4.40 -18.62
CA ARG B 243 23.41 4.68 -19.49
C ARG B 243 23.41 6.16 -19.88
N GLN B 244 22.36 6.65 -20.47
CA GLN B 244 22.45 8.00 -21.13
C GLN B 244 22.42 9.11 -20.07
N GLN B 245 21.59 9.00 -19.04
CA GLN B 245 21.52 10.07 -18.01
C GLN B 245 22.61 9.88 -16.97
N TRP B 246 22.82 8.67 -16.45
CA TRP B 246 23.74 8.46 -15.33
C TRP B 246 25.15 8.13 -15.79
N GLY B 247 25.32 7.76 -17.05
CA GLY B 247 26.68 7.48 -17.55
C GLY B 247 27.25 6.14 -17.11
N PHE B 248 26.42 5.17 -16.73
CA PHE B 248 26.94 3.82 -16.35
C PHE B 248 27.62 3.16 -17.55
N LYS B 249 28.84 2.68 -17.35
CA LYS B 249 29.68 2.08 -18.42
C LYS B 249 29.86 0.58 -18.19
N GLY B 250 29.20 -0.02 -17.20
CA GLY B 250 29.45 -1.41 -16.81
C GLY B 250 28.44 -2.37 -17.42
N LEU B 251 28.27 -3.47 -16.70
CA LEU B 251 27.55 -4.67 -17.14
C LEU B 251 26.17 -4.73 -16.53
N THR B 252 25.13 -4.93 -17.35
CA THR B 252 23.79 -5.24 -16.76
C THR B 252 23.54 -6.75 -16.80
N ILE B 253 23.04 -7.28 -15.71
CA ILE B 253 22.83 -8.74 -15.56
C ILE B 253 21.36 -8.95 -15.27
N SER B 254 20.73 -9.83 -16.03
CA SER B 254 19.33 -10.20 -15.74
C SER B 254 19.27 -10.94 -14.41
N ASN B 255 18.09 -10.95 -13.85
CA ASN B 255 17.83 -11.80 -12.71
C ASN B 255 17.51 -13.22 -13.19
N HIS B 256 17.23 -14.10 -12.28
CA HIS B 256 17.23 -15.54 -12.51
C HIS B 256 16.00 -15.98 -13.33
N GLY B 257 16.13 -16.32 -14.61
CA GLY B 257 14.97 -16.64 -15.46
C GLY B 257 14.17 -15.39 -15.82
N ALA B 258 14.71 -14.21 -15.59
CA ALA B 258 13.93 -12.95 -15.75
C ALA B 258 13.54 -12.71 -17.24
N VAL B 259 14.41 -13.11 -18.17
CA VAL B 259 14.07 -12.88 -19.59
C VAL B 259 12.86 -13.75 -19.92
N LYS B 260 12.88 -15.02 -19.58
CA LYS B 260 11.73 -15.91 -19.86
C LYS B 260 10.47 -15.42 -19.12
N GLU B 261 10.62 -14.85 -17.93
CA GLU B 261 9.47 -14.35 -17.14
C GLU B 261 8.77 -13.18 -17.85
N LEU B 262 9.34 -12.58 -18.90
CA LEU B 262 8.57 -11.58 -19.67
C LEU B 262 7.31 -12.19 -20.29
N ILE B 263 7.28 -13.51 -20.49
CA ILE B 263 6.06 -14.18 -20.99
C ILE B 263 4.97 -14.12 -19.92
N LYS B 264 5.32 -14.51 -18.71
CA LYS B 264 4.34 -14.46 -17.60
C LYS B 264 3.86 -13.03 -17.34
N HIS B 265 4.76 -12.05 -17.43
CA HIS B 265 4.35 -10.64 -17.29
C HIS B 265 3.40 -10.18 -18.41
N GLY B 266 3.30 -10.93 -19.49
CA GLY B 266 2.42 -10.47 -20.57
C GLY B 266 3.04 -9.44 -21.48
N LEU B 267 4.37 -9.37 -21.56
CA LEU B 267 5.07 -8.48 -22.53
C LEU B 267 5.42 -9.28 -23.80
N ALA B 268 5.47 -10.59 -23.72
CA ALA B 268 5.90 -11.43 -24.84
C ALA B 268 5.03 -12.68 -24.89
N GLY B 269 4.80 -13.21 -26.08
CA GLY B 269 4.00 -14.41 -26.24
C GLY B 269 4.86 -15.63 -26.45
N ASN B 270 6.17 -15.45 -26.60
CA ASN B 270 7.10 -16.57 -26.82
C ASN B 270 8.50 -16.15 -26.41
N GLU B 271 9.40 -17.13 -26.37
CA GLU B 271 10.79 -16.88 -25.89
C GLU B 271 11.58 -15.99 -26.86
N ARG B 272 11.34 -16.10 -28.15
CA ARG B 272 12.04 -15.27 -29.15
C ARG B 272 11.76 -13.79 -28.91
N ASP B 273 10.48 -13.46 -28.73
CA ASP B 273 10.08 -12.06 -28.47
C ASP B 273 10.61 -11.63 -27.10
N ALA B 274 10.61 -12.48 -26.09
CA ALA B 274 11.17 -12.10 -24.78
C ALA B 274 12.66 -11.74 -24.91
N THR B 275 13.42 -12.57 -25.66
CA THR B 275 14.85 -12.31 -25.89
C THR B 275 15.05 -10.94 -26.55
N ARG B 276 14.27 -10.63 -27.58
CA ARG B 276 14.38 -9.37 -28.32
C ARG B 276 14.16 -8.19 -27.36
N LEU B 277 13.12 -8.28 -26.53
CA LEU B 277 12.77 -7.17 -25.64
C LEU B 277 13.91 -6.96 -24.65
N ALA B 278 14.45 -8.01 -24.07
CA ALA B 278 15.49 -7.86 -23.03
C ALA B 278 16.77 -7.25 -23.63
N ILE B 279 17.26 -7.78 -24.73
CA ILE B 279 18.56 -7.30 -25.25
C ILE B 279 18.40 -5.85 -25.75
N GLN B 280 17.30 -5.50 -26.38
CA GLN B 280 17.11 -4.13 -26.91
C GLN B 280 16.83 -3.16 -25.77
N ALA B 281 16.31 -3.63 -24.63
CA ALA B 281 16.12 -2.73 -23.47
C ALA B 281 17.45 -2.33 -22.88
N GLY B 282 18.42 -3.23 -22.94
CA GLY B 282 19.72 -2.99 -22.31
C GLY B 282 20.16 -4.04 -21.32
N VAL B 283 19.60 -5.26 -21.34
CA VAL B 283 20.10 -6.37 -20.50
C VAL B 283 21.24 -7.07 -21.25
N ASP B 284 22.43 -7.07 -20.66
CA ASP B 284 23.62 -7.60 -21.35
C ASP B 284 23.72 -9.12 -21.15
N MET B 285 23.56 -9.56 -19.92
CA MET B 285 23.88 -10.96 -19.57
C MET B 285 22.61 -11.64 -19.08
N ASN B 286 22.40 -12.83 -19.62
CA ASN B 286 21.17 -13.66 -19.43
C ASN B 286 21.43 -14.75 -18.39
N MET B 287 20.80 -14.63 -17.23
CA MET B 287 20.97 -15.59 -16.12
C MET B 287 20.05 -16.78 -16.29
N ASN B 288 20.66 -17.94 -16.44
CA ASN B 288 20.16 -19.32 -16.33
C ASN B 288 19.19 -19.79 -17.42
N ASP B 289 18.30 -18.99 -18.00
CA ASP B 289 17.22 -19.58 -18.86
C ASP B 289 17.73 -19.86 -20.28
N ASP B 290 18.93 -19.40 -20.65
CA ASP B 290 19.58 -19.67 -21.95
C ASP B 290 18.80 -19.14 -23.16
N LEU B 291 17.89 -18.18 -22.97
CA LEU B 291 17.15 -17.62 -24.10
C LEU B 291 18.09 -16.91 -25.05
N TYR B 292 19.11 -16.22 -24.56
CA TYR B 292 19.99 -15.43 -25.46
C TYR B 292 20.69 -16.39 -26.41
N SER B 293 21.27 -17.46 -25.88
CA SER B 293 22.02 -18.38 -26.77
C SER B 293 21.05 -19.05 -27.76
N THR B 294 19.82 -19.32 -27.35
CA THR B 294 18.82 -20.02 -28.17
C THR B 294 18.32 -19.11 -29.29
N TRP B 295 18.08 -17.83 -29.04
CA TRP B 295 17.32 -16.97 -29.97
C TRP B 295 18.09 -15.84 -30.62
N LEU B 296 19.20 -15.36 -30.08
CA LEU B 296 19.84 -14.14 -30.67
C LEU B 296 20.25 -14.34 -32.13
N PRO B 297 20.75 -15.52 -32.53
CA PRO B 297 21.16 -15.69 -33.94
C PRO B 297 19.98 -15.55 -34.91
N LYS B 298 18.85 -16.15 -34.54
CA LYS B 298 17.63 -16.10 -35.37
C LYS B 298 17.09 -14.68 -35.41
N LEU B 299 17.06 -14.00 -34.25
CA LEU B 299 16.60 -12.62 -34.23
C LEU B 299 17.46 -11.74 -35.15
N LEU B 300 18.77 -11.88 -35.07
CA LEU B 300 19.65 -11.04 -35.92
C LEU B 300 19.38 -11.31 -37.41
N ALA B 301 19.28 -12.58 -37.78
CA ALA B 301 19.12 -12.97 -39.21
C ALA B 301 17.79 -12.46 -39.77
N ALA B 302 16.77 -12.36 -38.92
CA ALA B 302 15.44 -11.81 -39.31
C ALA B 302 15.43 -10.28 -39.29
N GLY B 303 16.52 -9.62 -38.89
CA GLY B 303 16.58 -8.16 -38.75
C GLY B 303 15.72 -7.67 -37.59
N GLU B 304 15.42 -8.54 -36.61
CA GLU B 304 14.56 -8.12 -35.46
C GLU B 304 15.40 -7.47 -34.37
N ILE B 305 16.71 -7.69 -34.36
CA ILE B 305 17.69 -6.95 -33.53
C ILE B 305 18.81 -6.50 -34.46
N ASP B 306 19.62 -5.57 -33.98
CA ASP B 306 20.81 -5.02 -34.68
C ASP B 306 22.06 -5.71 -34.17
N GLN B 307 23.08 -5.79 -35.03
CA GLN B 307 24.41 -6.24 -34.58
C GLN B 307 24.90 -5.43 -33.38
N ALA B 308 24.65 -4.10 -33.38
CA ALA B 308 25.06 -3.23 -32.27
C ALA B 308 24.45 -3.69 -30.92
N ASP B 309 23.31 -4.36 -30.91
CA ASP B 309 22.71 -4.91 -29.66
C ASP B 309 23.61 -5.99 -29.06
N ILE B 310 24.05 -6.93 -29.90
CA ILE B 310 25.01 -8.00 -29.48
CA ILE B 310 24.99 -8.01 -29.46
C ILE B 310 26.34 -7.37 -29.10
N ASP B 311 26.83 -6.43 -29.92
CA ASP B 311 28.15 -5.85 -29.68
C ASP B 311 28.18 -5.07 -28.34
N ARG B 312 27.11 -4.34 -28.02
CA ARG B 312 27.02 -3.55 -26.78
C ARG B 312 27.14 -4.52 -25.60
N ALA B 313 26.37 -5.61 -25.66
CA ALA B 313 26.24 -6.57 -24.57
C ALA B 313 27.57 -7.30 -24.35
N CYS B 314 28.21 -7.74 -25.44
CA CYS B 314 29.49 -8.44 -25.39
C CYS B 314 30.58 -7.50 -24.88
N ARG B 315 30.63 -6.27 -25.41
CA ARG B 315 31.65 -5.31 -24.96
C ARG B 315 31.55 -5.14 -23.44
N ASP B 316 30.32 -5.08 -22.91
CA ASP B 316 30.19 -4.88 -21.46
C ASP B 316 30.67 -6.08 -20.66
N VAL B 317 30.48 -7.30 -21.16
CA VAL B 317 31.03 -8.48 -20.45
C VAL B 317 32.55 -8.43 -20.49
N LEU B 318 33.12 -8.15 -21.66
CA LEU B 318 34.59 -8.19 -21.82
C LEU B 318 35.20 -7.10 -20.95
N ALA B 319 34.53 -5.95 -20.87
CA ALA B 319 35.02 -4.82 -20.07
C ALA B 319 35.04 -5.18 -18.60
N ALA B 320 34.04 -5.94 -18.12
CA ALA B 320 34.02 -6.37 -16.71
C ALA B 320 35.22 -7.29 -16.44
N LYS B 321 35.47 -8.22 -17.36
CA LYS B 321 36.56 -9.19 -17.16
C LYS B 321 37.90 -8.47 -17.21
N TYR B 322 38.00 -7.45 -18.07
CA TYR B 322 39.23 -6.64 -18.23
C TYR B 322 39.53 -5.98 -16.88
N ASP B 323 38.51 -5.31 -16.31
CA ASP B 323 38.71 -4.55 -15.05
C ASP B 323 39.00 -5.50 -13.90
N LEU B 324 38.49 -6.75 -13.93
CA LEU B 324 38.74 -7.76 -12.90
C LEU B 324 40.16 -8.36 -13.00
N GLY B 325 40.87 -8.00 -14.05
CA GLY B 325 42.27 -8.44 -14.23
C GLY B 325 42.36 -9.78 -14.92
N LEU B 326 41.25 -10.32 -15.42
CA LEU B 326 41.23 -11.73 -15.83
C LEU B 326 41.91 -11.91 -17.19
N PHE B 327 42.02 -10.88 -18.00
CA PHE B 327 42.80 -11.00 -19.25
C PHE B 327 44.29 -10.97 -18.94
N ALA B 328 44.71 -10.34 -17.85
CA ALA B 328 46.15 -10.33 -17.46
C ALA B 328 46.51 -11.65 -16.80
N ASP B 329 45.61 -12.20 -15.97
CA ASP B 329 45.81 -13.51 -15.32
C ASP B 329 44.46 -14.09 -14.90
N PRO B 330 43.96 -15.09 -15.63
CA PRO B 330 42.66 -15.71 -15.33
C PRO B 330 42.68 -16.40 -13.97
N TYR B 331 43.88 -16.66 -13.40
CA TYR B 331 44.03 -17.39 -12.12
C TYR B 331 44.44 -16.44 -10.98
N ARG B 332 44.27 -15.13 -11.14
CA ARG B 332 44.74 -14.16 -10.12
C ARG B 332 44.04 -14.36 -8.77
N ARG B 333 42.82 -14.90 -8.72
CA ARG B 333 42.12 -15.21 -7.43
C ARG B 333 42.16 -16.70 -7.12
N LEU B 334 42.94 -17.50 -7.89
CA LEU B 334 42.89 -18.97 -7.78
C LEU B 334 44.26 -19.55 -7.41
N GLY B 335 45.20 -18.70 -7.01
CA GLY B 335 46.53 -19.13 -6.53
C GLY B 335 47.34 -19.75 -7.66
N LYS B 336 48.30 -20.61 -7.31
CA LYS B 336 49.26 -21.26 -8.25
C LYS B 336 48.83 -22.70 -8.53
N PRO B 337 49.26 -23.27 -9.69
CA PRO B 337 48.80 -24.59 -10.16
C PRO B 337 49.12 -25.77 -9.22
N ASP B 338 50.14 -25.57 -8.38
CA ASP B 338 50.71 -26.61 -7.48
C ASP B 338 50.47 -26.19 -6.02
N ASP B 339 49.59 -25.22 -5.78
CA ASP B 339 49.27 -24.81 -4.39
C ASP B 339 48.69 -26.05 -3.74
N PRO B 340 49.02 -26.26 -2.45
CA PRO B 340 48.48 -27.41 -1.75
C PRO B 340 46.96 -27.29 -1.67
N PRO B 341 46.25 -28.43 -1.57
CA PRO B 341 44.81 -28.39 -1.31
C PRO B 341 44.62 -27.85 0.12
N PHE B 342 43.41 -27.43 0.48
CA PHE B 342 43.09 -26.95 1.85
C PHE B 342 41.62 -27.22 2.17
N ASP B 343 41.25 -27.08 3.44
CA ASP B 343 39.84 -27.25 3.87
C ASP B 343 39.18 -25.87 3.72
N THR B 344 38.27 -25.73 2.76
CA THR B 344 37.60 -24.42 2.48
C THR B 344 36.98 -23.92 3.78
N ASN B 345 36.42 -24.81 4.58
CA ASN B 345 35.63 -24.43 5.76
C ASN B 345 36.46 -24.52 7.04
N ALA B 346 37.78 -24.52 6.93
CA ALA B 346 38.63 -24.49 8.14
C ALA B 346 38.26 -23.29 9.01
N GLU B 347 38.25 -23.51 10.33
CA GLU B 347 38.15 -22.42 11.33
C GLU B 347 39.18 -21.34 11.05
N SER B 348 40.41 -21.71 10.69
CA SER B 348 41.50 -20.75 10.48
C SER B 348 41.20 -19.78 9.35
N ARG B 349 40.18 -20.04 8.51
CA ARG B 349 39.90 -19.13 7.36
C ARG B 349 38.72 -18.20 7.72
N LEU B 350 38.17 -18.35 8.92
CA LEU B 350 37.08 -17.44 9.37
C LEU B 350 37.64 -16.14 9.96
N HIS B 351 36.76 -15.19 10.16
CA HIS B 351 37.06 -13.82 10.65
C HIS B 351 36.16 -13.51 11.84
N ARG B 352 36.29 -14.30 12.90
CA ARG B 352 35.36 -14.17 14.05
C ARG B 352 35.57 -12.86 14.79
N GLN B 353 36.81 -12.37 14.94
CA GLN B 353 36.99 -11.06 15.62
C GLN B 353 36.15 -10.00 14.91
N ALA B 354 36.24 -9.92 13.58
CA ALA B 354 35.58 -8.84 12.85
C ALA B 354 34.06 -9.05 12.96
N ALA B 355 33.60 -10.28 12.86
CA ALA B 355 32.13 -10.53 12.91
C ALA B 355 31.59 -10.10 14.27
N ARG B 356 32.30 -10.40 15.35
CA ARG B 356 31.84 -10.05 16.72
C ARG B 356 31.83 -8.54 16.88
N GLU B 357 32.90 -7.86 16.48
CA GLU B 357 32.99 -6.38 16.64
C GLU B 357 31.89 -5.70 15.81
N VAL B 358 31.71 -6.14 14.58
CA VAL B 358 30.66 -5.55 13.71
C VAL B 358 29.27 -5.80 14.31
N ALA B 359 29.02 -7.02 14.77
CA ALA B 359 27.66 -7.41 15.21
C ALA B 359 27.28 -6.61 16.47
N ARG B 360 28.26 -6.22 17.28
CA ARG B 360 27.91 -5.42 18.47
C ARG B 360 27.22 -4.11 18.10
N GLU B 361 27.58 -3.49 16.97
CA GLU B 361 27.29 -2.09 16.66
C GLU B 361 25.85 -1.93 16.19
N GLY B 362 25.25 -3.02 15.72
CA GLY B 362 23.89 -2.92 15.13
C GLY B 362 22.80 -3.30 16.11
N LEU B 363 23.16 -3.76 17.31
CA LEU B 363 22.12 -4.18 18.26
C LEU B 363 21.41 -2.96 18.84
N VAL B 364 20.09 -3.00 18.91
CA VAL B 364 19.29 -1.81 19.25
C VAL B 364 18.54 -2.07 20.54
N LEU B 365 18.84 -1.28 21.55
CA LEU B 365 18.12 -1.37 22.83
C LEU B 365 16.81 -0.59 22.69
N LEU B 366 15.69 -1.30 22.74
CA LEU B 366 14.36 -0.69 22.52
C LEU B 366 13.67 -0.33 23.84
N LYS B 367 13.97 -1.04 24.91
CA LYS B 367 13.34 -0.79 26.21
C LYS B 367 14.31 -1.25 27.29
N ASN B 368 14.38 -0.49 28.38
CA ASN B 368 15.20 -0.91 29.53
C ASN B 368 14.67 -0.24 30.79
N ARG B 369 13.71 -0.90 31.42
CA ARG B 369 12.99 -0.36 32.60
C ARG B 369 13.91 -0.44 33.82
N ASP B 370 14.10 0.70 34.49
CA ASP B 370 14.75 0.79 35.82
C ASP B 370 16.15 0.19 35.75
N GLY B 371 16.84 0.32 34.62
CA GLY B 371 18.22 -0.17 34.51
C GLY B 371 18.37 -1.66 34.76
N LEU B 372 17.43 -2.50 34.36
CA LEU B 372 17.63 -3.97 34.41
C LEU B 372 18.87 -4.38 33.60
N LEU B 373 19.04 -3.84 32.39
CA LEU B 373 20.29 -4.05 31.63
C LEU B 373 21.23 -2.91 31.99
N PRO B 374 22.56 -3.15 32.03
CA PRO B 374 23.16 -4.44 31.73
C PRO B 374 23.04 -5.40 32.92
N LEU B 375 22.96 -6.68 32.61
CA LEU B 375 22.94 -7.75 33.64
C LEU B 375 24.31 -7.83 34.32
N LYS B 376 24.31 -8.17 35.61
CA LYS B 376 25.57 -8.62 36.26
C LYS B 376 25.77 -10.09 35.95
N LYS B 377 27.04 -10.52 35.86
CA LYS B 377 27.43 -11.92 35.71
C LYS B 377 27.32 -12.56 37.08
N GLN B 378 26.11 -12.92 37.46
CA GLN B 378 25.84 -13.56 38.77
C GLN B 378 24.43 -14.14 38.74
N GLY B 379 24.15 -15.00 39.70
CA GLY B 379 22.80 -15.53 39.93
C GLY B 379 22.42 -16.59 38.92
N ARG B 380 21.12 -16.76 38.74
CA ARG B 380 20.52 -17.83 37.92
C ARG B 380 19.70 -17.16 36.83
N ILE B 381 20.06 -17.44 35.60
CA ILE B 381 19.45 -16.77 34.41
C ILE B 381 18.75 -17.87 33.62
N ALA B 382 17.43 -17.79 33.45
CA ALA B 382 16.68 -18.72 32.59
C ALA B 382 16.82 -18.22 31.16
N VAL B 383 17.23 -19.10 30.28
CA VAL B 383 17.36 -18.78 28.82
C VAL B 383 16.33 -19.63 28.11
N ILE B 384 15.30 -18.95 27.58
CA ILE B 384 14.10 -19.67 27.13
C ILE B 384 13.73 -19.17 25.72
N GLY B 385 13.35 -20.10 24.86
CA GLY B 385 12.72 -19.78 23.58
C GLY B 385 13.34 -20.51 22.43
N PRO B 386 12.62 -20.59 21.30
CA PRO B 386 13.06 -21.42 20.18
C PRO B 386 14.28 -20.87 19.44
N LEU B 387 14.61 -19.61 19.64
CA LEU B 387 15.77 -19.02 18.94
CA LEU B 387 15.79 -19.05 18.94
C LEU B 387 17.02 -19.06 19.84
N ALA B 388 16.89 -19.47 21.10
CA ALA B 388 18.06 -19.39 22.00
C ALA B 388 19.21 -20.30 21.52
N LYS B 389 18.92 -21.51 21.05
CA LYS B 389 19.95 -22.46 20.58
C LYS B 389 19.94 -22.65 19.07
N SER B 390 19.42 -21.69 18.32
CA SER B 390 19.33 -21.81 16.85
C SER B 390 20.58 -21.28 16.16
N GLN B 391 21.37 -22.18 15.59
CA GLN B 391 22.50 -21.78 14.76
C GLN B 391 22.00 -21.36 13.38
N ARG B 392 20.99 -22.04 12.84
CA ARG B 392 20.57 -21.75 11.44
C ARG B 392 19.98 -20.34 11.42
N ASP B 393 19.27 -19.92 12.47
CA ASP B 393 18.58 -18.61 12.36
C ASP B 393 19.53 -17.43 12.63
N VAL B 394 20.53 -17.60 13.48
CA VAL B 394 21.39 -16.44 13.85
C VAL B 394 22.16 -16.00 12.61
N ILE B 395 22.42 -16.87 11.62
CA ILE B 395 23.17 -16.38 10.42
C ILE B 395 22.25 -15.70 9.41
N GLY B 396 20.94 -15.80 9.57
CA GLY B 396 20.00 -15.02 8.74
C GLY B 396 19.72 -15.66 7.40
N SER B 397 18.85 -15.02 6.62
CA SER B 397 18.67 -15.33 5.20
C SER B 397 19.88 -14.81 4.40
N TRP B 398 20.01 -15.31 3.17
CA TRP B 398 21.12 -14.98 2.24
C TRP B 398 22.45 -15.13 2.99
N SER B 399 22.64 -16.29 3.57
CA SER B 399 23.83 -16.57 4.41
C SER B 399 24.95 -17.17 3.57
N ALA B 400 24.86 -17.18 2.25
CA ALA B 400 25.98 -17.50 1.36
C ALA B 400 26.57 -18.84 1.75
N ALA B 401 27.90 -18.90 1.97
CA ALA B 401 28.56 -20.19 2.28
C ALA B 401 28.71 -20.35 3.81
N GLY B 402 27.99 -19.57 4.60
CA GLY B 402 27.99 -19.70 6.06
C GLY B 402 27.59 -21.10 6.49
N VAL B 403 28.26 -21.61 7.52
CA VAL B 403 28.01 -22.97 8.03
C VAL B 403 27.32 -22.83 9.37
N PRO B 404 26.03 -23.23 9.51
CA PRO B 404 25.37 -23.05 10.80
C PRO B 404 26.15 -23.63 12.00
N ARG B 405 26.76 -24.78 11.80
CA ARG B 405 27.47 -25.42 12.96
C ARG B 405 28.65 -24.55 13.43
N GLN B 406 29.10 -23.56 12.67
CA GLN B 406 30.21 -22.67 13.08
C GLN B 406 29.66 -21.47 13.85
N ALA B 407 28.33 -21.29 13.92
CA ALA B 407 27.74 -20.08 14.49
C ALA B 407 27.60 -20.17 16.02
N VAL B 408 27.73 -19.03 16.67
CA VAL B 408 27.53 -18.91 18.12
C VAL B 408 26.07 -18.53 18.41
N THR B 409 25.34 -19.42 19.04
CA THR B 409 23.97 -19.15 19.44
C THR B 409 23.91 -18.17 20.60
N VAL B 410 22.74 -17.59 20.81
CA VAL B 410 22.54 -16.70 21.95
C VAL B 410 22.84 -17.47 23.22
N TYR B 411 22.36 -18.70 23.35
CA TYR B 411 22.63 -19.51 24.57
C TYR B 411 24.15 -19.63 24.76
N GLN B 412 24.87 -20.00 23.70
CA GLN B 412 26.32 -20.29 23.82
C GLN B 412 27.03 -18.97 24.14
N GLY B 413 26.60 -17.85 23.56
CA GLY B 413 27.22 -16.55 23.85
C GLY B 413 27.06 -16.21 25.32
N LEU B 414 25.89 -16.48 25.89
CA LEU B 414 25.69 -16.19 27.32
C LEU B 414 26.60 -17.12 28.12
N ALA B 415 26.67 -18.40 27.76
CA ALA B 415 27.53 -19.41 28.45
C ALA B 415 28.98 -18.94 28.44
N ASN B 416 29.46 -18.46 27.30
CA ASN B 416 30.85 -17.96 27.14
C ASN B 416 31.09 -16.76 28.06
N ALA B 417 30.11 -15.87 28.16
CA ALA B 417 30.25 -14.57 28.86
C ALA B 417 30.32 -14.84 30.37
N VAL B 418 29.49 -15.74 30.89
CA VAL B 418 29.30 -15.87 32.37
C VAL B 418 30.30 -16.90 32.90
N GLY B 419 30.81 -17.80 32.05
CA GLY B 419 31.68 -18.90 32.48
C GLY B 419 31.03 -19.58 33.67
N GLU B 420 31.65 -19.57 34.85
CA GLU B 420 31.00 -20.19 36.02
C GLU B 420 30.43 -19.14 36.96
N ARG B 421 30.47 -17.85 36.60
CA ARG B 421 30.02 -16.71 37.47
C ARG B 421 28.50 -16.69 37.68
N ALA B 422 27.75 -17.23 36.72
CA ALA B 422 26.27 -17.35 36.81
C ALA B 422 25.88 -18.72 36.28
N THR B 423 24.68 -19.15 36.65
CA THR B 423 24.09 -20.43 36.20
C THR B 423 23.03 -20.13 35.13
N LEU B 424 23.15 -20.73 33.98
CA LEU B 424 22.08 -20.63 32.94
C LEU B 424 21.16 -21.84 33.03
N LEU B 425 19.86 -21.61 32.96
CA LEU B 425 18.89 -22.71 32.87
C LEU B 425 18.17 -22.60 31.55
N TYR B 426 18.17 -23.66 30.78
CA TYR B 426 17.61 -23.65 29.41
C TYR B 426 16.25 -24.36 29.37
N ALA B 427 15.30 -23.78 28.62
CA ALA B 427 14.11 -24.52 28.15
C ALA B 427 13.71 -23.98 26.78
N LYS B 428 13.45 -24.84 25.83
CA LYS B 428 13.00 -24.34 24.50
C LYS B 428 11.73 -23.48 24.60
N GLY B 429 10.74 -23.91 25.40
CA GLY B 429 9.57 -23.08 25.70
C GLY B 429 8.47 -23.20 24.66
N ALA B 430 8.81 -23.15 23.36
CA ALA B 430 7.82 -23.25 22.26
C ALA B 430 8.57 -23.58 21.00
N ASN B 431 7.90 -24.15 20.03
CA ASN B 431 8.44 -24.17 18.65
C ASN B 431 8.31 -22.76 18.03
N VAL B 432 9.05 -22.53 16.95
CA VAL B 432 9.08 -21.21 16.26
CA VAL B 432 9.07 -21.17 16.31
C VAL B 432 7.65 -20.84 15.84
N SER B 433 6.88 -21.85 15.44
CA SER B 433 5.47 -21.67 15.06
C SER B 433 4.66 -22.83 15.63
N GLY B 434 3.42 -22.52 15.99
CA GLY B 434 2.42 -23.53 16.36
C GLY B 434 1.65 -24.07 15.15
N ASP B 435 1.81 -23.47 13.98
CA ASP B 435 0.99 -23.76 12.78
C ASP B 435 1.73 -24.76 11.93
N GLN B 436 1.20 -26.00 11.78
CA GLN B 436 1.96 -27.06 11.09
C GLN B 436 2.14 -26.69 9.61
N ALA B 437 1.22 -25.93 9.03
CA ALA B 437 1.33 -25.52 7.60
C ALA B 437 2.54 -24.58 7.44
N ILE B 438 2.75 -23.70 8.40
CA ILE B 438 3.95 -22.80 8.39
C ILE B 438 5.22 -23.61 8.62
N LEU B 439 5.22 -24.56 9.56
CA LEU B 439 6.42 -25.37 9.78
C LEU B 439 6.73 -26.17 8.52
N ASP B 440 5.70 -26.72 7.84
CA ASP B 440 5.94 -27.48 6.59
C ASP B 440 6.50 -26.57 5.49
N TYR B 441 6.01 -25.34 5.41
CA TYR B 441 6.57 -24.35 4.46
C TYR B 441 8.05 -24.13 4.77
N LEU B 442 8.39 -23.86 6.03
CA LEU B 442 9.79 -23.51 6.40
C LEU B 442 10.75 -24.68 6.16
N ASN B 443 10.24 -25.92 6.29
CA ASN B 443 11.03 -27.15 6.12
C ASN B 443 10.79 -27.75 4.73
N SER B 444 10.15 -27.03 3.79
CA SER B 444 9.69 -27.64 2.50
C SER B 444 10.85 -28.09 1.61
N TYR B 445 12.01 -27.44 1.67
CA TYR B 445 13.16 -27.79 0.80
C TYR B 445 14.26 -28.46 1.64
N ASN B 446 14.56 -27.88 2.79
CA ASN B 446 15.63 -28.34 3.70
C ASN B 446 15.12 -28.27 5.13
N PRO B 447 15.70 -29.06 6.05
CA PRO B 447 15.31 -28.99 7.45
C PRO B 447 15.89 -27.70 8.03
N GLU B 448 15.10 -26.63 8.13
CA GLU B 448 15.61 -25.32 8.57
CA GLU B 448 15.62 -25.31 8.57
C GLU B 448 15.16 -25.01 10.00
N VAL B 449 14.10 -25.66 10.45
CA VAL B 449 13.48 -25.41 11.77
C VAL B 449 13.33 -26.76 12.49
N GLU B 450 13.90 -26.85 13.69
CA GLU B 450 13.80 -28.05 14.56
C GLU B 450 12.43 -28.03 15.21
N VAL B 451 11.62 -29.03 14.92
CA VAL B 451 10.28 -29.11 15.53
C VAL B 451 10.41 -30.06 16.71
N ASP B 452 10.34 -29.49 17.90
CA ASP B 452 10.32 -30.28 19.15
C ASP B 452 9.07 -31.14 19.06
N PRO B 453 9.19 -32.47 19.25
CA PRO B 453 8.03 -33.35 19.15
C PRO B 453 7.07 -33.19 20.35
N ARG B 454 7.51 -32.54 21.44
CA ARG B 454 6.64 -32.37 22.63
C ARG B 454 5.46 -31.45 22.29
N SER B 455 4.37 -31.61 23.01
CA SER B 455 3.21 -30.73 22.89
C SER B 455 3.63 -29.31 23.31
N ALA B 456 2.93 -28.32 22.80
CA ALA B 456 3.10 -26.91 23.24
C ALA B 456 2.96 -26.83 24.76
N GLU B 457 1.97 -27.52 25.33
CA GLU B 457 1.69 -27.45 26.79
C GLU B 457 2.89 -28.01 27.60
N ALA B 458 3.48 -29.13 27.18
CA ALA B 458 4.63 -29.72 27.90
C ALA B 458 5.83 -28.75 27.86
N MET B 459 6.08 -28.15 26.70
CA MET B 459 7.19 -27.17 26.57
C MET B 459 6.93 -25.97 27.48
N LEU B 460 5.70 -25.50 27.56
CA LEU B 460 5.34 -24.35 28.40
C LEU B 460 5.51 -24.72 29.87
N GLU B 461 5.09 -25.92 30.30
CA GLU B 461 5.21 -26.29 31.73
C GLU B 461 6.70 -26.37 32.10
N GLU B 462 7.53 -26.91 31.21
CA GLU B 462 9.00 -26.98 31.45
C GLU B 462 9.55 -25.56 31.57
N ALA B 463 9.15 -24.66 30.69
CA ALA B 463 9.65 -23.27 30.71
C ALA B 463 9.21 -22.59 31.99
N LEU B 464 7.99 -22.82 32.47
CA LEU B 464 7.51 -22.16 33.71
C LEU B 464 8.30 -22.70 34.92
N ARG B 465 8.56 -23.99 34.94
CA ARG B 465 9.40 -24.54 36.05
C ARG B 465 10.79 -23.91 36.00
N THR B 466 11.35 -23.77 34.81
CA THR B 466 12.69 -23.17 34.61
C THR B 466 12.66 -21.73 35.09
N ALA B 467 11.65 -20.94 34.69
CA ALA B 467 11.58 -19.52 35.09
C ALA B 467 11.48 -19.40 36.61
N ARG B 468 10.67 -20.25 37.23
CA ARG B 468 10.48 -20.21 38.71
C ARG B 468 11.81 -20.49 39.43
N ASP B 469 12.70 -21.25 38.82
CA ASP B 469 14.00 -21.63 39.42
C ASP B 469 15.05 -20.56 39.15
N ALA B 470 14.70 -19.45 38.49
CA ALA B 470 15.71 -18.46 38.07
C ALA B 470 15.42 -17.13 38.73
N ASP B 471 16.41 -16.25 38.66
CA ASP B 471 16.31 -14.86 39.15
C ASP B 471 15.67 -13.99 38.05
N LEU B 472 15.87 -14.35 36.79
CA LEU B 472 15.34 -13.52 35.69
C LEU B 472 15.33 -14.37 34.45
N VAL B 473 14.58 -13.94 33.44
CA VAL B 473 14.34 -14.74 32.22
C VAL B 473 14.82 -13.91 31.03
N VAL B 474 15.69 -14.53 30.25
CA VAL B 474 16.09 -14.02 28.93
C VAL B 474 15.32 -14.88 27.93
N ALA B 475 14.31 -14.27 27.30
CA ALA B 475 13.46 -14.95 26.32
C ALA B 475 13.99 -14.61 24.93
N VAL B 476 14.39 -15.62 24.19
CA VAL B 476 15.02 -15.44 22.87
C VAL B 476 13.97 -15.88 21.86
N VAL B 477 13.36 -14.89 21.21
CA VAL B 477 12.09 -15.10 20.46
C VAL B 477 12.13 -14.27 19.18
N GLY B 478 11.20 -14.59 18.30
CA GLY B 478 11.02 -13.82 17.06
C GLY B 478 10.82 -14.72 15.88
N GLU B 479 11.40 -14.37 14.74
CA GLU B 479 11.24 -15.10 13.49
C GLU B 479 12.39 -16.06 13.26
N SER B 480 12.12 -17.17 12.57
CA SER B 480 13.15 -17.96 11.92
C SER B 480 13.55 -17.27 10.62
N GLN B 481 14.73 -17.54 10.10
CA GLN B 481 15.24 -16.75 8.98
C GLN B 481 14.43 -17.02 7.72
N GLY B 482 13.81 -18.18 7.59
CA GLY B 482 13.00 -18.47 6.40
C GLY B 482 11.69 -17.71 6.43
N MET B 483 11.36 -17.03 7.52
CA MET B 483 10.19 -16.11 7.56
C MET B 483 10.54 -14.75 6.95
N ALA B 484 11.81 -14.42 6.79
CA ALA B 484 12.26 -13.10 6.29
C ALA B 484 13.27 -13.31 5.19
N HIS B 485 12.78 -13.91 4.10
CA HIS B 485 13.63 -14.35 3.00
C HIS B 485 12.89 -14.11 1.68
N GLU B 486 13.53 -14.40 0.57
CA GLU B 486 12.83 -14.27 -0.72
C GLU B 486 11.49 -15.01 -0.66
N ALA B 487 10.46 -14.36 -1.20
CA ALA B 487 9.09 -14.90 -1.32
C ALA B 487 8.38 -15.14 0.02
N SER B 488 8.97 -14.88 1.18
CA SER B 488 8.31 -15.13 2.50
CA SER B 488 8.29 -15.14 2.47
C SER B 488 7.65 -13.85 3.00
N SER B 489 6.66 -13.34 2.29
CA SER B 489 5.92 -12.15 2.75
C SER B 489 4.96 -12.59 3.88
N ARG B 490 4.80 -11.70 4.83
CA ARG B 490 3.99 -11.96 6.05
C ARG B 490 2.77 -11.05 6.07
N THR B 491 1.63 -11.60 6.48
CA THR B 491 0.39 -10.84 6.72
C THR B 491 0.27 -10.37 8.18
N ASP B 492 1.17 -10.79 9.05
CA ASP B 492 1.13 -10.55 10.51
C ASP B 492 2.55 -10.17 10.87
N LEU B 493 2.76 -9.06 11.54
CA LEU B 493 4.12 -8.62 11.92
C LEU B 493 4.41 -8.94 13.38
N ARG B 494 3.54 -9.66 14.06
CA ARG B 494 3.83 -10.01 15.46
C ARG B 494 4.86 -11.13 15.57
N ILE B 495 5.43 -11.23 16.76
CA ILE B 495 6.09 -12.52 17.13
C ILE B 495 5.10 -13.64 16.88
N PRO B 496 5.53 -14.80 16.36
CA PRO B 496 4.61 -15.91 16.15
C PRO B 496 3.82 -16.29 17.40
N ALA B 497 2.58 -16.72 17.18
CA ALA B 497 1.60 -16.96 18.25
C ALA B 497 2.11 -17.97 19.31
N SER B 498 2.80 -19.02 18.89
CA SER B 498 3.32 -20.05 19.83
C SER B 498 4.25 -19.36 20.82
N GLN B 499 5.06 -18.44 20.32
CA GLN B 499 6.01 -17.70 21.16
C GLN B 499 5.33 -16.63 21.98
N ARG B 500 4.27 -15.97 21.49
CA ARG B 500 3.56 -14.98 22.32
C ARG B 500 2.83 -15.66 23.47
N ARG B 501 2.37 -16.88 23.26
CA ARG B 501 1.73 -17.66 24.37
C ARG B 501 2.79 -17.92 25.44
N LEU B 502 3.99 -18.29 25.02
CA LEU B 502 5.16 -18.48 25.93
C LEU B 502 5.44 -17.18 26.69
N LEU B 503 5.52 -16.04 25.98
CA LEU B 503 5.86 -14.77 26.62
C LEU B 503 4.80 -14.44 27.67
N LYS B 504 3.53 -14.60 27.36
CA LYS B 504 2.48 -14.22 28.32
C LYS B 504 2.57 -15.11 29.56
N ALA B 505 2.87 -16.39 29.39
CA ALA B 505 3.01 -17.31 30.54
C ALA B 505 4.25 -16.89 31.35
N LEU B 506 5.34 -16.53 30.69
CA LEU B 506 6.57 -16.10 31.40
C LEU B 506 6.29 -14.80 32.17
N LYS B 507 5.55 -13.85 31.58
CA LYS B 507 5.26 -12.59 32.27
C LYS B 507 4.54 -12.92 33.58
N ALA B 508 3.62 -13.89 33.53
CA ALA B 508 2.68 -14.18 34.66
C ALA B 508 3.46 -14.80 35.84
N THR B 509 4.71 -15.21 35.64
CA THR B 509 5.56 -15.72 36.75
C THR B 509 6.03 -14.59 37.67
N GLY B 510 6.00 -13.35 37.19
CA GLY B 510 6.55 -12.17 37.87
C GLY B 510 8.07 -12.05 37.78
N LYS B 511 8.79 -12.97 37.16
CA LYS B 511 10.27 -12.85 37.02
C LYS B 511 10.56 -11.70 36.06
N PRO B 512 11.60 -10.88 36.31
CA PRO B 512 12.03 -9.89 35.33
C PRO B 512 12.22 -10.55 33.95
N LEU B 513 11.71 -9.90 32.90
CA LEU B 513 11.67 -10.52 31.56
C LEU B 513 12.45 -9.66 30.57
N VAL B 514 13.56 -10.19 30.07
CA VAL B 514 14.39 -9.55 29.02
C VAL B 514 14.08 -10.25 27.71
N LEU B 515 13.63 -9.50 26.70
CA LEU B 515 13.42 -10.11 25.36
C LEU B 515 14.63 -9.83 24.48
N VAL B 516 15.17 -10.88 23.94
CA VAL B 516 16.19 -10.88 22.87
C VAL B 516 15.47 -11.26 21.57
N LEU B 517 15.30 -10.27 20.70
CA LEU B 517 14.48 -10.47 19.48
C LEU B 517 15.40 -10.82 18.32
N MET B 518 15.03 -11.85 17.58
CA MET B 518 15.66 -12.15 16.28
C MET B 518 14.57 -12.01 15.25
N ASN B 519 14.90 -11.37 14.14
CA ASN B 519 13.89 -11.03 13.14
C ASN B 519 14.58 -10.40 11.96
N GLY B 520 13.95 -10.46 10.78
CA GLY B 520 14.51 -9.89 9.55
C GLY B 520 13.72 -8.71 9.03
N ARG B 521 12.78 -8.22 9.82
CA ARG B 521 11.87 -7.12 9.42
C ARG B 521 11.40 -6.47 10.69
N PRO B 522 10.89 -5.24 10.60
CA PRO B 522 10.18 -4.64 11.74
C PRO B 522 9.11 -5.59 12.24
N LEU B 523 8.94 -5.67 13.57
CA LEU B 523 7.86 -6.43 14.18
C LEU B 523 6.91 -5.51 14.91
N SER B 524 5.69 -5.99 15.10
CA SER B 524 4.62 -5.30 15.87
CA SER B 524 4.62 -5.31 15.87
C SER B 524 4.79 -5.76 17.33
N LEU B 525 5.16 -4.83 18.21
CA LEU B 525 5.66 -5.17 19.58
C LEU B 525 4.88 -4.43 20.65
N GLY B 526 3.62 -4.12 20.39
CA GLY B 526 2.80 -3.39 21.38
C GLY B 526 2.77 -4.11 22.75
N TRP B 527 2.45 -5.40 22.78
CA TRP B 527 2.32 -6.15 24.07
C TRP B 527 3.69 -6.17 24.74
N GLU B 528 4.72 -6.41 23.96
CA GLU B 528 6.10 -6.52 24.49
C GLU B 528 6.54 -5.19 25.09
N GLN B 529 6.28 -4.05 24.42
CA GLN B 529 6.71 -2.73 24.90
C GLN B 529 6.01 -2.45 26.24
N GLU B 530 4.79 -2.93 26.41
CA GLU B 530 4.01 -2.74 27.66
C GLU B 530 4.50 -3.66 28.77
N ASN B 531 4.89 -4.90 28.45
CA ASN B 531 5.03 -5.96 29.49
C ASN B 531 6.48 -6.37 29.73
N ALA B 532 7.34 -6.39 28.71
CA ALA B 532 8.73 -6.84 28.96
C ALA B 532 9.44 -5.80 29.83
N ASP B 533 10.43 -6.22 30.57
CA ASP B 533 11.24 -5.27 31.37
C ASP B 533 12.34 -4.68 30.50
N ALA B 534 12.86 -5.44 29.56
CA ALA B 534 13.87 -4.88 28.63
C ALA B 534 13.72 -5.62 27.31
N ILE B 535 14.09 -4.91 26.23
CA ILE B 535 13.95 -5.46 24.86
C ILE B 535 15.22 -5.09 24.09
N LEU B 536 15.88 -6.09 23.56
CA LEU B 536 17.05 -5.88 22.68
C LEU B 536 16.71 -6.44 21.32
N GLU B 537 16.79 -5.58 20.31
CA GLU B 537 16.65 -6.02 18.91
C GLU B 537 18.00 -6.51 18.39
N THR B 538 18.08 -7.75 17.94
CA THR B 538 19.38 -8.33 17.50
C THR B 538 19.32 -8.72 16.03
N TRP B 539 18.17 -8.52 15.38
CA TRP B 539 18.09 -8.82 13.92
C TRP B 539 18.42 -10.29 13.73
N PHE B 540 19.23 -10.64 12.73
CA PHE B 540 19.98 -11.92 12.68
C PHE B 540 21.44 -11.47 12.69
N SER B 541 22.15 -11.72 13.77
CA SER B 541 23.45 -11.05 14.04
CA SER B 541 23.44 -11.06 14.07
C SER B 541 24.67 -11.84 13.53
N GLY B 542 24.49 -13.00 12.91
CA GLY B 542 25.56 -13.64 12.16
C GLY B 542 26.34 -14.68 12.96
N THR B 543 27.47 -15.08 12.42
CA THR B 543 28.28 -16.21 12.92
C THR B 543 28.74 -15.96 14.37
N GLU B 544 29.03 -14.73 14.73
CA GLU B 544 29.40 -14.40 16.13
C GLU B 544 28.26 -13.74 16.85
N GLY B 545 27.03 -13.88 16.33
CA GLY B 545 25.91 -13.10 16.91
C GLY B 545 25.77 -13.32 18.40
N GLY B 546 25.78 -14.56 18.86
CA GLY B 546 25.56 -14.85 20.28
C GLY B 546 26.60 -14.20 21.17
N ASN B 547 27.84 -14.06 20.68
CA ASN B 547 28.89 -13.40 21.51
C ASN B 547 28.68 -11.90 21.53
N ALA B 548 28.30 -11.30 20.41
CA ALA B 548 28.02 -9.85 20.37
C ALA B 548 26.81 -9.49 21.24
N ILE B 549 25.79 -10.34 21.22
CA ILE B 549 24.56 -10.14 22.01
C ILE B 549 24.92 -10.22 23.52
N ALA B 550 25.70 -11.22 23.91
CA ALA B 550 26.14 -11.35 25.34
C ALA B 550 26.98 -10.12 25.70
N ASP B 551 27.83 -9.64 24.80
CA ASP B 551 28.65 -8.42 25.04
C ASP B 551 27.75 -7.26 25.44
N VAL B 552 26.62 -7.06 24.76
CA VAL B 552 25.70 -5.95 25.07
C VAL B 552 24.96 -6.27 26.37
N LEU B 553 24.46 -7.49 26.53
CA LEU B 553 23.60 -7.83 27.68
C LEU B 553 24.38 -7.72 29.00
N PHE B 554 25.67 -7.95 28.98
CA PHE B 554 26.51 -7.86 30.20
C PHE B 554 27.30 -6.54 30.25
N GLY B 555 27.07 -5.64 29.31
CA GLY B 555 27.59 -4.27 29.38
C GLY B 555 29.04 -4.14 28.98
N GLU B 556 29.62 -5.13 28.33
CA GLU B 556 30.96 -5.00 27.72
C GLU B 556 30.85 -3.96 26.59
N HIS B 557 29.71 -3.93 25.90
CA HIS B 557 29.46 -2.95 24.82
C HIS B 557 28.19 -2.23 25.23
N ASN B 558 28.23 -0.93 25.25
CA ASN B 558 27.01 -0.13 25.55
C ASN B 558 26.20 -0.02 24.26
N PRO B 559 24.95 -0.52 24.21
CA PRO B 559 24.21 -0.48 22.95
C PRO B 559 24.20 0.89 22.32
N SER B 560 24.47 0.91 21.00
CA SER B 560 24.57 2.15 20.22
C SER B 560 23.79 2.03 18.90
N GLY B 561 23.13 0.89 18.67
CA GLY B 561 22.32 0.78 17.43
C GLY B 561 21.08 1.64 17.47
N LYS B 562 20.67 2.12 16.31
CA LYS B 562 19.45 2.91 16.14
C LYS B 562 18.72 2.40 14.89
N LEU B 563 17.40 2.37 14.99
CA LEU B 563 16.58 1.83 13.89
C LEU B 563 16.78 2.64 12.62
N THR B 564 16.79 1.97 11.46
CA THR B 564 16.76 2.66 10.15
C THR B 564 15.43 2.37 9.41
N MET B 565 14.51 1.74 10.09
CA MET B 565 13.15 1.50 9.52
C MET B 565 12.18 1.60 10.68
N SER B 566 11.10 2.31 10.44
CA SER B 566 10.04 2.57 11.44
C SER B 566 9.39 1.25 11.83
N PHE B 567 9.08 1.01 13.12
CA PHE B 567 8.38 -0.22 13.53
C PHE B 567 6.89 0.08 13.69
N PRO B 568 6.02 -0.44 12.79
CA PRO B 568 4.60 -0.14 12.85
C PRO B 568 4.01 -0.75 14.10
N ARG B 569 2.89 -0.17 14.57
CA ARG B 569 2.16 -0.79 15.69
C ARG B 569 1.47 -2.07 15.25
N SER B 570 1.07 -2.16 13.99
CA SER B 570 0.46 -3.39 13.45
C SER B 570 0.59 -3.36 11.93
N VAL B 571 0.31 -4.49 11.34
CA VAL B 571 0.41 -4.65 9.86
C VAL B 571 -0.65 -3.76 9.19
N GLY B 572 -1.74 -3.47 9.90
CA GLY B 572 -2.78 -2.64 9.31
C GLY B 572 -2.42 -1.19 9.18
N GLN B 573 -1.25 -0.75 9.69
CA GLN B 573 -0.77 0.63 9.51
C GLN B 573 0.18 0.75 8.31
N VAL B 574 0.53 -0.33 7.60
CA VAL B 574 1.58 -0.25 6.57
C VAL B 574 1.06 0.63 5.44
N PRO B 575 1.87 1.52 4.85
CA PRO B 575 3.24 1.82 5.26
C PRO B 575 3.30 2.92 6.32
N VAL B 576 4.30 2.79 7.19
CA VAL B 576 4.67 3.90 8.11
CA VAL B 576 4.69 3.82 8.18
C VAL B 576 6.16 4.14 7.92
N TYR B 577 6.48 5.39 7.72
CA TYR B 577 7.87 5.80 7.57
C TYR B 577 7.96 7.27 7.98
N TYR B 578 9.14 7.71 8.37
CA TYR B 578 9.29 9.01 9.07
C TYR B 578 9.20 10.19 8.09
N ASN B 579 9.61 10.03 6.85
CA ASN B 579 9.70 11.13 5.87
C ASN B 579 8.42 11.15 5.01
N HIS B 580 7.30 11.18 5.69
CA HIS B 580 5.98 11.24 5.05
C HIS B 580 5.58 12.69 4.82
N LEU B 581 4.50 12.88 4.09
CA LEU B 581 3.95 14.24 3.81
C LEU B 581 2.96 14.63 4.92
N ASN B 582 2.71 15.92 5.08
CA ASN B 582 1.93 16.39 6.23
C ASN B 582 0.45 16.07 6.02
N THR B 583 -0.03 16.11 4.80
CA THR B 583 -1.44 16.14 4.40
C THR B 583 -2.05 17.52 4.79
N GLY B 584 -3.29 17.75 4.34
CA GLY B 584 -4.02 18.98 4.68
C GLY B 584 -4.63 18.89 6.06
N ARG B 585 -4.62 17.72 6.68
CA ARG B 585 -5.32 17.48 7.98
C ARG B 585 -4.44 16.58 8.83
N PRO B 586 -3.24 17.02 9.17
CA PRO B 586 -2.32 16.22 9.97
C PRO B 586 -2.90 15.95 11.37
N MET B 587 -2.64 14.78 11.90
CA MET B 587 -3.04 14.51 13.30
C MET B 587 -1.95 15.06 14.20
N ASP B 588 -2.37 15.74 15.27
CA ASP B 588 -1.50 16.19 16.38
C ASP B 588 -1.53 15.16 17.54
N HIS B 589 -0.39 14.54 17.83
CA HIS B 589 -0.19 13.62 18.98
C HIS B 589 -0.64 14.27 20.30
N ASP B 590 -0.53 15.60 20.45
CA ASP B 590 -0.86 16.34 21.71
C ASP B 590 -2.33 16.82 21.75
N ASN B 591 -3.01 17.02 20.61
CA ASN B 591 -4.44 17.44 20.58
C ASN B 591 -5.10 16.78 19.37
N PRO B 592 -5.37 15.44 19.46
CA PRO B 592 -5.72 14.62 18.30
C PRO B 592 -7.19 14.56 17.82
N GLY B 593 -7.48 15.28 16.74
CA GLY B 593 -8.85 15.38 16.22
C GLY B 593 -9.29 14.13 15.49
N LYS B 594 -10.61 13.95 15.42
CA LYS B 594 -11.26 12.92 14.58
CA LYS B 594 -11.27 12.92 14.58
C LYS B 594 -10.96 13.20 13.10
N TYR B 595 -11.10 14.46 12.66
CA TYR B 595 -11.01 14.80 11.21
C TYR B 595 -9.57 15.07 10.84
N THR B 596 -8.76 14.05 11.01
CA THR B 596 -7.32 14.10 10.66
C THR B 596 -6.94 12.79 9.97
N SER B 597 -5.72 12.76 9.46
CA SER B 597 -5.23 11.60 8.74
C SER B 597 -4.69 10.60 9.75
N ARG B 598 -5.46 9.55 10.02
CA ARG B 598 -5.20 8.67 11.19
C ARG B 598 -6.07 7.42 11.09
N TYR B 599 -5.78 6.45 11.95
CA TYR B 599 -6.70 5.32 12.19
C TYR B 599 -7.47 5.60 13.47
N PHE B 600 -8.64 5.01 13.60
CA PHE B 600 -9.41 5.20 14.86
C PHE B 600 -9.26 4.02 15.82
N ASP B 601 -8.82 2.86 15.37
CA ASP B 601 -8.92 1.62 16.17
C ASP B 601 -7.58 1.17 16.74
N GLU B 602 -6.57 2.01 16.63
CA GLU B 602 -5.21 1.75 17.17
C GLU B 602 -4.57 3.10 17.42
N ALA B 603 -3.59 3.16 18.31
CA ALA B 603 -2.80 4.38 18.48
C ALA B 603 -2.04 4.67 17.19
N ASN B 604 -1.77 5.93 16.96
CA ASN B 604 -1.18 6.40 15.68
C ASN B 604 0.33 6.61 15.79
N GLY B 605 0.97 6.59 14.62
CA GLY B 605 2.43 6.70 14.53
C GLY B 605 3.07 5.34 14.79
N PRO B 606 4.36 5.23 14.46
CA PRO B 606 5.08 4.02 14.72
C PRO B 606 5.22 3.76 16.22
N LEU B 607 5.39 2.50 16.57
CA LEU B 607 5.72 2.16 17.97
C LEU B 607 7.12 2.69 18.26
N TYR B 608 8.04 2.47 17.33
CA TYR B 608 9.43 2.95 17.50
C TYR B 608 9.75 3.70 16.22
N PRO B 609 10.22 4.96 16.32
CA PRO B 609 10.44 5.76 15.11
C PRO B 609 11.82 5.55 14.53
N PHE B 610 11.97 6.03 13.31
CA PHE B 610 13.27 6.05 12.62
C PHE B 610 14.30 6.72 13.52
N GLY B 611 15.46 6.10 13.66
CA GLY B 611 16.59 6.71 14.41
C GLY B 611 16.49 6.41 15.90
N TYR B 612 15.51 5.64 16.37
CA TYR B 612 15.32 5.33 17.81
C TYR B 612 16.31 4.26 18.26
N GLY B 613 16.82 4.47 19.48
CA GLY B 613 17.59 3.43 20.15
C GLY B 613 18.17 3.96 21.45
N LEU B 614 18.14 3.14 22.47
CA LEU B 614 18.51 3.59 23.83
C LEU B 614 19.97 3.28 24.10
N SER B 615 20.43 3.77 25.25
CA SER B 615 21.81 3.56 25.78
C SER B 615 21.75 3.18 27.26
N TYR B 616 22.83 2.59 27.75
CA TYR B 616 23.03 2.44 29.21
C TYR B 616 23.53 3.73 29.86
N THR B 617 23.87 4.75 29.09
CA THR B 617 24.21 6.09 29.65
C THR B 617 23.18 7.10 29.17
N GLU B 618 23.33 8.34 29.63
CA GLU B 618 22.44 9.44 29.26
C GLU B 618 23.24 10.45 28.46
N PHE B 619 22.61 11.02 27.47
CA PHE B 619 23.22 12.07 26.65
C PHE B 619 22.37 13.33 26.72
N SER B 620 23.06 14.46 26.62
CA SER B 620 22.41 15.78 26.51
CA SER B 620 22.45 15.81 26.52
C SER B 620 22.91 16.49 25.24
N LEU B 621 22.01 17.25 24.63
CA LEU B 621 22.31 18.15 23.51
C LEU B 621 22.07 19.58 23.99
N SER B 622 23.01 20.45 23.68
CA SER B 622 22.83 21.91 23.88
C SER B 622 21.86 22.41 22.82
N PRO B 623 21.42 23.68 22.94
CA PRO B 623 20.61 24.31 21.89
C PRO B 623 21.30 24.29 20.53
N LEU B 624 20.51 24.03 19.50
CA LEU B 624 20.96 24.10 18.11
C LEU B 624 21.25 25.55 17.76
N ARG B 625 22.38 25.77 17.11
CA ARG B 625 22.80 27.12 16.66
C ARG B 625 23.16 27.05 15.18
N LEU B 626 22.60 27.93 14.37
CA LEU B 626 22.96 28.04 12.95
C LEU B 626 23.94 29.20 12.78
N SER B 627 24.85 29.08 11.85
CA SER B 627 25.90 30.10 11.57
C SER B 627 25.26 31.36 11.00
N SER B 628 24.07 31.30 10.41
CA SER B 628 23.37 32.53 9.95
C SER B 628 21.89 32.27 9.73
N GLU B 629 21.14 33.34 9.61
CA GLU B 629 19.67 33.26 9.39
C GLU B 629 19.40 33.26 7.89
N ARG B 630 20.38 33.62 7.07
CA ARG B 630 20.19 33.72 5.61
C ARG B 630 21.35 32.99 4.95
N LEU B 631 21.10 32.29 3.86
CA LEU B 631 22.12 31.52 3.13
C LEU B 631 22.14 32.02 1.69
N ALA B 632 23.26 32.59 1.27
CA ALA B 632 23.43 32.95 -0.15
C ALA B 632 23.69 31.68 -0.98
N ARG B 633 23.28 31.73 -2.24
CA ARG B 633 23.61 30.65 -3.21
C ARG B 633 25.12 30.45 -3.29
N GLY B 634 25.56 29.20 -3.27
CA GLY B 634 26.98 28.80 -3.32
C GLY B 634 27.69 28.91 -1.98
N ALA B 635 27.02 29.39 -0.93
CA ALA B 635 27.61 29.47 0.43
C ALA B 635 27.25 28.22 1.22
N THR B 636 27.90 28.06 2.36
CA THR B 636 27.70 26.94 3.30
C THR B 636 27.10 27.50 4.58
N LEU B 637 26.18 26.73 5.14
CA LEU B 637 25.56 26.96 6.45
C LEU B 637 26.16 25.94 7.39
N GLU B 638 26.47 26.35 8.63
CA GLU B 638 26.85 25.42 9.71
C GLU B 638 25.74 25.35 10.76
N ALA B 639 25.43 24.13 11.19
CA ALA B 639 24.51 23.83 12.28
C ALA B 639 25.34 23.18 13.36
N ARG B 640 25.33 23.77 14.54
CA ARG B 640 26.21 23.31 15.64
C ARG B 640 25.40 22.91 16.84
N VAL B 641 25.81 21.84 17.47
CA VAL B 641 25.23 21.39 18.74
CA VAL B 641 25.23 21.38 18.76
C VAL B 641 26.35 20.74 19.56
N THR B 642 26.27 20.86 20.89
CA THR B 642 27.23 20.16 21.77
C THR B 642 26.54 18.94 22.34
N LEU B 643 27.14 17.77 22.12
CA LEU B 643 26.70 16.52 22.77
C LEU B 643 27.55 16.23 23.99
N SER B 644 26.90 15.88 25.08
CA SER B 644 27.60 15.51 26.33
C SER B 644 27.13 14.15 26.80
N ASN B 645 28.04 13.37 27.37
CA ASN B 645 27.70 12.15 28.10
C ASN B 645 27.45 12.57 29.55
N SER B 646 26.19 12.61 29.93
CA SER B 646 25.74 13.12 31.24
C SER B 646 25.43 11.95 32.16
N GLY B 647 25.84 10.72 31.82
CA GLY B 647 25.63 9.52 32.64
C GLY B 647 26.93 8.94 33.18
N LYS B 648 26.89 7.67 33.53
CA LYS B 648 27.97 7.01 34.30
C LYS B 648 28.73 5.96 33.48
N ARG B 649 28.34 5.70 32.23
CA ARG B 649 29.06 4.68 31.42
C ARG B 649 29.48 5.32 30.10
N ALA B 650 30.63 4.90 29.58
CA ALA B 650 31.02 5.30 28.23
C ALA B 650 29.98 4.72 27.26
N GLY B 651 29.78 5.42 26.17
CA GLY B 651 28.92 4.88 25.11
C GLY B 651 28.83 5.82 23.94
N ALA B 652 28.23 5.31 22.87
CA ALA B 652 28.02 6.07 21.65
C ALA B 652 26.51 6.31 21.47
N THR B 653 26.26 7.38 20.76
CA THR B 653 24.92 7.67 20.21
C THR B 653 25.10 8.25 18.83
N VAL B 654 23.98 8.51 18.18
CA VAL B 654 24.01 9.03 16.80
C VAL B 654 23.25 10.33 16.79
N VAL B 655 23.93 11.44 16.53
CA VAL B 655 23.27 12.76 16.37
C VAL B 655 22.80 12.89 14.93
N GLN B 656 21.52 13.10 14.78
CA GLN B 656 20.88 13.11 13.45
C GLN B 656 20.43 14.50 13.06
N LEU B 657 20.66 14.91 11.82
CA LEU B 657 20.23 16.18 11.27
C LEU B 657 19.15 15.90 10.23
N TYR B 658 18.02 16.58 10.39
CA TYR B 658 16.89 16.52 9.47
C TYR B 658 16.63 17.90 8.92
N LEU B 659 16.13 17.96 7.70
CA LEU B 659 15.71 19.21 7.06
C LEU B 659 14.23 19.14 6.71
N GLN B 660 13.55 20.25 6.83
CA GLN B 660 12.20 20.38 6.26
C GLN B 660 12.19 21.61 5.35
N ASP B 661 11.51 21.52 4.21
CA ASP B 661 11.26 22.64 3.29
C ASP B 661 9.77 22.94 3.35
N PRO B 662 9.33 23.80 4.26
CA PRO B 662 7.90 23.87 4.58
C PRO B 662 7.01 24.55 3.55
N VAL B 663 7.58 25.24 2.56
CA VAL B 663 6.78 25.83 1.46
C VAL B 663 7.50 25.50 0.16
N ALA B 664 6.89 24.77 -0.73
CA ALA B 664 7.57 24.35 -1.95
C ALA B 664 6.58 24.14 -3.07
N SER B 665 7.07 23.94 -4.29
CA SER B 665 6.22 23.71 -5.49
CA SER B 665 6.14 23.74 -5.42
C SER B 665 5.65 22.28 -5.50
N LEU B 666 6.12 21.42 -4.62
CA LEU B 666 5.53 20.09 -4.30
C LEU B 666 5.37 20.06 -2.78
N SER B 667 4.48 19.23 -2.27
CA SER B 667 4.40 18.99 -0.81
C SER B 667 5.62 18.17 -0.40
N ARG B 668 6.49 18.72 0.45
CA ARG B 668 7.70 18.06 0.88
C ARG B 668 7.51 17.37 2.23
N PRO B 669 8.34 16.36 2.48
CA PRO B 669 8.26 15.60 3.73
C PRO B 669 8.37 16.48 4.96
N VAL B 670 7.74 16.00 6.04
CA VAL B 670 7.82 16.72 7.33
C VAL B 670 9.26 16.78 7.83
N LYS B 671 10.07 15.79 7.49
CA LYS B 671 11.54 15.91 7.68
C LYS B 671 12.22 14.89 6.80
N GLU B 672 13.48 15.17 6.52
CA GLU B 672 14.29 14.29 5.70
C GLU B 672 15.70 14.25 6.31
N LEU B 673 16.27 13.09 6.51
CA LEU B 673 17.65 12.97 7.07
C LEU B 673 18.64 13.59 6.08
N ARG B 674 19.52 14.44 6.58
CA ARG B 674 20.56 15.08 5.71
C ARG B 674 21.93 15.01 6.35
N GLY B 675 22.08 14.37 7.49
CA GLY B 675 23.42 14.14 8.04
C GLY B 675 23.32 13.43 9.34
N PHE B 676 24.43 12.89 9.78
CA PHE B 676 24.48 12.29 11.10
C PHE B 676 25.94 12.19 11.55
N ARG B 677 26.09 12.05 12.85
CA ARG B 677 27.44 11.83 13.46
C ARG B 677 27.26 10.80 14.55
N LYS B 678 27.99 9.73 14.43
CA LYS B 678 28.05 8.75 15.51
C LYS B 678 29.22 9.13 16.38
N VAL B 679 28.98 9.23 17.68
CA VAL B 679 29.95 9.83 18.61
C VAL B 679 30.03 8.94 19.82
N MET B 680 31.25 8.48 20.13
CA MET B 680 31.55 7.69 21.33
C MET B 680 32.12 8.63 22.40
N LEU B 681 31.52 8.65 23.58
CA LEU B 681 31.93 9.60 24.66
C LEU B 681 32.14 8.85 25.97
N GLU B 682 33.24 9.12 26.65
CA GLU B 682 33.35 8.69 28.06
C GLU B 682 32.45 9.60 28.90
N PRO B 683 32.10 9.18 30.13
CA PRO B 683 31.31 10.04 31.01
C PRO B 683 31.94 11.43 31.22
N GLY B 684 31.12 12.46 31.06
CA GLY B 684 31.52 13.87 31.18
C GLY B 684 32.18 14.43 29.96
N GLU B 685 32.50 13.64 28.94
CA GLU B 685 33.05 14.17 27.68
C GLU B 685 31.97 14.92 26.91
N SER B 686 32.42 15.89 26.11
CA SER B 686 31.56 16.73 25.25
C SER B 686 32.22 16.80 23.90
N ARG B 687 31.39 16.90 22.89
CA ARG B 687 31.85 17.05 21.50
C ARG B 687 30.97 18.13 20.91
N GLU B 688 31.61 19.14 20.36
CA GLU B 688 30.93 20.08 19.45
C GLU B 688 30.73 19.35 18.12
N ILE B 689 29.48 19.24 17.70
CA ILE B 689 29.16 18.62 16.39
C ILE B 689 28.82 19.73 15.45
N VAL B 690 29.46 19.70 14.28
CA VAL B 690 29.29 20.72 13.23
C VAL B 690 28.79 20.02 11.98
N PHE B 691 27.55 20.30 11.60
CA PHE B 691 27.02 19.90 10.29
C PHE B 691 27.20 21.05 9.32
N ARG B 692 27.57 20.74 8.10
CA ARG B 692 27.67 21.70 6.99
C ARG B 692 26.54 21.39 6.01
N LEU B 693 25.83 22.42 5.59
CA LEU B 693 24.75 22.34 4.59
C LEU B 693 25.03 23.35 3.48
N GLY B 694 24.81 22.93 2.25
CA GLY B 694 24.75 23.87 1.12
C GLY B 694 23.58 23.57 0.21
N GLU B 695 23.56 24.25 -0.93
CA GLU B 695 22.46 24.18 -1.91
C GLU B 695 22.17 22.71 -2.28
N ALA B 696 23.16 21.86 -2.44
CA ALA B 696 22.91 20.46 -2.88
C ALA B 696 22.02 19.72 -1.87
N ASP B 697 22.12 20.07 -0.59
CA ASP B 697 21.31 19.43 0.47
C ASP B 697 19.85 19.90 0.41
N LEU B 698 19.60 20.98 -0.32
CA LEU B 698 18.28 21.66 -0.26
C LEU B 698 17.44 21.41 -1.51
N LYS B 699 18.00 20.74 -2.53
CA LYS B 699 17.28 20.56 -3.81
C LYS B 699 16.27 19.42 -3.65
N PHE B 700 15.31 19.44 -4.51
CA PHE B 700 14.34 18.34 -4.68
C PHE B 700 13.85 18.29 -6.11
N TYR B 701 13.29 17.13 -6.48
CA TYR B 701 12.62 16.96 -7.79
C TYR B 701 11.21 17.50 -7.74
N ASP B 702 10.89 18.49 -8.60
CA ASP B 702 9.50 18.98 -8.69
C ASP B 702 8.68 18.11 -9.65
N SER B 703 7.45 18.52 -9.95
CA SER B 703 6.50 17.71 -10.77
C SER B 703 7.09 17.43 -12.17
N GLN B 704 7.93 18.33 -12.69
CA GLN B 704 8.58 18.16 -14.02
C GLN B 704 10.00 17.61 -13.88
N LEU B 705 10.38 17.11 -12.70
CA LEU B 705 11.73 16.59 -12.36
C LEU B 705 12.81 17.67 -12.49
N ARG B 706 12.45 18.97 -12.40
CA ARG B 706 13.50 19.98 -12.14
C ARG B 706 14.12 19.70 -10.80
N HIS B 707 15.45 19.71 -10.73
CA HIS B 707 16.19 19.35 -9.51
C HIS B 707 16.90 20.59 -9.03
N THR B 708 16.21 21.45 -8.28
CA THR B 708 16.78 22.72 -7.79
C THR B 708 16.33 22.92 -6.35
N ALA B 709 16.91 23.92 -5.74
CA ALA B 709 16.52 24.41 -4.41
C ALA B 709 15.79 25.72 -4.63
N GLU B 710 14.58 25.85 -4.08
CA GLU B 710 13.81 27.09 -4.17
C GLU B 710 14.14 27.99 -2.99
N PRO B 711 14.25 29.32 -3.23
CA PRO B 711 14.49 30.24 -2.13
C PRO B 711 13.32 30.12 -1.13
N GLY B 712 13.60 30.45 0.09
CA GLY B 712 12.62 30.44 1.19
C GLY B 712 13.12 29.72 2.41
N GLU B 713 12.21 29.46 3.33
CA GLU B 713 12.57 28.92 4.64
C GLU B 713 12.99 27.45 4.53
N PHE B 714 13.96 27.08 5.33
CA PHE B 714 14.30 25.67 5.65
C PHE B 714 14.34 25.56 7.14
N LYS B 715 13.80 24.46 7.66
CA LYS B 715 13.87 24.13 9.08
C LYS B 715 14.90 23.03 9.27
N VAL B 716 15.76 23.23 10.25
CA VAL B 716 16.86 22.31 10.61
C VAL B 716 16.52 21.70 11.94
N PHE B 717 16.50 20.38 12.01
CA PHE B 717 16.23 19.62 13.26
C PHE B 717 17.45 18.78 13.60
N VAL B 718 17.84 18.79 14.88
CA VAL B 718 18.90 17.88 15.38
C VAL B 718 18.35 17.18 16.59
N GLY B 719 18.63 15.90 16.67
CA GLY B 719 18.27 15.12 17.85
C GLY B 719 18.85 13.75 17.79
N LEU B 720 18.51 12.92 18.75
CA LEU B 720 19.04 11.54 18.85
C LEU B 720 18.03 10.53 18.28
N ASP B 721 16.94 11.00 17.68
CA ASP B 721 16.04 10.18 16.85
C ASP B 721 15.17 11.13 16.04
N SER B 722 14.32 10.61 15.17
CA SER B 722 13.52 11.45 14.29
C SER B 722 12.37 12.14 15.03
N ALA B 723 12.04 11.68 16.23
CA ALA B 723 10.84 12.15 16.93
C ALA B 723 11.17 13.22 17.98
N GLN B 724 12.36 13.18 18.57
CA GLN B 724 12.78 14.04 19.71
C GLN B 724 13.89 14.95 19.21
N THR B 725 13.51 16.05 18.58
CA THR B 725 14.49 16.98 17.97
C THR B 725 14.26 18.40 18.50
N GLU B 726 15.24 19.26 18.26
CA GLU B 726 15.10 20.73 18.38
C GLU B 726 15.36 21.35 17.03
N SER B 727 14.72 22.48 16.75
CA SER B 727 14.60 23.04 15.39
CA SER B 727 14.65 23.04 15.38
C SER B 727 14.98 24.53 15.37
N ARG B 728 15.62 24.95 14.29
CA ARG B 728 15.87 26.37 13.98
C ARG B 728 15.67 26.56 12.49
N SER B 729 15.34 27.75 12.05
CA SER B 729 15.12 28.03 10.61
C SER B 729 16.20 28.93 10.03
N PHE B 730 16.39 28.82 8.74
CA PHE B 730 17.15 29.83 7.96
C PHE B 730 16.41 30.05 6.66
N THR B 731 16.80 31.09 5.95
CA THR B 731 16.21 31.40 4.63
C THR B 731 17.28 31.26 3.56
N LEU B 732 17.00 30.50 2.52
CA LEU B 732 17.87 30.48 1.34
C LEU B 732 17.45 31.66 0.45
N LEU B 733 18.42 32.48 0.03
CA LEU B 733 18.16 33.67 -0.83
C LEU B 733 18.06 33.35 -2.34
#